data_2IBW
#
_entry.id   2IBW
#
_cell.length_a   76.143
_cell.length_b   107.577
_cell.length_c   101.954
_cell.angle_alpha   90.00
_cell.angle_beta   102.89
_cell.angle_gamma   90.00
#
_symmetry.space_group_name_H-M   'P 1 21 1'
#
loop_
_entity.id
_entity.type
_entity.pdbx_description
1 polymer 'Acetyl-CoA acetyltransferase'
2 non-polymer 'CHLORIDE ION'
3 non-polymer 'POTASSIUM ION'
4 non-polymer 'COENZYME A'
5 non-polymer '2-(N-MORPHOLINO)-ETHANESULFONIC ACID'
6 non-polymer GLYCEROL
7 water water
#
_entity_poly.entity_id   1
_entity_poly.type   'polypeptide(L)'
_entity_poly.pdbx_seq_one_letter_code
;MASKPTLKEVVIVSATRTPIGSFLGSLSLLPATKLGSIAIQGAIEKAGIPKEEVKEAYMGNVLQGGEGQAPTRQAVLGAG
LPISTPCTTINKV(CSO)ASGMKAIMMASQSLMCGHQDVMVAGGMESMSNVPYVMNRGSTPYGGVKLEDLIVKDGLTDVY
NKIHMGSCAENTAKKLNIARNEQDAYAINSYTRSKAAWEAGKFGNEVIPVTVTVKGQPDVVVKEDEEYKRVDFSKVPKLK
TVFQKENGTVTAANASTLNDGAAALVLMTADAAKRLNVTPLARIVAFADAAVEPIDFPIAPVYAASMVLKDVGLKKEDIA
MWEVNEAFSLVVLANIKMLEIDPQKVNINGGAVSLGHPIGMSGARIVGHLTHALKQGEYGLASICNGGGGASAMLIQKL
;
_entity_poly.pdbx_strand_id   A,B,C,D
#
loop_
_chem_comp.id
_chem_comp.type
_chem_comp.name
_chem_comp.formula
CL non-polymer 'CHLORIDE ION' 'Cl -1'
COA non-polymer 'COENZYME A' 'C21 H36 N7 O16 P3 S'
GOL non-polymer GLYCEROL 'C3 H8 O3'
K non-polymer 'POTASSIUM ION' 'K 1'
MES non-polymer '2-(N-MORPHOLINO)-ETHANESULFONIC ACID' 'C6 H13 N O4 S'
#
# COMPACT_ATOMS: atom_id res chain seq x y z
N PRO A 5 -36.15 -18.05 -39.93
CA PRO A 5 -35.73 -18.99 -38.90
C PRO A 5 -36.60 -18.89 -37.65
N THR A 6 -37.07 -20.05 -37.18
CA THR A 6 -37.91 -20.19 -35.98
C THR A 6 -37.04 -20.46 -34.73
N LEU A 7 -37.47 -19.96 -33.57
CA LEU A 7 -36.69 -20.10 -32.32
C LEU A 7 -36.53 -21.54 -31.88
N LYS A 8 -35.31 -21.90 -31.48
CA LYS A 8 -35.00 -23.25 -31.04
C LYS A 8 -35.29 -23.44 -29.56
N GLU A 9 -35.62 -24.69 -29.21
CA GLU A 9 -35.89 -25.10 -27.84
C GLU A 9 -34.57 -25.40 -27.13
N VAL A 10 -34.47 -25.04 -25.86
CA VAL A 10 -33.23 -25.22 -25.10
C VAL A 10 -33.38 -26.22 -23.96
N VAL A 11 -32.42 -27.14 -23.86
CA VAL A 11 -32.43 -28.14 -22.79
C VAL A 11 -31.15 -28.11 -21.95
N ILE A 12 -31.27 -28.49 -20.68
CA ILE A 12 -30.12 -28.64 -19.80
C ILE A 12 -29.72 -30.12 -19.82
N VAL A 13 -28.48 -30.40 -20.23
CA VAL A 13 -27.98 -31.77 -20.32
C VAL A 13 -27.21 -32.23 -19.07
N SER A 14 -26.50 -31.32 -18.43
CA SER A 14 -25.83 -31.63 -17.16
C SER A 14 -25.69 -30.37 -16.35
N ALA A 15 -25.43 -30.55 -15.07
CA ALA A 15 -25.30 -29.44 -14.12
C ALA A 15 -24.44 -29.93 -12.95
N THR A 16 -23.30 -29.27 -12.74
CA THR A 16 -22.30 -29.73 -11.78
C THR A 16 -21.74 -28.56 -10.99
N ARG A 17 -21.30 -28.81 -9.77
CA ARG A 17 -20.65 -27.78 -8.97
C ARG A 17 -19.55 -28.33 -8.08
N THR A 18 -18.60 -27.47 -7.70
CA THR A 18 -17.70 -27.76 -6.58
C THR A 18 -18.51 -27.72 -5.27
N PRO A 19 -17.94 -28.25 -4.17
CA PRO A 19 -18.50 -27.92 -2.86
C PRO A 19 -18.32 -26.43 -2.67
N ILE A 20 -19.05 -25.85 -1.73
CA ILE A 20 -18.86 -24.44 -1.37
C ILE A 20 -17.94 -24.36 -0.14
N GLY A 21 -16.84 -23.62 -0.27
CA GLY A 21 -15.86 -23.44 0.84
C GLY A 21 -16.16 -22.20 1.66
N SER A 22 -15.78 -22.22 2.94
CA SER A 22 -15.98 -21.05 3.81
C SER A 22 -14.90 -20.01 3.51
N PHE A 23 -15.14 -18.78 3.96
CA PHE A 23 -14.21 -17.65 3.77
C PHE A 23 -12.88 -17.98 4.44
N LEU A 24 -11.80 -17.98 3.65
CA LEU A 24 -10.45 -18.33 4.11
C LEU A 24 -10.38 -19.79 4.58
N GLY A 25 -11.26 -20.62 4.03
CA GLY A 25 -11.37 -22.02 4.41
C GLY A 25 -10.82 -23.03 3.42
N SER A 26 -11.54 -24.15 3.27
CA SER A 26 -11.03 -25.35 2.60
C SER A 26 -10.65 -25.17 1.14
N LEU A 27 -11.23 -24.18 0.45
CA LEU A 27 -10.95 -23.97 -0.98
C LEU A 27 -10.20 -22.66 -1.25
N SER A 28 -9.79 -21.99 -0.18
CA SER A 28 -9.23 -20.63 -0.29
C SER A 28 -7.91 -20.56 -1.05
N LEU A 29 -7.22 -21.69 -1.20
CA LEU A 29 -5.98 -21.70 -1.97
C LEU A 29 -6.18 -21.68 -3.48
N LEU A 30 -7.41 -21.96 -3.95
CA LEU A 30 -7.68 -22.04 -5.39
C LEU A 30 -8.32 -20.75 -5.89
N PRO A 31 -7.79 -20.17 -7.00
CA PRO A 31 -8.47 -19.01 -7.58
C PRO A 31 -9.84 -19.38 -8.17
N ALA A 32 -10.70 -18.37 -8.31
CA ALA A 32 -12.03 -18.53 -8.90
C ALA A 32 -12.01 -19.26 -10.25
N THR A 33 -11.04 -18.92 -11.11
CA THR A 33 -10.91 -19.51 -12.44
C THR A 33 -10.57 -21.00 -12.38
N LYS A 34 -9.79 -21.41 -11.37
CA LYS A 34 -9.50 -22.86 -11.18
C LYS A 34 -10.75 -23.63 -10.72
N LEU A 35 -11.50 -23.07 -9.78
CA LEU A 35 -12.83 -23.64 -9.44
C LEU A 35 -13.73 -23.76 -10.69
N GLY A 36 -13.76 -22.70 -11.51
CA GLY A 36 -14.50 -22.71 -12.79
C GLY A 36 -14.06 -23.85 -13.73
N SER A 37 -12.76 -24.06 -13.87
CA SER A 37 -12.26 -25.20 -14.68
C SER A 37 -12.76 -26.56 -14.19
N ILE A 38 -12.78 -26.75 -12.87
CA ILE A 38 -13.19 -28.01 -12.25
C ILE A 38 -14.66 -28.28 -12.52
N ALA A 39 -15.50 -27.27 -12.29
CA ALA A 39 -16.93 -27.33 -12.60
C ALA A 39 -17.23 -27.62 -14.08
N ILE A 40 -16.57 -26.87 -14.98
CA ILE A 40 -16.75 -27.04 -16.41
C ILE A 40 -16.33 -28.44 -16.86
N GLN A 41 -15.14 -28.88 -16.46
CA GLN A 41 -14.69 -30.24 -16.77
C GLN A 41 -15.69 -31.29 -16.28
N GLY A 42 -16.21 -31.11 -15.07
CA GLY A 42 -17.19 -32.07 -14.52
C GLY A 42 -18.52 -32.11 -15.27
N ALA A 43 -19.03 -30.94 -15.65
CA ALA A 43 -20.25 -30.86 -16.43
C ALA A 43 -20.17 -31.56 -17.79
N ILE A 44 -19.04 -31.40 -18.48
CA ILE A 44 -18.84 -32.03 -19.78
C ILE A 44 -18.74 -33.54 -19.60
N GLU A 45 -18.01 -33.98 -18.59
CA GLU A 45 -17.91 -35.41 -18.28
C GLU A 45 -19.27 -36.04 -18.00
N LYS A 46 -20.09 -35.37 -17.17
CA LYS A 46 -21.43 -35.83 -16.89
C LYS A 46 -22.33 -35.86 -18.10
N ALA A 47 -22.19 -34.88 -19.00
CA ALA A 47 -23.00 -34.80 -20.21
C ALA A 47 -22.69 -35.97 -21.17
N GLY A 48 -21.47 -36.50 -21.07
CA GLY A 48 -21.02 -37.61 -21.90
C GLY A 48 -20.72 -37.23 -23.34
N ILE A 49 -20.18 -36.03 -23.54
CA ILE A 49 -19.90 -35.48 -24.87
C ILE A 49 -18.42 -35.11 -24.98
N PRO A 50 -17.87 -35.07 -26.21
CA PRO A 50 -16.47 -34.62 -26.35
C PRO A 50 -16.39 -33.12 -26.03
N LYS A 51 -15.25 -32.70 -25.46
CA LYS A 51 -15.02 -31.28 -25.14
C LYS A 51 -15.16 -30.39 -26.38
N GLU A 52 -14.82 -30.96 -27.54
CA GLU A 52 -14.86 -30.24 -28.82
C GLU A 52 -16.28 -29.85 -29.25
N GLU A 53 -17.30 -30.53 -28.71
CA GLU A 53 -18.68 -30.15 -29.02
C GLU A 53 -19.10 -28.80 -28.42
N VAL A 54 -18.45 -28.37 -27.33
CA VAL A 54 -18.81 -27.10 -26.67
C VAL A 54 -18.32 -25.93 -27.54
N LYS A 55 -19.24 -25.08 -27.98
CA LYS A 55 -18.94 -24.05 -28.99
C LYS A 55 -18.55 -22.69 -28.41
N GLU A 56 -19.14 -22.33 -27.28
CA GLU A 56 -18.90 -21.01 -26.65
C GLU A 56 -19.21 -21.12 -25.16
N ALA A 57 -18.64 -20.22 -24.34
CA ALA A 57 -18.81 -20.27 -22.87
C ALA A 57 -19.06 -18.89 -22.25
N TYR A 58 -20.01 -18.82 -21.32
CA TYR A 58 -20.29 -17.61 -20.51
C TYR A 58 -20.22 -18.00 -19.03
N MET A 59 -19.45 -17.24 -18.25
CA MET A 59 -19.42 -17.47 -16.80
C MET A 59 -19.71 -16.17 -16.02
N GLY A 60 -20.59 -16.26 -15.04
CA GLY A 60 -20.79 -15.16 -14.08
C GLY A 60 -19.63 -15.07 -13.10
N ASN A 61 -19.26 -13.85 -12.71
CA ASN A 61 -18.08 -13.60 -11.86
C ASN A 61 -18.20 -12.11 -11.46
N VAL A 62 -18.45 -11.80 -10.17
CA VAL A 62 -18.71 -10.40 -9.75
C VAL A 62 -17.43 -9.61 -9.43
N LEU A 63 -16.48 -10.26 -8.79
CA LEU A 63 -15.31 -9.57 -8.24
C LEU A 63 -14.09 -10.05 -9.00
N GLN A 64 -13.86 -9.42 -10.16
CA GLN A 64 -12.88 -9.90 -11.16
C GLN A 64 -11.47 -9.32 -10.93
N GLY A 65 -11.38 -8.36 -10.00
CA GLY A 65 -10.10 -7.67 -9.70
C GLY A 65 -8.99 -8.61 -9.28
N GLY A 66 -7.89 -8.56 -10.03
CA GLY A 66 -6.72 -9.35 -9.71
C GLY A 66 -6.74 -10.78 -10.21
N GLU A 67 -7.81 -11.18 -10.91
CA GLU A 67 -7.90 -12.56 -11.41
C GLU A 67 -7.09 -12.77 -12.69
N GLY A 68 -6.63 -11.69 -13.28
CA GLY A 68 -5.92 -11.77 -14.55
C GLY A 68 -6.87 -11.61 -15.71
N GLN A 69 -6.30 -11.54 -16.90
CA GLN A 69 -7.06 -11.20 -18.10
C GLN A 69 -8.08 -12.27 -18.43
N ALA A 70 -9.28 -11.84 -18.85
CA ALA A 70 -10.31 -12.76 -19.37
C ALA A 70 -10.62 -14.00 -18.48
N PRO A 71 -11.22 -13.80 -17.29
CA PRO A 71 -11.43 -14.94 -16.38
C PRO A 71 -12.12 -16.16 -16.99
N THR A 72 -13.20 -15.95 -17.77
CA THR A 72 -13.90 -17.09 -18.40
C THR A 72 -13.00 -17.87 -19.37
N ARG A 73 -12.20 -17.15 -20.14
CA ARG A 73 -11.19 -17.80 -21.01
C ARG A 73 -10.20 -18.65 -20.19
N GLN A 74 -9.74 -18.15 -19.05
CA GLN A 74 -8.88 -18.96 -18.15
C GLN A 74 -9.55 -20.24 -17.65
N ALA A 75 -10.80 -20.12 -17.21
CA ALA A 75 -11.59 -21.30 -16.78
C ALA A 75 -11.75 -22.34 -17.89
N VAL A 76 -11.99 -21.85 -19.10
CA VAL A 76 -12.26 -22.72 -20.25
C VAL A 76 -10.99 -23.43 -20.74
N LEU A 77 -9.91 -22.68 -20.95
CA LEU A 77 -8.63 -23.30 -21.34
C LEU A 77 -8.08 -24.21 -20.24
N GLY A 78 -8.23 -23.78 -18.98
CA GLY A 78 -7.85 -24.62 -17.83
C GLY A 78 -8.55 -25.96 -17.71
N ALA A 79 -9.73 -26.08 -18.33
CA ALA A 79 -10.50 -27.32 -18.35
C ALA A 79 -10.17 -28.17 -19.59
N GLY A 80 -9.21 -27.71 -20.39
CA GLY A 80 -8.80 -28.41 -21.63
C GLY A 80 -9.71 -28.27 -22.85
N LEU A 81 -10.55 -27.24 -22.86
CA LEU A 81 -11.45 -27.02 -23.99
C LEU A 81 -10.65 -26.42 -25.16
N PRO A 82 -11.16 -26.52 -26.40
CA PRO A 82 -10.40 -26.03 -27.57
C PRO A 82 -10.04 -24.54 -27.52
N ILE A 83 -8.88 -24.18 -28.10
CA ILE A 83 -8.51 -22.76 -28.23
C ILE A 83 -9.49 -21.98 -29.11
N SER A 84 -10.25 -22.68 -29.94
CA SER A 84 -11.29 -22.04 -30.76
C SER A 84 -12.58 -21.58 -30.02
N THR A 85 -12.65 -21.80 -28.70
CA THR A 85 -13.88 -21.51 -27.91
C THR A 85 -13.95 -20.04 -27.46
N PRO A 86 -14.87 -19.22 -28.04
CA PRO A 86 -15.01 -17.86 -27.56
C PRO A 86 -15.58 -17.80 -26.13
N CYS A 87 -15.18 -16.79 -25.37
CA CYS A 87 -15.52 -16.71 -23.92
C CYS A 87 -15.90 -15.30 -23.53
N THR A 88 -16.89 -15.17 -22.63
CA THR A 88 -17.34 -13.85 -22.12
C THR A 88 -17.67 -14.00 -20.63
N THR A 89 -17.22 -13.05 -19.83
CA THR A 89 -17.46 -13.02 -18.37
C THR A 89 -18.60 -12.03 -18.04
N ILE A 90 -19.58 -12.48 -17.25
CA ILE A 90 -20.87 -11.78 -17.05
C ILE A 90 -20.96 -11.23 -15.62
N ASN A 91 -21.36 -9.95 -15.47
CA ASN A 91 -21.55 -9.35 -14.14
C ASN A 91 -22.93 -8.71 -13.96
N LYS A 92 -23.83 -9.44 -13.29
CA LYS A 92 -25.11 -8.88 -12.83
C LYS A 92 -25.20 -9.05 -11.28
N VAL A 93 -24.09 -8.74 -10.61
CA VAL A 93 -23.90 -8.92 -9.15
C VAL A 93 -24.39 -10.33 -8.77
N CSO A 94 -25.17 -10.49 -7.68
CA CSO A 94 -25.58 -11.86 -7.27
CB CSO A 94 -26.39 -11.91 -5.96
SG CSO A 94 -25.63 -10.95 -4.70
C CSO A 94 -26.38 -12.66 -8.30
O CSO A 94 -26.48 -13.87 -8.17
OD CSO A 94 -26.06 -9.27 -5.06
N ALA A 95 -26.96 -11.98 -9.29
CA ALA A 95 -27.72 -12.68 -10.34
C ALA A 95 -26.81 -13.25 -11.45
N SER A 96 -25.50 -13.00 -11.37
CA SER A 96 -24.58 -13.30 -12.50
C SER A 96 -24.67 -14.72 -13.06
N GLY A 97 -24.68 -15.72 -12.17
CA GLY A 97 -24.69 -17.13 -12.58
C GLY A 97 -25.94 -17.54 -13.32
N MET A 98 -27.08 -16.95 -12.94
CA MET A 98 -28.32 -17.22 -13.64
C MET A 98 -28.39 -16.46 -14.94
N LYS A 99 -27.93 -15.19 -14.93
CA LYS A 99 -27.95 -14.36 -16.15
C LYS A 99 -27.09 -14.98 -17.27
N ALA A 100 -25.94 -15.56 -16.91
CA ALA A 100 -25.10 -16.29 -17.89
C ALA A 100 -25.89 -17.42 -18.61
N ILE A 101 -26.65 -18.20 -17.86
CA ILE A 101 -27.49 -19.28 -18.44
C ILE A 101 -28.55 -18.69 -19.36
N MET A 102 -29.18 -17.60 -18.91
CA MET A 102 -30.20 -16.89 -19.70
C MET A 102 -29.64 -16.39 -21.04
N MET A 103 -28.48 -15.74 -21.01
CA MET A 103 -27.90 -15.16 -22.25
C MET A 103 -27.38 -16.26 -23.19
N ALA A 104 -26.85 -17.33 -22.64
CA ALA A 104 -26.48 -18.50 -23.45
C ALA A 104 -27.71 -19.11 -24.13
N SER A 105 -28.79 -19.26 -23.36
CA SER A 105 -30.06 -19.77 -23.92
C SER A 105 -30.54 -18.92 -25.11
N GLN A 106 -30.39 -17.61 -24.99
CA GLN A 106 -30.80 -16.71 -26.08
C GLN A 106 -29.99 -16.92 -27.38
N SER A 107 -28.67 -17.13 -27.23
CA SER A 107 -27.80 -17.45 -28.37
C SER A 107 -28.21 -18.78 -29.02
N LEU A 108 -28.52 -19.79 -28.19
CA LEU A 108 -29.00 -21.09 -28.67
C LEU A 108 -30.36 -20.96 -29.38
N MET A 109 -31.25 -20.15 -28.82
CA MET A 109 -32.57 -19.90 -29.43
C MET A 109 -32.54 -19.29 -30.85
N CYS A 110 -31.54 -18.44 -31.07
CA CYS A 110 -31.31 -17.78 -32.36
C CYS A 110 -30.62 -18.69 -33.37
N GLY A 111 -30.21 -19.89 -32.95
CA GLY A 111 -29.43 -20.79 -33.80
C GLY A 111 -27.99 -20.33 -34.06
N HIS A 112 -27.49 -19.43 -33.20
CA HIS A 112 -26.13 -18.90 -33.34
C HIS A 112 -25.02 -19.85 -32.83
N GLN A 113 -25.41 -20.75 -31.90
CA GLN A 113 -24.58 -21.87 -31.45
C GLN A 113 -25.50 -23.04 -31.18
N ASP A 114 -24.97 -24.26 -31.14
CA ASP A 114 -25.84 -25.42 -30.82
C ASP A 114 -25.58 -26.12 -29.47
N VAL A 115 -24.36 -25.95 -28.92
CA VAL A 115 -23.94 -26.45 -27.60
C VAL A 115 -23.13 -25.36 -26.91
N MET A 116 -23.52 -25.02 -25.68
CA MET A 116 -22.75 -24.06 -24.85
C MET A 116 -22.53 -24.53 -23.41
N VAL A 117 -21.52 -23.96 -22.76
CA VAL A 117 -21.42 -24.06 -21.29
C VAL A 117 -21.69 -22.69 -20.64
N ALA A 118 -22.47 -22.68 -19.56
CA ALA A 118 -22.78 -21.44 -18.83
C ALA A 118 -22.82 -21.74 -17.33
N GLY A 119 -22.41 -20.77 -16.53
CA GLY A 119 -22.44 -20.98 -15.08
C GLY A 119 -21.88 -19.75 -14.37
N GLY A 120 -21.22 -20.00 -13.26
CA GLY A 120 -20.66 -18.90 -12.45
C GLY A 120 -19.57 -19.37 -11.52
N MET A 121 -18.73 -18.43 -11.08
CA MET A 121 -17.57 -18.77 -10.25
C MET A 121 -17.22 -17.56 -9.38
N GLU A 122 -16.76 -17.81 -8.16
CA GLU A 122 -16.33 -16.74 -7.25
C GLU A 122 -15.36 -17.31 -6.21
N SER A 123 -14.27 -16.58 -5.93
CA SER A 123 -13.39 -16.86 -4.79
C SER A 123 -13.32 -15.62 -3.92
N MET A 124 -14.22 -15.51 -2.95
CA MET A 124 -14.26 -14.31 -2.14
C MET A 124 -13.02 -14.28 -1.24
N SER A 125 -12.48 -15.45 -0.87
CA SER A 125 -11.20 -15.52 -0.13
C SER A 125 -10.04 -14.77 -0.79
N ASN A 126 -10.03 -14.74 -2.12
CA ASN A 126 -8.92 -14.16 -2.87
C ASN A 126 -9.17 -12.76 -3.45
N VAL A 127 -10.31 -12.17 -3.09
CA VAL A 127 -10.64 -10.80 -3.57
C VAL A 127 -9.68 -9.84 -2.88
N PRO A 128 -8.99 -8.97 -3.66
CA PRO A 128 -7.98 -8.11 -3.04
C PRO A 128 -8.49 -6.79 -2.44
N TYR A 129 -7.57 -6.03 -1.84
CA TYR A 129 -7.79 -4.63 -1.47
C TYR A 129 -7.30 -3.72 -2.60
N VAL A 130 -7.83 -2.51 -2.69
CA VAL A 130 -7.37 -1.54 -3.70
C VAL A 130 -6.81 -0.26 -3.12
N MET A 131 -5.83 0.30 -3.84
CA MET A 131 -5.38 1.66 -3.59
C MET A 131 -5.62 2.50 -4.84
N ASN A 132 -6.15 3.70 -4.64
CA ASN A 132 -6.42 4.59 -5.75
C ASN A 132 -5.16 5.06 -6.51
N ARG A 133 -5.30 5.27 -7.81
CA ARG A 133 -4.21 5.83 -8.63
C ARG A 133 -4.17 7.32 -8.34
N GLY A 134 -2.98 7.88 -8.13
CA GLY A 134 -2.85 9.33 -7.96
C GLY A 134 -1.85 9.72 -6.89
N SER A 135 -1.92 10.97 -6.44
CA SER A 135 -1.08 11.44 -5.34
C SER A 135 -1.61 10.97 -3.99
N THR A 136 -0.71 10.55 -3.12
CA THR A 136 -1.05 10.13 -1.77
C THR A 136 -1.48 11.36 -0.97
N PRO A 137 -2.69 11.33 -0.36
CA PRO A 137 -3.13 12.51 0.41
C PRO A 137 -2.39 12.64 1.75
N TYR A 138 -2.17 13.88 2.20
CA TYR A 138 -1.53 14.14 3.49
C TYR A 138 -2.41 13.62 4.64
N GLY A 139 -1.80 12.93 5.60
CA GLY A 139 -2.57 12.45 6.74
C GLY A 139 -2.92 10.98 6.62
N GLY A 140 -2.76 10.40 5.44
CA GLY A 140 -2.94 8.96 5.32
C GLY A 140 -3.57 8.50 4.03
N VAL A 141 -3.42 7.20 3.76
CA VAL A 141 -3.89 6.58 2.52
C VAL A 141 -4.87 5.45 2.87
N LYS A 142 -6.01 5.41 2.18
CA LYS A 142 -7.03 4.36 2.43
C LYS A 142 -6.86 3.16 1.51
N LEU A 143 -6.91 1.96 2.07
CA LEU A 143 -6.94 0.74 1.27
C LEU A 143 -8.32 0.12 1.47
N GLU A 144 -9.14 0.15 0.42
CA GLU A 144 -10.52 -0.34 0.52
C GLU A 144 -10.58 -1.83 0.21
N ASP A 145 -11.57 -2.51 0.76
CA ASP A 145 -11.75 -3.94 0.57
C ASP A 145 -12.76 -4.11 -0.56
N LEU A 146 -12.34 -4.71 -1.68
CA LEU A 146 -13.26 -4.86 -2.83
C LEU A 146 -14.54 -5.66 -2.56
N ILE A 147 -14.49 -6.62 -1.63
CA ILE A 147 -15.74 -7.30 -1.22
C ILE A 147 -16.75 -6.26 -0.74
N VAL A 148 -16.32 -5.40 0.16
CA VAL A 148 -17.20 -4.34 0.66
C VAL A 148 -17.57 -3.28 -0.41
N LYS A 149 -16.57 -2.76 -1.12
CA LYS A 149 -16.79 -1.63 -2.05
C LYS A 149 -17.60 -1.98 -3.29
N ASP A 150 -17.21 -3.07 -3.97
CA ASP A 150 -17.85 -3.50 -5.21
C ASP A 150 -18.94 -4.56 -5.01
N GLY A 151 -18.76 -5.42 -4.02
CA GLY A 151 -19.74 -6.50 -3.80
C GLY A 151 -20.98 -6.16 -2.97
N LEU A 152 -20.77 -5.47 -1.84
CA LEU A 152 -21.81 -5.40 -0.79
C LEU A 152 -22.38 -4.01 -0.44
N THR A 153 -21.94 -2.96 -1.11
CA THR A 153 -22.38 -1.59 -0.77
C THR A 153 -23.30 -1.02 -1.83
N ASP A 154 -24.49 -0.58 -1.43
CA ASP A 154 -25.38 0.09 -2.37
C ASP A 154 -24.83 1.48 -2.69
N VAL A 155 -24.69 1.75 -3.99
CA VAL A 155 -24.12 3.02 -4.48
C VAL A 155 -24.94 4.28 -4.07
N TYR A 156 -26.27 4.18 -4.20
CA TYR A 156 -27.17 5.33 -4.18
C TYR A 156 -27.52 5.74 -2.76
N ASN A 157 -27.66 4.74 -1.90
CA ASN A 157 -28.06 4.94 -0.51
C ASN A 157 -26.86 5.00 0.42
N LYS A 158 -25.73 4.49 -0.05
CA LYS A 158 -24.48 4.41 0.72
C LYS A 158 -24.65 3.60 2.02
N ILE A 159 -25.24 2.41 1.87
CA ILE A 159 -25.40 1.46 2.97
C ILE A 159 -25.09 0.03 2.49
N HIS A 160 -24.81 -0.87 3.44
CA HIS A 160 -24.57 -2.30 3.15
C HIS A 160 -25.83 -2.99 2.65
N MET A 161 -25.69 -4.05 1.86
CA MET A 161 -26.83 -4.89 1.51
C MET A 161 -27.69 -5.28 2.72
N GLY A 162 -27.04 -5.54 3.85
CA GLY A 162 -27.73 -5.95 5.09
C GLY A 162 -28.66 -4.88 5.65
N SER A 163 -28.29 -3.61 5.46
CA SER A 163 -29.12 -2.45 5.81
C SER A 163 -30.34 -2.29 4.90
N CYS A 164 -30.18 -2.64 3.62
CA CYS A 164 -31.31 -2.70 2.70
C CYS A 164 -32.30 -3.76 3.14
N ALA A 165 -31.80 -4.88 3.65
CA ALA A 165 -32.65 -5.96 4.19
C ALA A 165 -33.44 -5.45 5.41
N GLU A 166 -32.77 -4.71 6.29
CA GLU A 166 -33.44 -4.10 7.47
C GLU A 166 -34.60 -3.19 7.07
N ASN A 167 -34.40 -2.41 6.01
CA ASN A 167 -35.44 -1.58 5.43
C ASN A 167 -36.71 -2.36 5.01
N THR A 168 -36.52 -3.47 4.28
CA THR A 168 -37.64 -4.32 3.91
C THR A 168 -38.30 -4.96 5.14
N ALA A 169 -37.48 -5.33 6.13
CA ALA A 169 -38.02 -5.93 7.38
C ALA A 169 -38.97 -4.94 8.07
N LYS A 170 -38.60 -3.67 8.06
CA LYS A 170 -39.48 -2.62 8.62
C LYS A 170 -40.79 -2.52 7.85
N LYS A 171 -40.68 -2.37 6.52
CA LYS A 171 -41.85 -2.10 5.68
C LYS A 171 -42.84 -3.25 5.61
N LEU A 172 -42.32 -4.48 5.61
CA LEU A 172 -43.17 -5.65 5.54
C LEU A 172 -43.44 -6.32 6.89
N ASN A 173 -42.93 -5.71 7.98
CA ASN A 173 -43.10 -6.22 9.34
C ASN A 173 -42.62 -7.68 9.50
N ILE A 174 -41.34 -7.91 9.17
CA ILE A 174 -40.72 -9.25 9.31
C ILE A 174 -39.70 -9.16 10.46
N ALA A 175 -40.01 -9.84 11.56
CA ALA A 175 -39.31 -9.64 12.85
C ALA A 175 -38.02 -10.44 12.95
N ARG A 176 -37.19 -10.14 13.96
CA ARG A 176 -35.97 -10.90 14.26
C ARG A 176 -36.23 -12.38 14.56
N ASN A 177 -37.26 -12.67 15.35
CA ASN A 177 -37.54 -14.08 15.70
C ASN A 177 -37.95 -14.89 14.46
N GLU A 178 -38.75 -14.27 13.58
CA GLU A 178 -39.13 -14.91 12.31
C GLU A 178 -37.90 -15.23 11.42
N GLN A 179 -36.97 -14.29 11.32
CA GLN A 179 -35.75 -14.47 10.51
C GLN A 179 -34.83 -15.55 11.11
N ASP A 180 -34.71 -15.56 12.43
CA ASP A 180 -33.95 -16.59 13.15
C ASP A 180 -34.54 -17.99 12.93
N ALA A 181 -35.86 -18.08 13.01
CA ALA A 181 -36.55 -19.36 12.79
C ALA A 181 -36.28 -19.88 11.36
N TYR A 182 -36.36 -19.01 10.36
CA TYR A 182 -36.06 -19.40 8.98
C TYR A 182 -34.61 -19.91 8.84
N ALA A 183 -33.67 -19.21 9.47
CA ALA A 183 -32.24 -19.53 9.37
C ALA A 183 -31.98 -20.90 9.98
N ILE A 184 -32.56 -21.13 11.17
CA ILE A 184 -32.45 -22.46 11.79
C ILE A 184 -33.02 -23.56 10.86
N ASN A 185 -34.14 -23.26 10.20
CA ASN A 185 -34.75 -24.18 9.24
C ASN A 185 -33.80 -24.46 8.05
N SER A 186 -33.14 -23.43 7.54
CA SER A 186 -32.17 -23.61 6.43
C SER A 186 -31.01 -24.53 6.82
N TYR A 187 -30.38 -24.26 7.97
CA TYR A 187 -29.30 -25.11 8.48
C TYR A 187 -29.75 -26.57 8.66
N THR A 188 -30.95 -26.74 9.20
CA THR A 188 -31.53 -28.06 9.45
C THR A 188 -31.73 -28.83 8.13
N ARG A 189 -32.27 -28.14 7.13
CA ARG A 189 -32.53 -28.73 5.81
C ARG A 189 -31.27 -29.07 5.02
N SER A 190 -30.26 -28.20 5.13
CA SER A 190 -28.95 -28.49 4.52
C SER A 190 -28.30 -29.75 5.10
N LYS A 191 -28.30 -29.87 6.42
CA LYS A 191 -27.68 -31.04 7.09
C LYS A 191 -28.40 -32.32 6.69
N ALA A 192 -29.74 -32.26 6.72
CA ALA A 192 -30.58 -33.39 6.33
C ALA A 192 -30.34 -33.87 4.88
N ALA A 193 -30.23 -32.92 3.95
CA ALA A 193 -29.98 -33.26 2.55
C ALA A 193 -28.61 -33.85 2.32
N TRP A 194 -27.58 -33.32 2.99
CA TRP A 194 -26.23 -33.90 2.93
C TRP A 194 -26.20 -35.31 3.48
N GLU A 195 -26.84 -35.50 4.62
CA GLU A 195 -26.90 -36.82 5.26
C GLU A 195 -27.71 -37.84 4.47
N ALA A 196 -28.72 -37.38 3.73
CA ALA A 196 -29.51 -38.25 2.84
C ALA A 196 -28.81 -38.55 1.52
N GLY A 197 -27.68 -37.89 1.26
CA GLY A 197 -26.93 -38.06 0.01
C GLY A 197 -27.56 -37.45 -1.22
N LYS A 198 -28.27 -36.33 -1.04
CA LYS A 198 -29.02 -35.69 -2.12
C LYS A 198 -28.17 -34.89 -3.11
N PHE A 199 -26.87 -34.80 -2.86
CA PHE A 199 -25.95 -34.04 -3.70
C PHE A 199 -24.96 -34.95 -4.43
N GLY A 200 -25.22 -36.25 -4.39
CA GLY A 200 -24.31 -37.25 -4.97
C GLY A 200 -24.04 -37.13 -6.46
N ASN A 201 -25.02 -36.61 -7.20
CA ASN A 201 -24.87 -36.37 -8.63
C ASN A 201 -24.56 -34.91 -9.00
N GLU A 202 -24.79 -33.98 -8.07
CA GLU A 202 -24.63 -32.55 -8.31
C GLU A 202 -23.19 -32.05 -8.01
N VAL A 203 -22.63 -32.51 -6.89
CA VAL A 203 -21.35 -32.01 -6.38
C VAL A 203 -20.22 -32.93 -6.82
N ILE A 204 -19.11 -32.35 -7.30
CA ILE A 204 -17.89 -33.12 -7.53
C ILE A 204 -16.76 -32.73 -6.56
N PRO A 205 -15.97 -33.72 -6.09
CA PRO A 205 -14.97 -33.38 -5.07
C PRO A 205 -13.76 -32.64 -5.63
N VAL A 206 -13.13 -31.82 -4.78
CA VAL A 206 -11.97 -31.02 -5.16
C VAL A 206 -10.76 -31.47 -4.36
N THR A 207 -9.67 -31.77 -5.09
CA THR A 207 -8.41 -32.12 -4.45
C THR A 207 -7.48 -30.92 -4.36
N VAL A 208 -7.13 -30.55 -3.12
CA VAL A 208 -6.26 -29.42 -2.86
C VAL A 208 -4.85 -29.94 -2.60
N THR A 209 -3.92 -29.50 -3.45
CA THR A 209 -2.55 -29.99 -3.46
C THR A 209 -1.58 -28.88 -3.06
N VAL A 210 -0.82 -29.14 -2.00
CA VAL A 210 0.20 -28.20 -1.52
C VAL A 210 1.56 -28.90 -1.50
N LYS A 211 2.61 -28.14 -1.83
CA LYS A 211 3.98 -28.66 -1.82
C LYS A 211 4.40 -29.18 -0.46
N GLY A 212 4.91 -30.41 -0.43
CA GLY A 212 5.36 -31.06 0.79
C GLY A 212 4.24 -31.34 1.78
N GLN A 213 3.03 -31.49 1.25
CA GLN A 213 1.85 -31.75 2.07
C GLN A 213 1.06 -32.92 1.54
N PRO A 214 0.36 -33.66 2.43
CA PRO A 214 -0.56 -34.68 1.94
C PRO A 214 -1.77 -34.01 1.28
N ASP A 215 -2.21 -34.56 0.14
CA ASP A 215 -3.39 -34.06 -0.58
C ASP A 215 -4.61 -34.03 0.31
N VAL A 216 -5.46 -33.02 0.11
CA VAL A 216 -6.72 -32.91 0.85
C VAL A 216 -7.88 -32.89 -0.12
N VAL A 217 -8.80 -33.84 0.07
CA VAL A 217 -9.98 -33.97 -0.78
C VAL A 217 -11.18 -33.31 -0.08
N VAL A 218 -11.77 -32.32 -0.75
CA VAL A 218 -12.91 -31.59 -0.17
C VAL A 218 -14.14 -32.13 -0.88
N LYS A 219 -14.99 -32.83 -0.14
CA LYS A 219 -16.08 -33.55 -0.78
C LYS A 219 -17.50 -33.03 -0.45
N GLU A 220 -17.62 -32.20 0.59
CA GLU A 220 -18.91 -31.63 0.94
C GLU A 220 -18.85 -30.13 1.33
N ASP A 221 -20.01 -29.49 1.25
CA ASP A 221 -20.16 -28.07 1.62
C ASP A 221 -19.68 -27.87 3.06
N GLU A 222 -18.92 -26.80 3.28
CA GLU A 222 -18.24 -26.55 4.55
C GLU A 222 -19.11 -25.77 5.55
N GLU A 223 -19.95 -24.88 5.03
CA GLU A 223 -20.58 -23.84 5.84
C GLU A 223 -21.64 -24.36 6.81
N TYR A 224 -22.40 -25.38 6.42
CA TYR A 224 -23.60 -25.71 7.19
C TYR A 224 -23.27 -26.27 8.59
N LYS A 225 -22.00 -26.67 8.78
CA LYS A 225 -21.56 -27.21 10.07
C LYS A 225 -21.14 -26.10 11.03
N ARG A 226 -21.02 -24.87 10.50
CA ARG A 226 -20.55 -23.72 11.29
C ARG A 226 -21.72 -22.97 11.93
N VAL A 227 -22.35 -23.57 12.94
CA VAL A 227 -23.56 -23.02 13.53
C VAL A 227 -23.70 -23.47 14.99
N ASP A 228 -24.29 -22.62 15.82
CA ASP A 228 -24.68 -22.97 17.18
C ASP A 228 -26.10 -22.41 17.40
N PHE A 229 -27.10 -23.29 17.37
CA PHE A 229 -28.50 -22.83 17.44
C PHE A 229 -28.82 -22.09 18.75
N SER A 230 -28.20 -22.53 19.85
CA SER A 230 -28.44 -21.89 21.16
C SER A 230 -27.94 -20.44 21.19
N LYS A 231 -27.00 -20.12 20.30
CA LYS A 231 -26.39 -18.81 20.25
C LYS A 231 -27.13 -17.86 19.30
N VAL A 232 -27.79 -18.44 18.31
CA VAL A 232 -28.55 -17.67 17.30
C VAL A 232 -29.37 -16.49 17.85
N PRO A 233 -30.26 -16.72 18.84
CA PRO A 233 -31.08 -15.60 19.35
C PRO A 233 -30.30 -14.58 20.18
N LYS A 234 -29.06 -14.89 20.54
CA LYS A 234 -28.22 -14.00 21.34
C LYS A 234 -27.30 -13.09 20.52
N LEU A 235 -27.14 -13.38 19.23
CA LEU A 235 -26.22 -12.60 18.39
C LEU A 235 -26.57 -11.12 18.26
N LYS A 236 -25.54 -10.29 18.08
CA LYS A 236 -25.75 -8.86 17.85
C LYS A 236 -26.27 -8.58 16.43
N THR A 237 -27.05 -7.51 16.30
CA THR A 237 -27.58 -7.10 15.00
C THR A 237 -26.57 -6.19 14.34
N VAL A 238 -25.75 -6.78 13.48
CA VAL A 238 -24.53 -6.14 12.97
C VAL A 238 -24.72 -5.01 11.96
N PHE A 239 -25.88 -4.94 11.30
CA PHE A 239 -26.15 -3.86 10.35
C PHE A 239 -26.96 -2.68 10.91
N GLN A 240 -27.59 -2.87 12.07
CA GLN A 240 -28.43 -1.85 12.71
C GLN A 240 -28.41 -1.98 14.23
N LYS A 241 -28.07 -0.89 14.92
CA LYS A 241 -27.92 -0.91 16.39
C LYS A 241 -29.23 -1.00 17.19
N GLU A 242 -30.23 -0.20 16.84
CA GLU A 242 -31.48 -0.15 17.59
C GLU A 242 -32.54 -0.95 16.88
N ASN A 243 -33.22 -1.84 17.61
CA ASN A 243 -34.26 -2.70 17.05
C ASN A 243 -33.86 -3.35 15.70
N GLY A 244 -32.64 -3.86 15.61
CA GLY A 244 -32.18 -4.59 14.41
C GLY A 244 -32.81 -5.97 14.29
N THR A 245 -32.55 -6.64 13.17
CA THR A 245 -33.12 -7.99 12.92
C THR A 245 -32.14 -8.94 12.24
N VAL A 246 -31.26 -8.38 11.43
CA VAL A 246 -30.31 -9.15 10.61
C VAL A 246 -29.02 -9.44 11.41
N THR A 247 -28.60 -10.70 11.43
CA THR A 247 -27.37 -11.12 12.13
C THR A 247 -26.46 -11.98 11.24
N ALA A 248 -25.27 -12.32 11.75
CA ALA A 248 -24.34 -13.19 11.03
C ALA A 248 -24.98 -14.55 10.77
N ALA A 249 -25.79 -15.03 11.71
CA ALA A 249 -26.45 -16.35 11.54
C ALA A 249 -27.58 -16.35 10.52
N ASN A 250 -28.41 -15.31 10.53
CA ASN A 250 -29.57 -15.29 9.64
C ASN A 250 -29.32 -14.67 8.23
N ALA A 251 -28.12 -14.11 8.03
CA ALA A 251 -27.62 -13.63 6.71
C ALA A 251 -26.81 -14.71 5.99
N SER A 252 -26.68 -14.61 4.66
CA SER A 252 -25.73 -15.47 3.96
C SER A 252 -24.31 -15.09 4.38
N THR A 253 -23.37 -15.98 4.10
CA THR A 253 -21.95 -15.80 4.42
C THR A 253 -21.11 -15.48 3.15
N LEU A 254 -19.80 -15.27 3.32
CA LEU A 254 -18.87 -15.08 2.21
C LEU A 254 -18.17 -16.42 1.93
N ASN A 255 -18.10 -16.79 0.65
CA ASN A 255 -17.70 -18.16 0.26
C ASN A 255 -17.04 -18.26 -1.12
N ASP A 256 -16.53 -19.46 -1.40
CA ASP A 256 -15.80 -19.80 -2.64
C ASP A 256 -16.52 -20.98 -3.31
N GLY A 257 -16.69 -20.93 -4.63
CA GLY A 257 -17.25 -22.10 -5.35
C GLY A 257 -17.51 -21.79 -6.81
N ALA A 258 -17.83 -22.84 -7.59
CA ALA A 258 -18.19 -22.66 -9.01
C ALA A 258 -19.21 -23.70 -9.43
N ALA A 259 -20.02 -23.33 -10.41
CA ALA A 259 -21.04 -24.20 -10.97
C ALA A 259 -21.09 -24.02 -12.50
N ALA A 260 -21.46 -25.09 -13.21
CA ALA A 260 -21.51 -25.04 -14.67
C ALA A 260 -22.54 -26.02 -15.22
N LEU A 261 -23.28 -25.57 -16.24
CA LEU A 261 -24.24 -26.37 -16.97
C LEU A 261 -23.86 -26.51 -18.44
N VAL A 262 -24.11 -27.70 -19.01
CA VAL A 262 -24.01 -27.88 -20.45
C VAL A 262 -25.42 -27.68 -21.04
N LEU A 263 -25.55 -26.73 -21.94
CA LEU A 263 -26.82 -26.40 -22.56
C LEU A 263 -26.78 -26.77 -24.05
N MET A 264 -27.91 -27.21 -24.59
CA MET A 264 -28.01 -27.58 -25.99
C MET A 264 -29.36 -27.20 -26.59
N THR A 265 -29.41 -27.03 -27.91
CA THR A 265 -30.68 -27.04 -28.62
C THR A 265 -31.27 -28.46 -28.58
N ALA A 266 -32.59 -28.56 -28.73
CA ALA A 266 -33.25 -29.88 -28.83
C ALA A 266 -32.64 -30.68 -29.98
N ASP A 267 -32.34 -30.04 -31.09
CA ASP A 267 -31.73 -30.71 -32.27
C ASP A 267 -30.35 -31.29 -32.01
N ALA A 268 -29.50 -30.53 -31.30
CA ALA A 268 -28.17 -31.00 -30.91
C ALA A 268 -28.21 -32.15 -29.91
N ALA A 269 -29.08 -32.06 -28.90
CA ALA A 269 -29.24 -33.19 -27.95
C ALA A 269 -29.57 -34.48 -28.69
N LYS A 270 -30.47 -34.39 -29.66
CA LYS A 270 -30.90 -35.55 -30.44
C LYS A 270 -29.74 -36.07 -31.31
N ARG A 271 -29.04 -35.13 -31.97
CA ARG A 271 -27.93 -35.52 -32.86
C ARG A 271 -26.86 -36.28 -32.10
N LEU A 272 -26.58 -35.84 -30.86
CA LEU A 272 -25.54 -36.43 -30.04
C LEU A 272 -26.04 -37.57 -29.16
N ASN A 273 -27.35 -37.82 -29.22
CA ASN A 273 -27.99 -38.90 -28.48
C ASN A 273 -27.72 -38.85 -26.97
N VAL A 274 -27.81 -37.64 -26.41
CA VAL A 274 -27.69 -37.45 -24.97
C VAL A 274 -29.09 -37.46 -24.36
N THR A 275 -29.19 -37.78 -23.07
CA THR A 275 -30.48 -37.73 -22.38
C THR A 275 -30.58 -36.42 -21.57
N PRO A 276 -31.38 -35.46 -22.07
CA PRO A 276 -31.51 -34.17 -21.39
C PRO A 276 -32.21 -34.30 -20.05
N LEU A 277 -31.77 -33.50 -19.07
CA LEU A 277 -32.36 -33.50 -17.74
C LEU A 277 -33.62 -32.67 -17.63
N ALA A 278 -33.61 -31.47 -18.23
CA ALA A 278 -34.70 -30.51 -18.08
C ALA A 278 -34.79 -29.62 -19.30
N ARG A 279 -36.00 -29.11 -19.57
CA ARG A 279 -36.12 -28.08 -20.59
C ARG A 279 -36.19 -26.68 -19.96
N ILE A 280 -35.54 -25.70 -20.58
CA ILE A 280 -35.71 -24.32 -20.11
C ILE A 280 -37.01 -23.75 -20.70
N VAL A 281 -37.94 -23.36 -19.83
CA VAL A 281 -39.29 -22.96 -20.26
C VAL A 281 -39.38 -21.45 -20.51
N ALA A 282 -38.88 -20.65 -19.57
CA ALA A 282 -38.97 -19.19 -19.64
C ALA A 282 -38.02 -18.59 -18.60
N PHE A 283 -37.64 -17.32 -18.83
CA PHE A 283 -36.83 -16.56 -17.89
C PHE A 283 -37.12 -15.05 -18.02
N ALA A 284 -36.78 -14.27 -17.00
CA ALA A 284 -37.06 -12.84 -16.99
C ALA A 284 -36.16 -12.08 -16.03
N ASP A 285 -35.96 -10.80 -16.29
CA ASP A 285 -35.34 -9.89 -15.30
C ASP A 285 -36.35 -8.83 -14.87
N ALA A 286 -36.31 -8.44 -13.60
CA ALA A 286 -37.08 -7.29 -13.09
C ALA A 286 -36.16 -6.38 -12.28
N ALA A 287 -36.53 -5.11 -12.16
CA ALA A 287 -35.75 -4.15 -11.39
C ALA A 287 -36.69 -3.19 -10.66
N VAL A 288 -36.31 -2.79 -9.46
CA VAL A 288 -37.09 -1.91 -8.61
C VAL A 288 -36.14 -0.89 -7.99
N GLU A 289 -36.69 0.03 -7.21
CA GLU A 289 -35.87 0.98 -6.42
C GLU A 289 -34.71 0.24 -5.72
N PRO A 290 -33.47 0.72 -5.91
CA PRO A 290 -32.29 0.03 -5.36
C PRO A 290 -32.40 -0.55 -3.94
N ILE A 291 -32.90 0.23 -2.98
CA ILE A 291 -33.02 -0.26 -1.59
C ILE A 291 -33.95 -1.46 -1.45
N ASP A 292 -34.84 -1.64 -2.43
CA ASP A 292 -35.90 -2.63 -2.34
C ASP A 292 -35.53 -3.94 -3.04
N PHE A 293 -34.23 -4.17 -3.27
CA PHE A 293 -33.81 -5.41 -3.97
C PHE A 293 -34.41 -6.70 -3.36
N PRO A 294 -34.63 -6.77 -2.02
CA PRO A 294 -35.25 -8.02 -1.48
C PRO A 294 -36.57 -8.44 -2.14
N ILE A 295 -37.33 -7.49 -2.68
CA ILE A 295 -38.61 -7.85 -3.30
C ILE A 295 -38.61 -7.98 -4.84
N ALA A 296 -37.48 -7.67 -5.49
CA ALA A 296 -37.39 -7.78 -6.94
C ALA A 296 -37.68 -9.21 -7.47
N PRO A 297 -37.23 -10.26 -6.77
CA PRO A 297 -37.55 -11.64 -7.22
C PRO A 297 -39.05 -11.95 -7.29
N VAL A 298 -39.86 -11.25 -6.50
CA VAL A 298 -41.33 -11.44 -6.56
C VAL A 298 -41.85 -11.10 -7.96
N TYR A 299 -41.42 -9.95 -8.45
CA TYR A 299 -41.82 -9.45 -9.76
C TYR A 299 -41.23 -10.31 -10.88
N ALA A 300 -39.96 -10.69 -10.77
CA ALA A 300 -39.34 -11.56 -11.81
C ALA A 300 -40.07 -12.92 -11.91
N ALA A 301 -40.33 -13.55 -10.77
CA ALA A 301 -41.10 -14.81 -10.71
C ALA A 301 -42.48 -14.65 -11.33
N SER A 302 -43.16 -13.56 -10.97
CA SER A 302 -44.48 -13.22 -11.54
C SER A 302 -44.45 -13.09 -13.07
N MET A 303 -43.38 -12.48 -13.59
CA MET A 303 -43.23 -12.29 -15.05
C MET A 303 -43.15 -13.64 -15.75
N VAL A 304 -42.36 -14.55 -15.21
CA VAL A 304 -42.18 -15.86 -15.85
C VAL A 304 -43.48 -16.70 -15.81
N LEU A 305 -44.19 -16.71 -14.68
CA LEU A 305 -45.47 -17.43 -14.57
C LEU A 305 -46.49 -16.91 -15.60
N LYS A 306 -46.58 -15.58 -15.71
CA LYS A 306 -47.53 -14.95 -16.61
C LYS A 306 -47.19 -15.25 -18.08
N ASP A 307 -45.90 -15.24 -18.40
CA ASP A 307 -45.41 -15.50 -19.75
C ASP A 307 -45.94 -16.84 -20.28
N VAL A 308 -45.93 -17.87 -19.43
CA VAL A 308 -46.29 -19.21 -19.89
C VAL A 308 -47.67 -19.69 -19.46
N GLY A 309 -48.44 -18.80 -18.82
CA GLY A 309 -49.79 -19.11 -18.34
C GLY A 309 -49.90 -20.13 -17.22
N LEU A 310 -48.89 -20.19 -16.35
CA LEU A 310 -48.94 -21.05 -15.17
C LEU A 310 -49.31 -20.25 -13.93
N LYS A 311 -49.89 -20.94 -12.95
CA LYS A 311 -50.24 -20.36 -11.66
C LYS A 311 -49.18 -20.84 -10.68
N LYS A 312 -49.00 -20.08 -9.59
CA LYS A 312 -48.02 -20.39 -8.57
C LYS A 312 -48.21 -21.81 -7.99
N GLU A 313 -49.46 -22.28 -7.92
CA GLU A 313 -49.76 -23.65 -7.46
C GLU A 313 -49.18 -24.77 -8.33
N ASP A 314 -48.92 -24.47 -9.61
CA ASP A 314 -48.36 -25.43 -10.57
C ASP A 314 -46.86 -25.72 -10.36
N ILE A 315 -46.20 -24.91 -9.52
CA ILE A 315 -44.76 -25.08 -9.26
C ILE A 315 -44.51 -26.09 -8.12
N ALA A 316 -43.76 -27.14 -8.40
CA ALA A 316 -43.41 -28.18 -7.41
C ALA A 316 -42.34 -27.76 -6.40
N MET A 317 -41.34 -27.00 -6.86
CA MET A 317 -40.18 -26.62 -6.03
C MET A 317 -39.76 -25.20 -6.38
N TRP A 318 -39.52 -24.36 -5.37
CA TRP A 318 -39.05 -22.98 -5.53
C TRP A 318 -37.63 -22.91 -4.99
N GLU A 319 -36.74 -22.26 -5.73
CA GLU A 319 -35.42 -21.88 -5.19
C GLU A 319 -35.35 -20.35 -5.17
N VAL A 320 -35.55 -19.74 -4.00
CA VAL A 320 -35.45 -18.27 -3.83
C VAL A 320 -34.14 -18.05 -3.08
N ASN A 321 -33.14 -17.52 -3.78
CA ASN A 321 -31.81 -17.47 -3.19
C ASN A 321 -31.84 -16.78 -1.84
N GLU A 322 -31.21 -17.42 -0.85
CA GLU A 322 -31.21 -16.95 0.53
C GLU A 322 -30.13 -15.89 0.76
N ALA A 323 -30.23 -14.75 0.10
CA ALA A 323 -29.29 -13.66 0.36
C ALA A 323 -29.27 -13.30 1.85
N PHE A 324 -30.48 -13.20 2.42
CA PHE A 324 -30.70 -13.08 3.84
C PHE A 324 -31.95 -13.90 4.08
N SER A 325 -32.14 -14.40 5.31
CA SER A 325 -33.44 -15.01 5.68
C SER A 325 -34.62 -14.09 5.36
N LEU A 326 -34.42 -12.79 5.63
CA LEU A 326 -35.38 -11.74 5.33
C LEU A 326 -35.92 -11.82 3.89
N VAL A 327 -35.02 -12.03 2.92
CA VAL A 327 -35.41 -12.08 1.50
C VAL A 327 -36.43 -13.20 1.21
N VAL A 328 -36.16 -14.40 1.71
CA VAL A 328 -37.07 -15.54 1.46
C VAL A 328 -38.41 -15.28 2.13
N LEU A 329 -38.39 -14.82 3.38
CA LEU A 329 -39.65 -14.53 4.08
C LEU A 329 -40.51 -13.47 3.38
N ALA A 330 -39.85 -12.47 2.80
CA ALA A 330 -40.54 -11.40 2.06
C ALA A 330 -41.19 -11.95 0.81
N ASN A 331 -40.47 -12.81 0.09
CA ASN A 331 -41.00 -13.47 -1.10
C ASN A 331 -42.20 -14.37 -0.78
N ILE A 332 -42.08 -15.19 0.26
CA ILE A 332 -43.17 -16.08 0.71
C ILE A 332 -44.41 -15.24 1.08
N LYS A 333 -44.18 -14.11 1.75
CA LYS A 333 -45.27 -13.23 2.22
C LYS A 333 -46.04 -12.57 1.09
N MET A 334 -45.31 -12.02 0.10
CA MET A 334 -45.92 -11.33 -1.02
C MET A 334 -46.54 -12.31 -2.02
N LEU A 335 -45.91 -13.47 -2.23
CA LEU A 335 -46.41 -14.45 -3.21
C LEU A 335 -47.50 -15.36 -2.65
N GLU A 336 -47.52 -15.50 -1.32
CA GLU A 336 -48.43 -16.40 -0.58
C GLU A 336 -48.29 -17.85 -1.05
N ILE A 337 -47.06 -18.35 -1.00
CA ILE A 337 -46.80 -19.72 -1.44
C ILE A 337 -46.49 -20.60 -0.24
N ASP A 338 -46.60 -21.91 -0.44
CA ASP A 338 -46.39 -22.89 0.63
C ASP A 338 -44.90 -22.96 1.02
N PRO A 339 -44.55 -22.57 2.26
CA PRO A 339 -43.14 -22.60 2.66
C PRO A 339 -42.48 -23.97 2.58
N GLN A 340 -43.28 -25.05 2.63
CA GLN A 340 -42.73 -26.42 2.59
C GLN A 340 -42.20 -26.77 1.20
N LYS A 341 -42.44 -25.90 0.22
CA LYS A 341 -41.99 -26.12 -1.14
C LYS A 341 -40.84 -25.20 -1.52
N VAL A 342 -40.33 -24.45 -0.53
CA VAL A 342 -39.34 -23.40 -0.79
C VAL A 342 -37.98 -23.76 -0.17
N ASN A 343 -36.92 -23.69 -0.98
CA ASN A 343 -35.56 -24.01 -0.53
C ASN A 343 -35.48 -25.29 0.30
N ILE A 344 -36.04 -26.37 -0.25
CA ILE A 344 -36.30 -27.60 0.51
C ILE A 344 -35.04 -28.31 1.02
N ASN A 345 -33.92 -28.15 0.31
CA ASN A 345 -32.65 -28.79 0.68
C ASN A 345 -31.60 -27.80 1.19
N GLY A 346 -32.07 -26.71 1.79
CA GLY A 346 -31.19 -25.66 2.30
C GLY A 346 -30.95 -24.55 1.28
N GLY A 347 -30.03 -23.65 1.60
CA GLY A 347 -29.73 -22.52 0.71
C GLY A 347 -28.60 -21.68 1.25
N ALA A 348 -28.44 -20.49 0.66
CA ALA A 348 -27.26 -19.65 0.88
C ALA A 348 -26.97 -19.22 2.33
N VAL A 349 -28.01 -19.19 3.19
CA VAL A 349 -27.85 -18.81 4.60
C VAL A 349 -26.99 -19.85 5.33
N SER A 350 -27.13 -21.14 4.94
CA SER A 350 -26.42 -22.25 5.58
C SER A 350 -25.34 -22.90 4.71
N LEU A 351 -25.54 -22.89 3.39
CA LEU A 351 -24.55 -23.42 2.43
C LEU A 351 -23.48 -22.40 1.97
N GLY A 352 -23.76 -21.10 2.18
CA GLY A 352 -22.85 -20.07 1.71
C GLY A 352 -23.20 -19.48 0.35
N HIS A 353 -22.52 -18.39 -0.03
CA HIS A 353 -22.95 -17.51 -1.12
C HIS A 353 -21.75 -16.91 -1.88
N PRO A 354 -21.05 -17.74 -2.70
CA PRO A 354 -20.03 -17.17 -3.56
C PRO A 354 -20.80 -16.42 -4.63
N ILE A 355 -20.75 -15.09 -4.59
CA ILE A 355 -21.83 -14.37 -5.23
C ILE A 355 -22.06 -14.67 -6.71
N GLY A 356 -20.99 -14.76 -7.51
CA GLY A 356 -21.18 -14.98 -8.96
C GLY A 356 -21.61 -16.39 -9.32
N MET A 357 -21.55 -17.30 -8.35
CA MET A 357 -21.84 -18.74 -8.56
C MET A 357 -23.31 -19.15 -8.22
N SER A 358 -23.88 -18.51 -7.20
CA SER A 358 -25.17 -18.93 -6.60
C SER A 358 -26.37 -19.05 -7.57
N GLY A 359 -26.52 -18.10 -8.49
CA GLY A 359 -27.63 -18.16 -9.45
C GLY A 359 -27.56 -19.35 -10.42
N ALA A 360 -26.35 -19.82 -10.72
CA ALA A 360 -26.17 -21.10 -11.46
C ALA A 360 -26.44 -22.33 -10.57
N ARG A 361 -25.94 -22.31 -9.34
CA ARG A 361 -26.13 -23.43 -8.40
C ARG A 361 -27.62 -23.80 -8.25
N ILE A 362 -28.46 -22.79 -8.06
CA ILE A 362 -29.88 -23.05 -7.72
C ILE A 362 -30.65 -23.63 -8.91
N VAL A 363 -30.27 -23.22 -10.14
CA VAL A 363 -30.86 -23.83 -11.34
C VAL A 363 -30.37 -25.28 -11.46
N GLY A 364 -29.09 -25.51 -11.19
CA GLY A 364 -28.55 -26.88 -11.24
C GLY A 364 -29.18 -27.77 -10.17
N HIS A 365 -29.47 -27.21 -9.00
CA HIS A 365 -30.15 -28.03 -7.97
C HIS A 365 -31.55 -28.51 -8.37
N LEU A 366 -32.36 -27.59 -8.92
CA LEU A 366 -33.67 -27.97 -9.47
C LEU A 366 -33.56 -29.08 -10.50
N THR A 367 -32.55 -28.99 -11.36
CA THR A 367 -32.39 -30.00 -12.42
C THR A 367 -32.24 -31.41 -11.84
N HIS A 368 -31.53 -31.52 -10.72
CA HIS A 368 -31.34 -32.83 -10.11
C HIS A 368 -32.51 -33.26 -9.21
N ALA A 369 -33.10 -32.31 -8.47
CA ALA A 369 -34.10 -32.62 -7.44
C ALA A 369 -35.54 -32.80 -7.92
N LEU A 370 -35.90 -32.14 -9.02
CA LEU A 370 -37.27 -32.26 -9.54
C LEU A 370 -37.54 -33.69 -10.04
N LYS A 371 -38.77 -34.15 -9.88
CA LYS A 371 -39.18 -35.43 -10.49
C LYS A 371 -39.74 -35.17 -11.89
N GLN A 372 -39.75 -36.22 -12.73
CA GLN A 372 -40.20 -36.09 -14.13
C GLN A 372 -41.54 -35.36 -14.27
N GLY A 373 -41.60 -34.41 -15.20
CA GLY A 373 -42.82 -33.66 -15.46
C GLY A 373 -43.06 -32.43 -14.57
N GLU A 374 -42.36 -32.34 -13.45
CA GLU A 374 -42.51 -31.23 -12.48
C GLU A 374 -41.85 -29.94 -12.94
N TYR A 375 -42.45 -28.81 -12.54
CA TYR A 375 -41.89 -27.49 -12.82
C TYR A 375 -41.13 -26.96 -11.60
N GLY A 376 -39.96 -26.38 -11.82
CA GLY A 376 -39.21 -25.70 -10.74
C GLY A 376 -38.96 -24.23 -11.11
N LEU A 377 -39.03 -23.32 -10.13
CA LEU A 377 -38.81 -21.89 -10.42
C LEU A 377 -37.72 -21.38 -9.51
N ALA A 378 -36.66 -20.83 -10.11
CA ALA A 378 -35.52 -20.29 -9.35
C ALA A 378 -35.50 -18.78 -9.52
N SER A 379 -35.33 -18.04 -8.44
CA SER A 379 -35.24 -16.57 -8.54
C SER A 379 -34.10 -16.07 -7.65
N ILE A 380 -33.50 -14.93 -8.00
CA ILE A 380 -32.33 -14.47 -7.22
C ILE A 380 -32.23 -12.95 -7.30
N CYS A 381 -32.13 -12.28 -6.15
CA CYS A 381 -32.00 -10.80 -6.14
C CYS A 381 -30.57 -10.35 -6.46
N ASN A 382 -30.39 -9.08 -6.82
CA ASN A 382 -29.06 -8.53 -7.02
C ASN A 382 -28.97 -7.07 -6.60
N GLY A 383 -27.78 -6.70 -6.13
CA GLY A 383 -27.48 -5.32 -5.75
C GLY A 383 -27.81 -4.35 -6.87
N GLY A 384 -28.30 -3.19 -6.48
CA GLY A 384 -28.79 -2.18 -7.42
C GLY A 384 -30.31 -2.24 -7.60
N GLY A 385 -30.95 -3.29 -7.08
CA GLY A 385 -32.43 -3.40 -7.14
C GLY A 385 -32.95 -4.39 -8.18
N GLY A 386 -32.08 -5.26 -8.67
CA GLY A 386 -32.50 -6.25 -9.68
C GLY A 386 -32.88 -7.64 -9.20
N ALA A 387 -33.46 -8.42 -10.10
CA ALA A 387 -33.59 -9.88 -9.90
C ALA A 387 -33.69 -10.60 -11.24
N SER A 388 -33.27 -11.86 -11.26
CA SER A 388 -33.50 -12.74 -12.42
C SER A 388 -34.33 -13.95 -11.96
N ALA A 389 -35.11 -14.51 -12.89
CA ALA A 389 -35.84 -15.76 -12.59
C ALA A 389 -35.90 -16.68 -13.80
N MET A 390 -35.92 -17.99 -13.54
CA MET A 390 -36.00 -18.99 -14.60
C MET A 390 -36.95 -20.10 -14.18
N LEU A 391 -37.75 -20.57 -15.14
CA LEU A 391 -38.63 -21.73 -14.96
C LEU A 391 -38.12 -22.86 -15.82
N ILE A 392 -37.98 -24.05 -15.22
CA ILE A 392 -37.58 -25.26 -15.95
C ILE A 392 -38.61 -26.38 -15.70
N GLN A 393 -38.67 -27.36 -16.60
CA GLN A 393 -39.51 -28.56 -16.41
C GLN A 393 -38.65 -29.80 -16.55
N LYS A 394 -38.77 -30.70 -15.58
CA LYS A 394 -37.97 -31.92 -15.56
C LYS A 394 -38.46 -32.88 -16.65
N LEU A 395 -37.50 -33.46 -17.38
CA LEU A 395 -37.79 -34.42 -18.43
C LEU A 395 -37.61 -35.85 -17.93
N PRO B 5 -42.19 -18.99 -33.22
CA PRO B 5 -41.90 -17.59 -33.58
C PRO B 5 -40.62 -17.49 -34.37
N THR B 6 -40.57 -16.58 -35.34
CA THR B 6 -39.36 -16.35 -36.15
C THR B 6 -38.51 -15.22 -35.56
N LEU B 7 -37.25 -15.13 -35.99
CA LEU B 7 -36.31 -14.08 -35.51
C LEU B 7 -36.64 -12.67 -35.98
N LYS B 8 -36.59 -11.72 -35.05
CA LYS B 8 -36.89 -10.32 -35.37
C LYS B 8 -35.69 -9.59 -35.98
N GLU B 9 -35.99 -8.64 -36.87
CA GLU B 9 -35.00 -7.77 -37.50
C GLU B 9 -34.56 -6.69 -36.51
N VAL B 10 -33.25 -6.46 -36.42
CA VAL B 10 -32.68 -5.48 -35.47
C VAL B 10 -32.10 -4.26 -36.17
N VAL B 11 -32.43 -3.07 -35.67
CA VAL B 11 -31.92 -1.83 -36.24
C VAL B 11 -31.23 -0.93 -35.20
N ILE B 12 -30.19 -0.22 -35.66
CA ILE B 12 -29.55 0.82 -34.88
C ILE B 12 -30.26 2.16 -35.17
N VAL B 13 -30.75 2.82 -34.12
CA VAL B 13 -31.51 4.06 -34.28
C VAL B 13 -30.68 5.31 -33.92
N SER B 14 -29.68 5.15 -33.06
CA SER B 14 -28.75 6.22 -32.72
C SER B 14 -27.46 5.60 -32.20
N ALA B 15 -26.39 6.37 -32.25
CA ALA B 15 -25.10 5.96 -31.76
C ALA B 15 -24.34 7.23 -31.34
N THR B 16 -23.94 7.32 -30.08
CA THR B 16 -23.32 8.54 -29.54
C THR B 16 -22.15 8.16 -28.64
N ARG B 17 -21.15 9.05 -28.56
CA ARG B 17 -20.01 8.82 -27.69
C ARG B 17 -19.53 10.12 -27.09
N THR B 18 -18.85 10.00 -25.95
CA THR B 18 -18.02 11.08 -25.41
C THR B 18 -16.79 11.23 -26.32
N PRO B 19 -16.09 12.38 -26.23
CA PRO B 19 -14.75 12.43 -26.78
C PRO B 19 -13.89 11.45 -26.01
N ILE B 20 -12.75 11.06 -26.58
CA ILE B 20 -11.83 10.18 -25.87
C ILE B 20 -10.74 11.04 -25.21
N GLY B 21 -10.57 10.87 -23.89
CA GLY B 21 -9.55 11.62 -23.14
C GLY B 21 -8.25 10.84 -23.03
N SER B 22 -7.12 11.55 -22.94
CA SER B 22 -5.81 10.92 -22.70
C SER B 22 -5.64 10.44 -21.24
N PHE B 23 -4.70 9.51 -21.04
CA PHE B 23 -4.40 8.93 -19.71
C PHE B 23 -4.04 10.04 -18.75
N LEU B 24 -4.78 10.15 -17.65
CA LEU B 24 -4.60 11.23 -16.66
C LEU B 24 -4.81 12.62 -17.26
N GLY B 25 -5.64 12.70 -18.31
CA GLY B 25 -5.85 13.93 -19.07
C GLY B 25 -7.20 14.61 -18.84
N SER B 26 -7.80 15.09 -19.92
CA SER B 26 -8.92 16.04 -19.83
C SER B 26 -10.20 15.51 -19.17
N LEU B 27 -10.40 14.19 -19.21
CA LEU B 27 -11.60 13.53 -18.64
C LEU B 27 -11.28 12.66 -17.41
N SER B 28 -10.05 12.76 -16.92
CA SER B 28 -9.58 11.87 -15.86
C SER B 28 -10.31 12.03 -14.52
N LEU B 29 -11.00 13.16 -14.33
CA LEU B 29 -11.78 13.35 -13.09
C LEU B 29 -13.12 12.60 -13.08
N LEU B 30 -13.55 12.09 -14.23
CA LEU B 30 -14.87 11.47 -14.33
C LEU B 30 -14.74 9.95 -14.25
N PRO B 31 -15.53 9.29 -13.38
CA PRO B 31 -15.50 7.82 -13.37
C PRO B 31 -16.07 7.23 -14.67
N ALA B 32 -15.71 5.98 -15.01
CA ALA B 32 -16.23 5.29 -16.20
C ALA B 32 -17.75 5.33 -16.24
N THR B 33 -18.39 5.15 -15.07
CA THR B 33 -19.86 5.10 -14.99
C THR B 33 -20.50 6.44 -15.36
N LYS B 34 -19.82 7.55 -15.02
CA LYS B 34 -20.32 8.88 -15.36
C LYS B 34 -20.22 9.13 -16.87
N LEU B 35 -19.08 8.76 -17.45
CA LEU B 35 -18.95 8.78 -18.91
C LEU B 35 -20.03 7.95 -19.58
N GLY B 36 -20.29 6.74 -19.05
CA GLY B 36 -21.41 5.93 -19.53
C GLY B 36 -22.77 6.64 -19.53
N SER B 37 -23.10 7.30 -18.42
CA SER B 37 -24.34 8.06 -18.30
C SER B 37 -24.43 9.14 -19.40
N ILE B 38 -23.32 9.81 -19.64
CA ILE B 38 -23.30 10.91 -20.62
C ILE B 38 -23.60 10.36 -22.03
N ALA B 39 -22.94 9.25 -22.40
CA ALA B 39 -23.16 8.62 -23.73
C ALA B 39 -24.58 8.07 -23.87
N ILE B 40 -25.07 7.43 -22.81
CA ILE B 40 -26.42 6.84 -22.81
C ILE B 40 -27.50 7.93 -22.91
N GLN B 41 -27.35 8.99 -22.13
CA GLN B 41 -28.29 10.10 -22.19
C GLN B 41 -28.31 10.73 -23.58
N GLY B 42 -27.13 10.97 -24.16
CA GLY B 42 -27.01 11.49 -25.53
C GLY B 42 -27.64 10.60 -26.60
N ALA B 43 -27.40 9.29 -26.52
CA ALA B 43 -27.98 8.34 -27.47
C ALA B 43 -29.51 8.34 -27.45
N ILE B 44 -30.08 8.43 -26.26
CA ILE B 44 -31.55 8.46 -26.14
C ILE B 44 -32.14 9.78 -26.67
N GLU B 45 -31.53 10.90 -26.30
CA GLU B 45 -31.92 12.20 -26.87
C GLU B 45 -31.92 12.18 -28.41
N LYS B 46 -30.80 11.74 -29.00
CA LYS B 46 -30.68 11.63 -30.46
C LYS B 46 -31.72 10.70 -31.10
N ALA B 47 -32.08 9.63 -30.40
CA ALA B 47 -33.08 8.67 -30.91
C ALA B 47 -34.47 9.28 -30.99
N GLY B 48 -34.73 10.27 -30.13
CA GLY B 48 -36.03 10.95 -30.11
C GLY B 48 -37.16 10.13 -29.52
N ILE B 49 -36.82 9.17 -28.67
CA ILE B 49 -37.84 8.33 -28.06
C ILE B 49 -37.98 8.67 -26.58
N PRO B 50 -39.15 8.36 -25.98
CA PRO B 50 -39.25 8.52 -24.53
C PRO B 50 -38.25 7.58 -23.87
N LYS B 51 -37.55 8.06 -22.83
CA LYS B 51 -36.59 7.21 -22.11
C LYS B 51 -37.22 5.94 -21.50
N GLU B 52 -38.52 6.01 -21.18
CA GLU B 52 -39.26 4.85 -20.66
C GLU B 52 -39.35 3.67 -21.65
N GLU B 53 -39.08 3.95 -22.92
CA GLU B 53 -39.15 2.89 -23.94
C GLU B 53 -37.96 1.94 -23.88
N VAL B 54 -36.84 2.40 -23.33
CA VAL B 54 -35.65 1.55 -23.18
C VAL B 54 -35.89 0.49 -22.11
N LYS B 55 -35.84 -0.78 -22.50
CA LYS B 55 -36.29 -1.86 -21.60
C LYS B 55 -35.19 -2.51 -20.76
N GLU B 56 -33.96 -2.50 -21.27
CA GLU B 56 -32.83 -3.22 -20.66
C GLU B 56 -31.51 -2.66 -21.23
N ALA B 57 -30.41 -2.80 -20.48
CA ALA B 57 -29.11 -2.23 -20.91
C ALA B 57 -27.95 -3.17 -20.63
N TYR B 58 -27.02 -3.26 -21.59
CA TYR B 58 -25.77 -4.01 -21.47
C TYR B 58 -24.64 -3.05 -21.77
N MET B 59 -23.64 -2.95 -20.89
CA MET B 59 -22.41 -2.16 -21.19
C MET B 59 -21.13 -2.99 -21.01
N GLY B 60 -20.23 -2.89 -21.99
CA GLY B 60 -18.86 -3.44 -21.88
C GLY B 60 -18.01 -2.60 -20.94
N ASN B 61 -17.12 -3.24 -20.17
CA ASN B 61 -16.32 -2.54 -19.12
C ASN B 61 -15.33 -3.60 -18.64
N VAL B 62 -14.04 -3.42 -18.92
CA VAL B 62 -13.06 -4.48 -18.69
C VAL B 62 -12.49 -4.40 -17.27
N LEU B 63 -12.24 -3.17 -16.80
CA LEU B 63 -11.49 -2.96 -15.56
C LEU B 63 -12.44 -2.39 -14.51
N GLN B 64 -13.19 -3.28 -13.86
CA GLN B 64 -14.35 -2.93 -13.05
C GLN B 64 -13.97 -2.65 -11.58
N GLY B 65 -12.74 -2.98 -11.21
CA GLY B 65 -12.26 -2.84 -9.81
C GLY B 65 -12.35 -1.43 -9.24
N GLY B 66 -13.00 -1.28 -8.08
CA GLY B 66 -13.14 0.05 -7.46
C GLY B 66 -14.22 0.97 -8.02
N GLU B 67 -14.92 0.57 -9.08
CA GLU B 67 -16.00 1.40 -9.65
C GLU B 67 -17.33 1.35 -8.84
N GLY B 68 -17.39 0.50 -7.81
CA GLY B 68 -18.62 0.34 -7.03
C GLY B 68 -19.51 -0.72 -7.61
N GLN B 69 -20.62 -1.01 -6.93
CA GLN B 69 -21.50 -2.13 -7.29
C GLN B 69 -22.23 -1.88 -8.60
N ALA B 70 -22.35 -2.94 -9.42
CA ALA B 70 -23.10 -2.95 -10.69
C ALA B 70 -22.81 -1.72 -11.59
N PRO B 71 -21.61 -1.65 -12.22
CA PRO B 71 -21.28 -0.47 -13.07
C PRO B 71 -22.33 -0.07 -14.10
N THR B 72 -22.89 -1.02 -14.85
CA THR B 72 -23.94 -0.65 -15.83
C THR B 72 -25.15 -0.01 -15.18
N ARG B 73 -25.58 -0.53 -14.03
CA ARG B 73 -26.73 0.06 -13.30
C ARG B 73 -26.43 1.52 -12.93
N GLN B 74 -25.22 1.80 -12.44
CA GLN B 74 -24.81 3.18 -12.14
C GLN B 74 -24.87 4.10 -13.38
N ALA B 75 -24.44 3.60 -14.54
CA ALA B 75 -24.49 4.38 -15.78
C ALA B 75 -25.93 4.68 -16.19
N VAL B 76 -26.77 3.66 -16.11
CA VAL B 76 -28.18 3.74 -16.52
C VAL B 76 -28.99 4.70 -15.63
N LEU B 77 -28.90 4.49 -14.32
CA LEU B 77 -29.64 5.33 -13.36
C LEU B 77 -29.12 6.77 -13.40
N GLY B 78 -27.80 6.93 -13.52
CA GLY B 78 -27.15 8.23 -13.71
C GLY B 78 -27.60 9.00 -14.96
N ALA B 79 -28.05 8.28 -15.99
CA ALA B 79 -28.56 8.88 -17.22
C ALA B 79 -30.04 9.26 -17.14
N GLY B 80 -30.65 8.91 -16.02
CA GLY B 80 -32.06 9.21 -15.78
C GLY B 80 -33.04 8.17 -16.28
N LEU B 81 -32.58 6.97 -16.63
CA LEU B 81 -33.52 5.92 -17.07
C LEU B 81 -34.29 5.33 -15.88
N PRO B 82 -35.45 4.68 -16.14
CA PRO B 82 -36.25 4.23 -15.00
C PRO B 82 -35.59 3.16 -14.14
N ILE B 83 -35.94 3.13 -12.85
CA ILE B 83 -35.45 2.07 -11.96
C ILE B 83 -35.93 0.68 -12.34
N SER B 84 -36.89 0.60 -13.27
CA SER B 84 -37.34 -0.69 -13.72
C SER B 84 -36.46 -1.31 -14.85
N THR B 85 -35.34 -0.65 -15.19
CA THR B 85 -34.46 -1.11 -16.26
C THR B 85 -33.38 -2.09 -15.77
N PRO B 86 -33.47 -3.39 -16.18
CA PRO B 86 -32.42 -4.36 -15.78
C PRO B 86 -31.11 -4.08 -16.49
N CYS B 87 -30.01 -4.38 -15.81
CA CYS B 87 -28.65 -4.02 -16.28
C CYS B 87 -27.64 -5.16 -16.08
N THR B 88 -26.78 -5.39 -17.09
CA THR B 88 -25.69 -6.38 -17.00
C THR B 88 -24.40 -5.79 -17.57
N THR B 89 -23.28 -6.01 -16.86
CA THR B 89 -21.94 -5.55 -17.32
C THR B 89 -21.15 -6.71 -17.99
N ILE B 90 -20.56 -6.40 -19.14
CA ILE B 90 -20.01 -7.42 -20.06
C ILE B 90 -18.50 -7.28 -20.17
N ASN B 91 -17.78 -8.39 -20.03
CA ASN B 91 -16.31 -8.38 -20.16
C ASN B 91 -15.78 -9.43 -21.15
N LYS B 92 -15.46 -8.98 -22.36
CA LYS B 92 -14.74 -9.82 -23.35
C LYS B 92 -13.43 -9.09 -23.73
N VAL B 93 -12.77 -8.55 -22.71
CA VAL B 93 -11.58 -7.71 -22.88
C VAL B 93 -11.85 -6.63 -23.94
N CSO B 94 -10.95 -6.41 -24.91
CA CSO B 94 -11.14 -5.30 -25.88
CB CSO B 94 -9.93 -5.06 -26.80
SG CSO B 94 -8.41 -4.94 -25.89
C CSO B 94 -12.37 -5.45 -26.75
O CSO B 94 -12.78 -4.48 -27.36
OD CSO B 94 -7.95 -6.65 -25.62
N ALA B 95 -12.93 -6.66 -26.81
CA ALA B 95 -14.13 -6.89 -27.64
C ALA B 95 -15.43 -6.55 -26.88
N SER B 96 -15.30 -6.15 -25.61
CA SER B 96 -16.47 -5.94 -24.71
C SER B 96 -17.62 -5.07 -25.29
N GLY B 97 -17.26 -3.90 -25.82
CA GLY B 97 -18.24 -2.96 -26.36
C GLY B 97 -19.01 -3.51 -27.57
N MET B 98 -18.35 -4.31 -28.41
CA MET B 98 -19.04 -4.98 -29.52
C MET B 98 -19.89 -6.15 -29.03
N LYS B 99 -19.32 -6.93 -28.12
CA LYS B 99 -20.01 -8.13 -27.67
C LYS B 99 -21.32 -7.74 -26.96
N ALA B 100 -21.29 -6.61 -26.22
CA ALA B 100 -22.53 -6.05 -25.64
C ALA B 100 -23.61 -5.79 -26.69
N ILE B 101 -23.24 -5.20 -27.84
CA ILE B 101 -24.21 -4.94 -28.92
C ILE B 101 -24.78 -6.25 -29.52
N MET B 102 -23.89 -7.23 -29.72
CA MET B 102 -24.26 -8.56 -30.23
C MET B 102 -25.23 -9.27 -29.31
N MET B 103 -24.93 -9.28 -28.01
CA MET B 103 -25.80 -9.94 -27.01
C MET B 103 -27.18 -9.27 -26.89
N ALA B 104 -27.19 -7.93 -26.90
CA ALA B 104 -28.47 -7.19 -26.95
C ALA B 104 -29.26 -7.55 -28.23
N SER B 105 -28.57 -7.62 -29.37
CA SER B 105 -29.24 -8.02 -30.63
C SER B 105 -29.90 -9.39 -30.51
N GLN B 106 -29.21 -10.35 -29.88
CA GLN B 106 -29.83 -11.67 -29.66
C GLN B 106 -31.10 -11.63 -28.80
N SER B 107 -31.13 -10.77 -27.78
CA SER B 107 -32.31 -10.63 -26.92
C SER B 107 -33.48 -10.08 -27.74
N LEU B 108 -33.21 -9.05 -28.54
CA LEU B 108 -34.19 -8.49 -29.47
C LEU B 108 -34.67 -9.50 -30.52
N MET B 109 -33.73 -10.25 -31.10
CA MET B 109 -34.09 -11.29 -32.10
C MET B 109 -35.07 -12.33 -31.56
N CYS B 110 -34.92 -12.66 -30.28
CA CYS B 110 -35.79 -13.61 -29.57
C CYS B 110 -37.16 -13.05 -29.21
N GLY B 111 -37.33 -11.74 -29.38
CA GLY B 111 -38.55 -11.08 -28.91
C GLY B 111 -38.62 -10.88 -27.40
N HIS B 112 -37.48 -10.90 -26.71
CA HIS B 112 -37.47 -10.80 -25.24
C HIS B 112 -37.53 -9.37 -24.72
N GLN B 113 -37.08 -8.45 -25.58
CA GLN B 113 -37.21 -7.00 -25.40
C GLN B 113 -37.43 -6.41 -26.77
N ASP B 114 -38.03 -5.23 -26.84
CA ASP B 114 -38.19 -4.56 -28.13
C ASP B 114 -37.27 -3.35 -28.33
N VAL B 115 -36.79 -2.76 -27.22
CA VAL B 115 -35.85 -1.62 -27.24
C VAL B 115 -34.80 -1.82 -26.17
N MET B 116 -33.53 -1.64 -26.54
CA MET B 116 -32.39 -1.76 -25.61
C MET B 116 -31.33 -0.69 -25.86
N VAL B 117 -30.51 -0.45 -24.84
CA VAL B 117 -29.27 0.31 -25.01
C VAL B 117 -28.05 -0.64 -24.81
N ALA B 118 -27.07 -0.53 -25.70
CA ALA B 118 -25.85 -1.33 -25.59
C ALA B 118 -24.65 -0.46 -25.95
N GLY B 119 -23.52 -0.71 -25.31
CA GLY B 119 -22.34 0.11 -25.59
C GLY B 119 -21.20 -0.31 -24.72
N GLY B 120 -20.28 0.61 -24.47
CA GLY B 120 -19.15 0.31 -23.60
C GLY B 120 -18.57 1.56 -22.96
N MET B 121 -17.82 1.35 -21.89
CA MET B 121 -17.23 2.45 -21.09
C MET B 121 -15.94 2.00 -20.42
N GLU B 122 -15.01 2.94 -20.24
CA GLU B 122 -13.74 2.65 -19.55
C GLU B 122 -13.10 3.98 -19.10
N SER B 123 -12.58 4.00 -17.88
CA SER B 123 -11.76 5.11 -17.38
C SER B 123 -10.43 4.54 -16.95
N MET B 124 -9.48 4.46 -17.88
CA MET B 124 -8.19 3.88 -17.49
C MET B 124 -7.44 4.74 -16.45
N SER B 125 -7.68 6.05 -16.47
CA SER B 125 -7.10 6.99 -15.50
C SER B 125 -7.44 6.62 -14.05
N ASN B 126 -8.63 6.03 -13.83
CA ASN B 126 -9.10 5.69 -12.48
C ASN B 126 -8.99 4.21 -12.08
N VAL B 127 -8.34 3.38 -12.90
CA VAL B 127 -8.08 1.97 -12.55
C VAL B 127 -7.06 1.91 -11.40
N PRO B 128 -7.39 1.15 -10.32
CA PRO B 128 -6.53 1.14 -9.13
C PRO B 128 -5.40 0.12 -9.12
N TYR B 129 -4.65 0.11 -8.01
CA TYR B 129 -3.68 -0.92 -7.69
C TYR B 129 -4.30 -1.87 -6.67
N VAL B 130 -3.79 -3.10 -6.64
CA VAL B 130 -4.30 -4.14 -5.72
C VAL B 130 -3.25 -4.70 -4.76
N MET B 131 -3.70 -4.99 -3.53
CA MET B 131 -2.91 -5.71 -2.55
C MET B 131 -3.65 -6.99 -2.21
N ASN B 132 -2.95 -8.12 -2.27
CA ASN B 132 -3.55 -9.41 -1.88
C ASN B 132 -4.08 -9.43 -0.45
N ARG B 133 -5.22 -10.09 -0.26
CA ARG B 133 -5.74 -10.39 1.07
C ARG B 133 -4.79 -11.39 1.71
N GLY B 134 -4.51 -11.20 3.00
CA GLY B 134 -3.67 -12.15 3.73
C GLY B 134 -2.58 -11.48 4.54
N SER B 135 -1.59 -12.26 4.99
CA SER B 135 -0.46 -11.67 5.72
C SER B 135 0.64 -11.19 4.78
N THR B 136 1.19 -10.03 5.09
CA THR B 136 2.26 -9.43 4.28
C THR B 136 3.53 -10.29 4.38
N PRO B 137 4.13 -10.64 3.23
CA PRO B 137 5.33 -11.49 3.30
C PRO B 137 6.54 -10.72 3.78
N TYR B 138 7.39 -11.36 4.60
CA TYR B 138 8.66 -10.76 5.02
C TYR B 138 9.40 -10.23 3.79
N GLY B 139 9.94 -9.02 3.86
CA GLY B 139 10.69 -8.47 2.76
C GLY B 139 9.91 -7.56 1.81
N GLY B 140 8.59 -7.50 2.00
CA GLY B 140 7.73 -6.59 1.23
C GLY B 140 7.05 -7.19 0.02
N VAL B 141 6.35 -6.34 -0.73
CA VAL B 141 5.58 -6.77 -1.91
C VAL B 141 5.29 -5.55 -2.80
N LYS B 142 5.16 -5.79 -4.11
CA LYS B 142 4.72 -4.77 -5.05
C LYS B 142 3.21 -4.91 -5.28
N LEU B 143 2.48 -3.83 -5.04
CA LEU B 143 1.06 -3.74 -5.35
C LEU B 143 0.92 -3.62 -6.85
N GLU B 144 0.24 -4.58 -7.46
CA GLU B 144 0.13 -4.63 -8.92
C GLU B 144 -0.85 -3.59 -9.48
N ASP B 145 -0.49 -3.04 -10.65
CA ASP B 145 -1.32 -2.16 -11.43
C ASP B 145 -2.34 -3.02 -12.20
N LEU B 146 -3.63 -2.80 -11.93
CA LEU B 146 -4.67 -3.60 -12.61
C LEU B 146 -4.75 -3.41 -14.13
N ILE B 147 -4.32 -2.25 -14.64
CA ILE B 147 -4.22 -2.06 -16.10
C ILE B 147 -3.32 -3.14 -16.67
N VAL B 148 -2.17 -3.31 -16.04
CA VAL B 148 -1.18 -4.28 -16.47
C VAL B 148 -1.65 -5.71 -16.19
N LYS B 149 -2.13 -5.97 -14.96
CA LYS B 149 -2.40 -7.36 -14.55
C LYS B 149 -3.67 -7.92 -15.19
N ASP B 150 -4.73 -7.12 -15.26
CA ASP B 150 -6.01 -7.60 -15.79
C ASP B 150 -6.21 -7.19 -17.26
N GLY B 151 -5.65 -6.04 -17.63
CA GLY B 151 -5.92 -5.49 -18.96
C GLY B 151 -4.99 -6.00 -20.04
N LEU B 152 -3.69 -6.04 -19.75
CA LEU B 152 -2.67 -6.10 -20.80
C LEU B 152 -1.65 -7.24 -20.77
N THR B 153 -1.72 -8.11 -19.77
CA THR B 153 -0.81 -9.26 -19.70
C THR B 153 -1.53 -10.52 -20.10
N ASP B 154 -0.97 -11.25 -21.06
CA ASP B 154 -1.50 -12.56 -21.44
C ASP B 154 -1.19 -13.59 -20.35
N VAL B 155 -2.22 -14.30 -19.92
CA VAL B 155 -2.09 -15.16 -18.75
C VAL B 155 -1.12 -16.31 -19.01
N TYR B 156 -1.21 -16.88 -20.22
CA TYR B 156 -0.57 -18.17 -20.53
C TYR B 156 0.92 -18.01 -20.90
N ASN B 157 1.22 -16.94 -21.64
CA ASN B 157 2.59 -16.62 -22.05
C ASN B 157 3.34 -15.73 -21.07
N LYS B 158 2.58 -15.09 -20.17
CA LYS B 158 3.13 -14.18 -19.14
C LYS B 158 3.91 -13.01 -19.75
N ILE B 159 3.39 -12.48 -20.84
CA ILE B 159 3.99 -11.35 -21.53
C ILE B 159 2.90 -10.33 -21.87
N HIS B 160 3.32 -9.11 -22.18
CA HIS B 160 2.42 -8.01 -22.55
C HIS B 160 1.77 -8.28 -23.91
N MET B 161 0.56 -7.76 -24.11
CA MET B 161 -0.11 -7.77 -25.42
C MET B 161 0.85 -7.31 -26.52
N GLY B 162 1.72 -6.36 -26.19
CA GLY B 162 2.66 -5.77 -27.17
C GLY B 162 3.71 -6.78 -27.61
N SER B 163 4.08 -7.69 -26.71
CA SER B 163 5.04 -8.74 -27.07
C SER B 163 4.39 -9.84 -27.88
N CYS B 164 3.09 -10.08 -27.67
CA CYS B 164 2.31 -10.97 -28.54
C CYS B 164 2.26 -10.43 -29.97
N ALA B 165 2.07 -9.12 -30.10
CA ALA B 165 2.08 -8.50 -31.42
C ALA B 165 3.44 -8.66 -32.12
N GLU B 166 4.53 -8.61 -31.35
CA GLU B 166 5.89 -8.82 -31.89
C GLU B 166 6.02 -10.17 -32.57
N ASN B 167 5.33 -11.17 -32.00
CA ASN B 167 5.38 -12.54 -32.50
C ASN B 167 4.76 -12.62 -33.88
N THR B 168 3.66 -11.91 -34.09
CA THR B 168 2.98 -11.85 -35.38
C THR B 168 3.81 -11.02 -36.39
N ALA B 169 4.46 -9.96 -35.90
CA ALA B 169 5.31 -9.14 -36.78
C ALA B 169 6.44 -9.97 -37.38
N LYS B 170 7.01 -10.84 -36.56
CA LYS B 170 8.06 -11.77 -37.02
C LYS B 170 7.52 -12.80 -38.00
N LYS B 171 6.39 -13.43 -37.66
CA LYS B 171 5.79 -14.45 -38.53
C LYS B 171 5.29 -13.95 -39.88
N LEU B 172 4.76 -12.74 -39.92
CA LEU B 172 4.19 -12.23 -41.17
C LEU B 172 5.14 -11.25 -41.88
N ASN B 173 6.34 -11.06 -41.32
CA ASN B 173 7.31 -10.12 -41.87
C ASN B 173 6.79 -8.69 -42.05
N ILE B 174 6.22 -8.15 -40.98
CA ILE B 174 5.70 -6.79 -40.99
C ILE B 174 6.66 -5.91 -40.17
N ALA B 175 7.41 -5.06 -40.87
CA ALA B 175 8.58 -4.39 -40.30
C ALA B 175 8.22 -3.09 -39.56
N ARG B 176 9.17 -2.63 -38.76
CA ARG B 176 9.09 -1.36 -38.03
C ARG B 176 8.62 -0.21 -38.93
N ASN B 177 9.24 -0.06 -40.11
CA ASN B 177 8.94 1.09 -40.97
C ASN B 177 7.50 1.08 -41.48
N GLU B 178 7.00 -0.12 -41.79
CA GLU B 178 5.62 -0.28 -42.25
C GLU B 178 4.62 0.03 -41.14
N GLN B 179 4.92 -0.44 -39.93
CA GLN B 179 4.10 -0.12 -38.75
C GLN B 179 4.08 1.39 -38.48
N ASP B 180 5.25 2.04 -38.54
CA ASP B 180 5.34 3.52 -38.38
C ASP B 180 4.59 4.27 -39.48
N ALA B 181 4.67 3.81 -40.73
CA ALA B 181 3.86 4.42 -41.81
C ALA B 181 2.36 4.34 -41.55
N TYR B 182 1.90 3.19 -41.07
CA TYR B 182 0.47 3.02 -40.79
C TYR B 182 0.03 3.98 -39.67
N ALA B 183 0.83 4.06 -38.61
CA ALA B 183 0.53 4.93 -37.44
C ALA B 183 0.43 6.40 -37.85
N ILE B 184 1.42 6.88 -38.61
CA ILE B 184 1.36 8.26 -39.13
C ILE B 184 0.10 8.51 -39.98
N ASN B 185 -0.24 7.53 -40.81
CA ASN B 185 -1.50 7.53 -41.54
C ASN B 185 -2.77 7.69 -40.64
N SER B 186 -2.83 6.91 -39.55
CA SER B 186 -3.93 7.03 -38.58
C SER B 186 -4.02 8.44 -37.98
N TYR B 187 -2.90 9.00 -37.53
CA TYR B 187 -2.91 10.37 -37.00
C TYR B 187 -3.38 11.40 -38.03
N THR B 188 -2.95 11.21 -39.29
CA THR B 188 -3.29 12.12 -40.39
C THR B 188 -4.79 12.04 -40.71
N ARG B 189 -5.34 10.83 -40.73
CA ARG B 189 -6.77 10.64 -41.03
C ARG B 189 -7.68 11.21 -39.91
N SER B 190 -7.24 11.04 -38.67
CA SER B 190 -7.98 11.55 -37.48
C SER B 190 -8.07 13.09 -37.48
N LYS B 191 -6.94 13.75 -37.68
CA LYS B 191 -6.91 15.21 -37.77
C LYS B 191 -7.80 15.72 -38.91
N ALA B 192 -7.62 15.16 -40.11
CA ALA B 192 -8.44 15.51 -41.28
C ALA B 192 -9.94 15.35 -41.05
N ALA B 193 -10.34 14.26 -40.40
CA ALA B 193 -11.76 14.01 -40.12
C ALA B 193 -12.32 14.99 -39.10
N TRP B 194 -11.56 15.29 -38.05
CA TRP B 194 -12.00 16.32 -37.11
C TRP B 194 -12.15 17.70 -37.79
N GLU B 195 -11.14 18.06 -38.58
CA GLU B 195 -11.18 19.34 -39.31
C GLU B 195 -12.32 19.43 -40.32
N ALA B 196 -12.74 18.30 -40.86
CA ALA B 196 -13.86 18.25 -41.81
C ALA B 196 -15.23 18.11 -41.11
N GLY B 197 -15.23 18.13 -39.78
CA GLY B 197 -16.48 18.03 -39.02
C GLY B 197 -17.20 16.72 -39.14
N LYS B 198 -16.46 15.62 -39.30
CA LYS B 198 -17.08 14.32 -39.56
C LYS B 198 -17.63 13.61 -38.32
N PHE B 199 -17.43 14.22 -37.15
CA PHE B 199 -17.85 13.64 -35.86
C PHE B 199 -19.00 14.43 -35.21
N GLY B 200 -19.60 15.33 -35.98
CA GLY B 200 -20.59 16.24 -35.48
C GLY B 200 -21.88 15.62 -34.99
N ASN B 201 -22.28 14.50 -35.57
CA ASN B 201 -23.45 13.79 -35.10
C ASN B 201 -23.08 12.67 -34.11
N GLU B 202 -21.81 12.28 -34.10
CA GLU B 202 -21.32 11.14 -33.33
C GLU B 202 -20.88 11.51 -31.90
N VAL B 203 -20.12 12.60 -31.77
CA VAL B 203 -19.52 12.97 -30.49
C VAL B 203 -20.37 14.06 -29.81
N ILE B 204 -20.58 13.91 -28.50
CA ILE B 204 -21.20 14.99 -27.71
C ILE B 204 -20.20 15.55 -26.70
N PRO B 205 -20.18 16.89 -26.55
CA PRO B 205 -19.16 17.49 -25.67
C PRO B 205 -19.37 17.21 -24.18
N VAL B 206 -18.30 17.31 -23.40
CA VAL B 206 -18.36 17.06 -21.95
C VAL B 206 -17.85 18.31 -21.18
N THR B 207 -18.67 18.80 -20.25
CA THR B 207 -18.26 19.92 -19.38
C THR B 207 -17.72 19.36 -18.07
N VAL B 208 -16.47 19.69 -17.76
CA VAL B 208 -15.84 19.26 -16.52
C VAL B 208 -15.84 20.42 -15.52
N THR B 209 -16.56 20.21 -14.42
CA THR B 209 -16.79 21.23 -13.40
C THR B 209 -15.92 20.96 -12.16
N VAL B 210 -15.09 21.93 -11.79
CA VAL B 210 -14.25 21.88 -10.58
C VAL B 210 -14.44 23.12 -9.69
N LYS B 211 -14.94 22.90 -8.46
CA LYS B 211 -15.19 23.98 -7.49
C LYS B 211 -13.98 24.87 -7.27
N GLY B 212 -14.12 26.15 -7.62
CA GLY B 212 -13.05 27.13 -7.45
C GLY B 212 -12.25 27.37 -8.71
N GLN B 213 -12.63 26.69 -9.79
CA GLN B 213 -12.02 26.91 -11.10
C GLN B 213 -13.09 27.02 -12.20
N PRO B 214 -12.75 27.66 -13.33
CA PRO B 214 -13.72 27.72 -14.44
C PRO B 214 -13.96 26.35 -15.06
N ASP B 215 -15.16 26.17 -15.62
CA ASP B 215 -15.53 24.97 -16.37
C ASP B 215 -14.58 24.73 -17.53
N VAL B 216 -14.39 23.46 -17.88
CA VAL B 216 -13.64 23.09 -19.07
C VAL B 216 -14.59 22.30 -19.97
N VAL B 217 -14.76 22.76 -21.20
CA VAL B 217 -15.61 22.04 -22.16
C VAL B 217 -14.70 21.21 -23.07
N VAL B 218 -14.82 19.89 -22.96
CA VAL B 218 -14.07 18.97 -23.82
C VAL B 218 -14.97 18.61 -25.02
N LYS B 219 -14.58 19.07 -26.21
CA LYS B 219 -15.44 18.98 -27.39
C LYS B 219 -14.86 18.06 -28.46
N GLU B 220 -13.60 17.70 -28.34
CA GLU B 220 -12.99 16.77 -29.31
C GLU B 220 -12.00 15.80 -28.69
N ASP B 221 -11.70 14.72 -29.43
CA ASP B 221 -10.71 13.73 -29.03
C ASP B 221 -9.37 14.40 -28.72
N GLU B 222 -8.76 14.03 -27.58
CA GLU B 222 -7.52 14.64 -27.08
C GLU B 222 -6.24 14.04 -27.68
N GLU B 223 -6.27 12.73 -27.94
CA GLU B 223 -5.04 11.98 -28.22
C GLU B 223 -4.37 12.30 -29.55
N TYR B 224 -5.14 12.63 -30.58
CA TYR B 224 -4.58 12.67 -31.94
C TYR B 224 -3.62 13.87 -32.15
N LYS B 225 -3.70 14.86 -31.24
CA LYS B 225 -2.81 16.03 -31.28
C LYS B 225 -1.46 15.77 -30.59
N ARG B 226 -1.34 14.64 -29.90
CA ARG B 226 -0.12 14.32 -29.15
C ARG B 226 0.80 13.44 -30.00
N VAL B 227 1.44 14.05 -30.99
CA VAL B 227 2.27 13.35 -31.95
C VAL B 227 3.32 14.29 -32.53
N ASP B 228 4.45 13.73 -32.94
CA ASP B 228 5.52 14.50 -33.60
C ASP B 228 6.09 13.55 -34.65
N PHE B 229 5.74 13.80 -35.91
CA PHE B 229 6.07 12.86 -37.00
C PHE B 229 7.59 12.63 -37.16
N SER B 230 8.38 13.66 -36.90
CA SER B 230 9.85 13.53 -37.03
C SER B 230 10.46 12.60 -35.97
N LYS B 231 9.78 12.47 -34.83
CA LYS B 231 10.26 11.64 -33.72
C LYS B 231 9.85 10.17 -33.82
N VAL B 232 8.78 9.90 -34.58
CA VAL B 232 8.25 8.54 -34.72
C VAL B 232 9.34 7.48 -35.03
N PRO B 233 10.20 7.72 -36.06
CA PRO B 233 11.28 6.78 -36.36
C PRO B 233 12.44 6.73 -35.34
N LYS B 234 12.46 7.65 -34.38
CA LYS B 234 13.51 7.70 -33.35
C LYS B 234 13.19 6.91 -32.05
N LEU B 235 11.93 6.54 -31.86
CA LEU B 235 11.51 5.88 -30.60
C LEU B 235 12.13 4.51 -30.40
N LYS B 236 12.27 4.13 -29.13
CA LYS B 236 12.64 2.76 -28.72
C LYS B 236 11.51 1.74 -28.81
N THR B 237 11.88 0.49 -29.03
CA THR B 237 10.92 -0.59 -29.14
C THR B 237 10.66 -1.14 -27.74
N VAL B 238 9.60 -0.64 -27.12
CA VAL B 238 9.34 -0.77 -25.68
C VAL B 238 8.96 -2.18 -25.18
N PHE B 239 8.58 -3.07 -26.08
CA PHE B 239 8.17 -4.40 -25.65
C PHE B 239 9.24 -5.47 -25.84
N GLN B 240 10.24 -5.16 -26.68
CA GLN B 240 11.27 -6.12 -27.06
C GLN B 240 12.54 -5.35 -27.39
N LYS B 241 13.59 -5.57 -26.58
CA LYS B 241 14.86 -4.86 -26.73
C LYS B 241 15.58 -5.16 -28.05
N GLU B 242 15.66 -6.44 -28.41
CA GLU B 242 16.39 -6.86 -29.60
C GLU B 242 15.45 -7.22 -30.73
N ASN B 243 15.65 -6.58 -31.88
CA ASN B 243 14.87 -6.82 -33.10
C ASN B 243 13.38 -6.48 -32.98
N GLY B 244 13.05 -5.45 -32.21
CA GLY B 244 11.65 -5.07 -31.98
C GLY B 244 11.05 -4.22 -33.09
N THR B 245 9.74 -4.01 -33.04
CA THR B 245 9.05 -3.21 -34.07
C THR B 245 7.95 -2.31 -33.48
N VAL B 246 7.43 -2.68 -32.30
CA VAL B 246 6.31 -1.99 -31.67
C VAL B 246 6.82 -0.88 -30.76
N THR B 247 6.27 0.34 -30.91
CA THR B 247 6.66 1.51 -30.11
C THR B 247 5.42 2.20 -29.52
N ALA B 248 5.66 3.20 -28.67
CA ALA B 248 4.58 4.01 -28.10
C ALA B 248 3.80 4.72 -29.19
N ALA B 249 4.46 5.17 -30.26
CA ALA B 249 3.75 5.87 -31.34
C ALA B 249 2.89 4.93 -32.18
N ASN B 250 3.38 3.72 -32.44
CA ASN B 250 2.64 2.84 -33.36
C ASN B 250 1.66 1.86 -32.68
N ALA B 251 1.67 1.87 -31.34
CA ALA B 251 0.68 1.15 -30.53
C ALA B 251 -0.52 2.03 -30.13
N SER B 252 -1.64 1.40 -29.76
CA SER B 252 -2.73 2.17 -29.14
C SER B 252 -2.22 2.73 -27.82
N THR B 253 -2.92 3.76 -27.33
CA THR B 253 -2.62 4.37 -26.04
C THR B 253 -3.66 3.98 -24.98
N LEU B 254 -3.42 4.39 -23.72
CA LEU B 254 -4.35 4.22 -22.59
C LEU B 254 -5.27 5.46 -22.45
N ASN B 255 -6.59 5.24 -22.35
CA ASN B 255 -7.56 6.33 -22.49
C ASN B 255 -8.87 6.15 -21.71
N ASP B 256 -9.66 7.23 -21.68
CA ASP B 256 -10.97 7.30 -21.03
C ASP B 256 -12.08 7.61 -22.04
N GLY B 257 -13.22 6.92 -21.95
CA GLY B 257 -14.37 7.26 -22.83
C GLY B 257 -15.52 6.28 -22.72
N ALA B 258 -16.64 6.63 -23.33
CA ALA B 258 -17.82 5.77 -23.40
C ALA B 258 -18.62 6.01 -24.67
N ALA B 259 -19.32 4.97 -25.11
CA ALA B 259 -20.15 5.04 -26.32
C ALA B 259 -21.40 4.23 -26.06
N ALA B 260 -22.52 4.61 -26.68
CA ALA B 260 -23.79 3.92 -26.48
C ALA B 260 -24.65 4.02 -27.74
N LEU B 261 -25.37 2.94 -28.02
CA LEU B 261 -26.28 2.86 -29.17
C LEU B 261 -27.67 2.52 -28.69
N VAL B 262 -28.69 3.07 -29.34
CA VAL B 262 -30.07 2.59 -29.12
C VAL B 262 -30.41 1.57 -30.22
N LEU B 263 -30.80 0.36 -29.82
CA LEU B 263 -31.19 -0.74 -30.72
C LEU B 263 -32.68 -1.04 -30.55
N MET B 264 -33.38 -1.34 -31.66
CA MET B 264 -34.83 -1.67 -31.62
C MET B 264 -35.12 -2.79 -32.59
N THR B 265 -36.24 -3.48 -32.41
CA THR B 265 -36.74 -4.33 -33.49
C THR B 265 -37.31 -3.41 -34.58
N ALA B 266 -37.40 -3.92 -35.80
CA ALA B 266 -38.04 -3.17 -36.90
C ALA B 266 -39.48 -2.77 -36.54
N ASP B 267 -40.21 -3.66 -35.88
CA ASP B 267 -41.58 -3.38 -35.44
C ASP B 267 -41.66 -2.22 -34.46
N ALA B 268 -40.73 -2.19 -33.52
CA ALA B 268 -40.66 -1.12 -32.52
C ALA B 268 -40.37 0.22 -33.18
N ALA B 269 -39.49 0.24 -34.19
CA ALA B 269 -39.16 1.50 -34.87
C ALA B 269 -40.40 2.05 -35.59
N LYS B 270 -41.17 1.15 -36.19
CA LYS B 270 -42.41 1.51 -36.87
C LYS B 270 -43.43 2.08 -35.88
N ARG B 271 -43.66 1.35 -34.79
CA ARG B 271 -44.58 1.79 -33.74
C ARG B 271 -44.27 3.21 -33.23
N LEU B 272 -42.98 3.53 -33.10
CA LEU B 272 -42.55 4.78 -32.48
C LEU B 272 -42.23 5.88 -33.48
N ASN B 273 -42.49 5.62 -34.76
CA ASN B 273 -42.24 6.62 -35.82
C ASN B 273 -40.77 7.03 -35.90
N VAL B 274 -39.90 6.02 -35.81
CA VAL B 274 -38.46 6.23 -35.80
C VAL B 274 -37.89 5.82 -37.15
N THR B 275 -37.07 6.69 -37.73
CA THR B 275 -36.33 6.37 -38.95
C THR B 275 -34.94 5.86 -38.54
N PRO B 276 -34.70 4.54 -38.68
CA PRO B 276 -33.40 4.02 -38.21
C PRO B 276 -32.23 4.36 -39.12
N LEU B 277 -31.04 4.38 -38.53
CA LEU B 277 -29.80 4.69 -39.26
C LEU B 277 -29.28 3.48 -40.05
N ALA B 278 -29.34 2.29 -39.42
CA ALA B 278 -28.79 1.05 -40.03
C ALA B 278 -29.42 -0.25 -39.51
N ARG B 279 -29.20 -1.35 -40.24
CA ARG B 279 -29.70 -2.66 -39.87
C ARG B 279 -28.51 -3.53 -39.44
N ILE B 280 -28.66 -4.27 -38.35
CA ILE B 280 -27.63 -5.25 -37.95
C ILE B 280 -27.88 -6.55 -38.73
N VAL B 281 -26.95 -6.89 -39.62
CA VAL B 281 -27.09 -8.03 -40.54
C VAL B 281 -26.65 -9.36 -39.88
N ALA B 282 -25.44 -9.40 -39.34
CA ALA B 282 -24.81 -10.63 -38.83
C ALA B 282 -23.64 -10.26 -37.95
N PHE B 283 -23.23 -11.19 -37.08
CA PHE B 283 -22.04 -11.03 -36.24
C PHE B 283 -21.48 -12.40 -35.87
N ALA B 284 -20.23 -12.45 -35.40
CA ALA B 284 -19.60 -13.73 -35.05
C ALA B 284 -18.43 -13.53 -34.10
N ASP B 285 -18.07 -14.59 -33.38
CA ASP B 285 -16.84 -14.61 -32.60
C ASP B 285 -15.90 -15.72 -33.11
N ALA B 286 -14.60 -15.43 -33.12
CA ALA B 286 -13.57 -16.42 -33.44
C ALA B 286 -12.52 -16.45 -32.34
N ALA B 287 -11.81 -17.58 -32.18
CA ALA B 287 -10.68 -17.64 -31.23
C ALA B 287 -9.53 -18.51 -31.75
N VAL B 288 -8.30 -18.16 -31.38
CA VAL B 288 -7.10 -18.87 -31.80
C VAL B 288 -6.16 -18.98 -30.58
N GLU B 289 -4.90 -19.38 -30.80
CA GLU B 289 -3.90 -19.43 -29.72
C GLU B 289 -3.78 -18.05 -29.10
N PRO B 290 -3.76 -17.97 -27.75
CA PRO B 290 -3.67 -16.66 -27.10
C PRO B 290 -2.60 -15.72 -27.69
N ILE B 291 -1.40 -16.22 -28.00
CA ILE B 291 -0.36 -15.33 -28.54
C ILE B 291 -0.75 -14.74 -29.90
N ASP B 292 -1.65 -15.41 -30.63
CA ASP B 292 -2.02 -15.04 -31.99
C ASP B 292 -3.26 -14.14 -32.11
N PHE B 293 -3.63 -13.46 -31.02
CA PHE B 293 -4.83 -12.60 -31.08
C PHE B 293 -4.88 -11.64 -32.28
N PRO B 294 -3.71 -11.09 -32.74
CA PRO B 294 -3.81 -10.15 -33.90
C PRO B 294 -4.52 -10.67 -35.15
N ILE B 295 -4.47 -11.99 -35.38
CA ILE B 295 -5.08 -12.59 -36.55
C ILE B 295 -6.51 -13.09 -36.34
N ALA B 296 -6.97 -13.18 -35.09
CA ALA B 296 -8.36 -13.61 -34.86
C ALA B 296 -9.43 -12.82 -35.62
N PRO B 297 -9.27 -11.48 -35.78
CA PRO B 297 -10.27 -10.70 -36.52
C PRO B 297 -10.46 -11.11 -38.00
N VAL B 298 -9.44 -11.69 -38.59
CA VAL B 298 -9.50 -12.23 -39.96
C VAL B 298 -10.54 -13.34 -40.02
N TYR B 299 -10.48 -14.24 -39.03
CA TYR B 299 -11.37 -15.38 -39.00
C TYR B 299 -12.79 -14.97 -38.68
N ALA B 300 -12.97 -14.07 -37.69
CA ALA B 300 -14.29 -13.56 -37.34
C ALA B 300 -14.95 -12.84 -38.51
N ALA B 301 -14.19 -12.01 -39.21
CA ALA B 301 -14.70 -11.31 -40.41
C ALA B 301 -15.11 -12.31 -41.49
N SER B 302 -14.26 -13.30 -41.73
CA SER B 302 -14.52 -14.29 -42.78
C SER B 302 -15.78 -15.11 -42.47
N MET B 303 -15.99 -15.43 -41.19
CA MET B 303 -17.22 -16.10 -40.74
C MET B 303 -18.49 -15.31 -41.10
N VAL B 304 -18.48 -14.00 -40.84
CA VAL B 304 -19.65 -13.16 -41.11
C VAL B 304 -19.95 -13.04 -42.61
N LEU B 305 -18.90 -12.86 -43.41
CA LEU B 305 -19.03 -12.79 -44.87
C LEU B 305 -19.63 -14.08 -45.42
N LYS B 306 -19.11 -15.20 -44.92
CA LYS B 306 -19.54 -16.53 -45.37
C LYS B 306 -21.00 -16.77 -44.97
N ASP B 307 -21.34 -16.39 -43.75
CA ASP B 307 -22.71 -16.55 -43.23
C ASP B 307 -23.75 -15.85 -44.10
N VAL B 308 -23.44 -14.62 -44.52
CA VAL B 308 -24.35 -13.74 -45.24
C VAL B 308 -24.25 -13.91 -46.77
N GLY B 309 -23.14 -14.46 -47.24
CA GLY B 309 -22.93 -14.65 -48.68
C GLY B 309 -22.49 -13.40 -49.41
N LEU B 310 -21.61 -12.63 -48.77
CA LEU B 310 -21.04 -11.44 -49.37
C LEU B 310 -19.57 -11.70 -49.65
N LYS B 311 -19.02 -11.00 -50.63
CA LYS B 311 -17.58 -11.02 -50.92
C LYS B 311 -16.96 -9.81 -50.25
N LYS B 312 -15.65 -9.88 -49.98
CA LYS B 312 -14.92 -8.74 -49.41
C LYS B 312 -15.12 -7.47 -50.23
N GLU B 313 -15.24 -7.62 -51.55
CA GLU B 313 -15.51 -6.50 -52.46
C GLU B 313 -16.81 -5.75 -52.18
N ASP B 314 -17.79 -6.44 -51.60
CA ASP B 314 -19.11 -5.83 -51.33
C ASP B 314 -19.09 -4.88 -50.12
N ILE B 315 -18.00 -4.89 -49.38
CA ILE B 315 -17.88 -4.06 -48.17
C ILE B 315 -17.35 -2.68 -48.60
N ALA B 316 -18.10 -1.63 -48.25
CA ALA B 316 -17.74 -0.25 -48.56
C ALA B 316 -16.72 0.31 -47.57
N MET B 317 -16.88 -0.02 -46.29
CA MET B 317 -15.89 0.40 -45.30
C MET B 317 -15.66 -0.61 -44.18
N TRP B 318 -14.40 -0.70 -43.76
CA TRP B 318 -13.93 -1.63 -42.73
C TRP B 318 -13.44 -0.82 -41.52
N GLU B 319 -13.84 -1.28 -40.33
CA GLU B 319 -13.30 -0.78 -39.07
C GLU B 319 -12.64 -1.96 -38.39
N VAL B 320 -11.31 -2.06 -38.52
CA VAL B 320 -10.52 -3.08 -37.85
C VAL B 320 -9.78 -2.40 -36.70
N ASN B 321 -10.22 -2.64 -35.46
CA ASN B 321 -9.69 -1.86 -34.32
C ASN B 321 -8.18 -1.82 -34.27
N GLU B 322 -7.64 -0.61 -34.10
CA GLU B 322 -6.20 -0.38 -34.13
C GLU B 322 -5.53 -0.65 -32.77
N ALA B 323 -5.67 -1.87 -32.24
CA ALA B 323 -4.96 -2.23 -31.01
C ALA B 323 -3.45 -1.95 -31.13
N PHE B 324 -2.88 -2.33 -32.27
CA PHE B 324 -1.53 -1.94 -32.67
C PHE B 324 -1.60 -1.72 -34.19
N SER B 325 -0.76 -0.86 -34.75
CA SER B 325 -0.64 -0.76 -36.23
C SER B 325 -0.42 -2.14 -36.85
N LEU B 326 0.38 -2.97 -36.18
CA LEU B 326 0.65 -4.36 -36.59
C LEU B 326 -0.64 -5.15 -36.86
N VAL B 327 -1.63 -5.00 -35.99
CA VAL B 327 -2.89 -5.76 -36.12
C VAL B 327 -3.59 -5.39 -37.43
N VAL B 328 -3.70 -4.08 -37.70
CA VAL B 328 -4.40 -3.66 -38.91
C VAL B 328 -3.67 -4.17 -40.15
N LEU B 329 -2.35 -4.01 -40.18
CA LEU B 329 -1.52 -4.46 -41.33
C LEU B 329 -1.64 -5.96 -41.60
N ALA B 330 -1.62 -6.76 -40.54
CA ALA B 330 -1.84 -8.21 -40.64
C ALA B 330 -3.20 -8.56 -41.25
N ASN B 331 -4.24 -7.82 -40.84
CA ASN B 331 -5.58 -8.06 -41.38
C ASN B 331 -5.71 -7.70 -42.87
N ILE B 332 -5.21 -6.52 -43.23
CA ILE B 332 -5.14 -6.12 -44.67
C ILE B 332 -4.39 -7.17 -45.53
N LYS B 333 -3.26 -7.64 -45.03
CA LYS B 333 -2.42 -8.61 -45.74
C LYS B 333 -3.12 -9.96 -45.95
N MET B 334 -3.70 -10.50 -44.88
CA MET B 334 -4.36 -11.81 -44.95
C MET B 334 -5.67 -11.74 -45.74
N LEU B 335 -6.42 -10.65 -45.58
CA LEU B 335 -7.70 -10.53 -46.28
C LEU B 335 -7.57 -10.00 -47.71
N GLU B 336 -6.41 -9.43 -48.04
CA GLU B 336 -6.13 -8.78 -49.33
C GLU B 336 -7.20 -7.72 -49.69
N ILE B 337 -7.38 -6.75 -48.80
CA ILE B 337 -8.38 -5.69 -49.02
C ILE B 337 -7.72 -4.34 -49.33
N ASP B 338 -8.49 -3.49 -50.01
CA ASP B 338 -8.08 -2.11 -50.38
C ASP B 338 -7.78 -1.25 -49.13
N PRO B 339 -6.53 -0.81 -48.94
CA PRO B 339 -6.23 -0.09 -47.69
C PRO B 339 -6.96 1.26 -47.59
N GLN B 340 -7.52 1.73 -48.70
CA GLN B 340 -8.22 3.00 -48.72
C GLN B 340 -9.63 2.85 -48.18
N LYS B 341 -10.05 1.60 -47.92
CA LYS B 341 -11.38 1.36 -47.36
C LYS B 341 -11.36 1.02 -45.85
N VAL B 342 -10.17 1.09 -45.24
CA VAL B 342 -9.93 0.61 -43.87
C VAL B 342 -9.63 1.78 -42.91
N ASN B 343 -10.36 1.83 -41.79
CA ASN B 343 -10.18 2.87 -40.75
C ASN B 343 -10.01 4.25 -41.35
N ILE B 344 -10.99 4.63 -42.17
CA ILE B 344 -10.92 5.79 -43.07
C ILE B 344 -10.76 7.11 -42.32
N ASN B 345 -11.32 7.18 -41.11
CA ASN B 345 -11.29 8.42 -40.32
C ASN B 345 -10.44 8.31 -39.06
N GLY B 346 -9.41 7.46 -39.13
CA GLY B 346 -8.53 7.24 -37.98
C GLY B 346 -8.96 6.01 -37.20
N GLY B 347 -8.28 5.77 -36.09
CA GLY B 347 -8.60 4.64 -35.22
C GLY B 347 -7.79 4.71 -33.93
N ALA B 348 -7.79 3.60 -33.21
CA ALA B 348 -7.28 3.57 -31.82
C ALA B 348 -5.84 3.96 -31.61
N VAL B 349 -4.99 3.85 -32.65
CA VAL B 349 -3.59 4.24 -32.51
C VAL B 349 -3.43 5.74 -32.26
N SER B 350 -4.32 6.54 -32.84
CA SER B 350 -4.27 8.01 -32.72
C SER B 350 -5.45 8.63 -31.92
N LEU B 351 -6.62 8.00 -31.98
CA LEU B 351 -7.77 8.45 -31.15
C LEU B 351 -7.76 7.91 -29.73
N GLY B 352 -7.00 6.83 -29.52
CA GLY B 352 -6.87 6.22 -28.20
C GLY B 352 -7.78 5.01 -28.01
N HIS B 353 -7.59 4.27 -26.90
CA HIS B 353 -8.21 2.95 -26.75
C HIS B 353 -8.72 2.70 -25.31
N PRO B 354 -9.87 3.32 -24.92
CA PRO B 354 -10.47 2.96 -23.62
C PRO B 354 -11.07 1.57 -23.83
N ILE B 355 -10.43 0.54 -23.30
CA ILE B 355 -10.61 -0.81 -23.89
C ILE B 355 -12.06 -1.33 -23.94
N GLY B 356 -12.85 -1.10 -22.89
CA GLY B 356 -14.26 -1.60 -22.90
C GLY B 356 -15.19 -0.83 -23.84
N MET B 357 -14.73 0.34 -24.28
CA MET B 357 -15.48 1.29 -25.14
C MET B 357 -15.30 1.07 -26.68
N SER B 358 -14.08 0.73 -27.08
CA SER B 358 -13.69 0.79 -28.52
C SER B 358 -14.55 -0.08 -29.46
N GLY B 359 -14.95 -1.26 -29.02
CA GLY B 359 -15.77 -2.13 -29.87
C GLY B 359 -17.13 -1.55 -30.19
N ALA B 360 -17.69 -0.76 -29.26
CA ALA B 360 -18.90 -0.02 -29.52
C ALA B 360 -18.65 1.23 -30.40
N ARG B 361 -17.59 1.98 -30.09
CA ARG B 361 -17.26 3.19 -30.88
C ARG B 361 -17.20 2.86 -32.38
N ILE B 362 -16.50 1.79 -32.74
CA ILE B 362 -16.30 1.47 -34.19
C ILE B 362 -17.59 1.10 -34.93
N VAL B 363 -18.52 0.42 -34.24
CA VAL B 363 -19.85 0.18 -34.83
C VAL B 363 -20.63 1.49 -34.98
N GLY B 364 -20.53 2.36 -33.98
CA GLY B 364 -21.21 3.66 -34.04
C GLY B 364 -20.67 4.53 -35.17
N HIS B 365 -19.36 4.47 -35.39
CA HIS B 365 -18.76 5.27 -36.46
C HIS B 365 -19.28 4.86 -37.84
N LEU B 366 -19.33 3.55 -38.11
CA LEU B 366 -19.88 3.03 -39.39
C LEU B 366 -21.32 3.48 -39.60
N THR B 367 -22.11 3.48 -38.52
CA THR B 367 -23.52 3.87 -38.60
C THR B 367 -23.68 5.30 -39.15
N HIS B 368 -22.74 6.18 -38.80
CA HIS B 368 -22.77 7.56 -39.24
C HIS B 368 -22.11 7.79 -40.60
N ALA B 369 -21.01 7.08 -40.87
CA ALA B 369 -20.13 7.34 -42.02
C ALA B 369 -20.53 6.64 -43.33
N LEU B 370 -21.24 5.51 -43.24
CA LEU B 370 -21.68 4.76 -44.43
C LEU B 370 -22.72 5.59 -45.20
N LYS B 371 -22.75 5.43 -46.52
CA LYS B 371 -23.82 6.01 -47.34
C LYS B 371 -24.97 5.02 -47.52
N GLN B 372 -26.17 5.54 -47.81
CA GLN B 372 -27.36 4.70 -48.00
C GLN B 372 -27.09 3.45 -48.85
N GLY B 373 -27.46 2.30 -48.30
CA GLY B 373 -27.33 1.00 -48.97
C GLY B 373 -26.00 0.30 -48.79
N GLU B 374 -24.99 1.03 -48.30
CA GLU B 374 -23.62 0.47 -48.17
C GLU B 374 -23.47 -0.48 -46.96
N TYR B 375 -22.66 -1.53 -47.13
CA TYR B 375 -22.28 -2.45 -46.05
C TYR B 375 -20.99 -2.00 -45.37
N GLY B 376 -20.97 -2.07 -44.04
CA GLY B 376 -19.77 -1.82 -43.24
C GLY B 376 -19.44 -3.04 -42.37
N LEU B 377 -18.16 -3.34 -42.22
CA LEU B 377 -17.79 -4.48 -41.38
C LEU B 377 -16.82 -4.01 -40.31
N ALA B 378 -17.17 -4.25 -39.04
CA ALA B 378 -16.30 -3.91 -37.92
C ALA B 378 -15.73 -5.17 -37.30
N SER B 379 -14.46 -5.14 -36.90
CA SER B 379 -13.87 -6.29 -36.22
C SER B 379 -12.87 -5.81 -35.17
N ILE B 380 -12.69 -6.61 -34.11
CA ILE B 380 -11.89 -6.18 -32.99
C ILE B 380 -11.29 -7.40 -32.27
N CYS B 381 -9.97 -7.41 -32.05
CA CYS B 381 -9.33 -8.53 -31.36
C CYS B 381 -9.51 -8.38 -29.85
N ASN B 382 -9.30 -9.46 -29.10
CA ASN B 382 -9.27 -9.39 -27.63
C ASN B 382 -8.24 -10.31 -26.98
N GLY B 383 -7.71 -9.89 -25.83
CA GLY B 383 -6.78 -10.70 -25.05
C GLY B 383 -7.34 -12.09 -24.80
N GLY B 384 -6.44 -13.08 -24.73
CA GLY B 384 -6.83 -14.50 -24.62
C GLY B 384 -6.91 -15.20 -25.99
N GLY B 385 -6.85 -14.44 -27.07
CA GLY B 385 -6.79 -15.00 -28.44
C GLY B 385 -8.08 -14.88 -29.22
N GLY B 386 -8.99 -14.02 -28.75
CA GLY B 386 -10.31 -13.85 -29.39
C GLY B 386 -10.47 -12.68 -30.36
N ALA B 387 -11.59 -12.67 -31.08
CA ALA B 387 -12.10 -11.50 -31.80
C ALA B 387 -13.62 -11.57 -31.97
N SER B 388 -14.25 -10.41 -32.10
CA SER B 388 -15.66 -10.31 -32.52
C SER B 388 -15.74 -9.51 -33.82
N ALA B 389 -16.78 -9.76 -34.62
CA ALA B 389 -16.99 -9.01 -35.87
C ALA B 389 -18.48 -8.78 -36.09
N MET B 390 -18.82 -7.68 -36.77
CA MET B 390 -20.22 -7.38 -37.06
C MET B 390 -20.37 -6.72 -38.42
N LEU B 391 -21.40 -7.14 -39.16
CA LEU B 391 -21.78 -6.52 -40.42
C LEU B 391 -23.06 -5.68 -40.26
N ILE B 392 -23.05 -4.44 -40.76
CA ILE B 392 -24.26 -3.62 -40.76
C ILE B 392 -24.52 -3.10 -42.19
N GLN B 393 -25.76 -2.74 -42.50
CA GLN B 393 -26.09 -2.01 -43.73
C GLN B 393 -26.80 -0.69 -43.44
N LYS B 394 -26.32 0.40 -44.05
CA LYS B 394 -26.89 1.74 -43.87
C LYS B 394 -28.25 1.85 -44.56
N LEU B 395 -29.23 2.44 -43.89
CA LEU B 395 -30.57 2.57 -44.45
C LEU B 395 -30.82 3.95 -45.05
N SER C 3 37.18 19.32 43.03
CA SER C 3 36.18 20.36 42.65
C SER C 3 35.48 20.00 41.33
N LYS C 4 35.29 21.00 40.46
CA LYS C 4 34.67 20.81 39.15
C LYS C 4 35.69 20.29 38.14
N PRO C 5 35.24 19.49 37.14
CA PRO C 5 36.15 19.00 36.10
C PRO C 5 36.82 20.13 35.31
N THR C 6 38.03 19.90 34.84
CA THR C 6 38.69 20.86 33.94
C THR C 6 38.55 20.32 32.52
N LEU C 7 37.83 21.08 31.68
CA LEU C 7 37.41 20.61 30.36
C LEU C 7 38.06 21.37 29.22
N LYS C 8 38.18 20.72 28.06
CA LYS C 8 38.61 21.43 26.84
C LYS C 8 37.60 22.51 26.45
N GLU C 9 38.12 23.65 25.99
CA GLU C 9 37.31 24.74 25.45
C GLU C 9 36.81 24.38 24.06
N VAL C 10 35.53 24.60 23.79
CA VAL C 10 34.92 24.25 22.50
C VAL C 10 34.55 25.48 21.67
N VAL C 11 35.02 25.51 20.42
CA VAL C 11 34.74 26.62 19.49
C VAL C 11 34.03 26.22 18.19
N ILE C 12 33.23 27.14 17.65
CA ILE C 12 32.60 26.97 16.35
C ILE C 12 33.44 27.65 15.28
N VAL C 13 33.84 26.89 14.27
CA VAL C 13 34.74 27.40 13.23
C VAL C 13 33.97 27.78 11.96
N SER C 14 32.91 27.03 11.64
CA SER C 14 31.98 27.38 10.56
C SER C 14 30.58 26.83 10.88
N ALA C 15 29.60 27.39 10.18
CA ALA C 15 28.18 27.00 10.30
C ALA C 15 27.50 27.29 8.97
N THR C 16 27.07 26.25 8.27
CA THR C 16 26.50 26.38 6.94
C THR C 16 25.15 25.65 6.86
N ARG C 17 24.29 26.07 5.93
CA ARG C 17 23.03 25.38 5.68
C ARG C 17 22.60 25.45 4.21
N THR C 18 21.74 24.51 3.80
CA THR C 18 21.03 24.61 2.53
C THR C 18 19.97 25.69 2.72
N PRO C 19 19.38 26.17 1.61
CA PRO C 19 18.12 26.92 1.81
C PRO C 19 17.06 25.96 2.34
N ILE C 20 16.00 26.50 2.94
CA ILE C 20 14.87 25.69 3.36
C ILE C 20 13.82 25.66 2.24
N GLY C 21 13.47 24.45 1.81
CA GLY C 21 12.47 24.24 0.76
C GLY C 21 11.09 23.99 1.33
N SER C 22 10.06 24.39 0.58
CA SER C 22 8.66 24.16 1.00
C SER C 22 8.24 22.70 0.80
N PHE C 23 7.13 22.32 1.43
CA PHE C 23 6.61 20.95 1.34
C PHE C 23 6.24 20.59 -0.11
N LEU C 24 6.84 19.53 -0.62
CA LEU C 24 6.67 19.11 -2.02
C LEU C 24 7.18 20.19 -3.00
N GLY C 25 8.13 20.99 -2.53
CA GLY C 25 8.60 22.20 -3.21
C GLY C 25 9.92 22.04 -3.92
N SER C 26 10.74 23.10 -3.89
CA SER C 26 11.94 23.19 -4.73
C SER C 26 13.03 22.14 -4.46
N LEU C 27 13.08 21.61 -3.24
CA LEU C 27 14.11 20.65 -2.83
C LEU C 27 13.56 19.24 -2.60
N SER C 28 12.30 19.03 -2.96
CA SER C 28 11.59 17.78 -2.65
C SER C 28 12.13 16.50 -3.32
N LEU C 29 12.92 16.66 -4.38
CA LEU C 29 13.51 15.51 -5.08
C LEU C 29 14.76 14.96 -4.38
N LEU C 30 15.31 15.74 -3.45
CA LEU C 30 16.53 15.37 -2.74
C LEU C 30 16.19 14.69 -1.41
N PRO C 31 16.78 13.50 -1.14
CA PRO C 31 16.66 12.87 0.18
C PRO C 31 17.34 13.70 1.29
N ALA C 32 16.83 13.59 2.51
CA ALA C 32 17.44 14.26 3.68
C ALA C 32 18.95 14.06 3.75
N THR C 33 19.42 12.84 3.48
CA THR C 33 20.86 12.50 3.50
C THR C 33 21.69 13.28 2.47
N LYS C 34 21.10 13.57 1.31
CA LYS C 34 21.76 14.39 0.29
C LYS C 34 21.86 15.86 0.71
N LEU C 35 20.77 16.40 1.26
CA LEU C 35 20.82 17.71 1.88
C LEU C 35 21.86 17.74 3.00
N GLY C 36 21.93 16.68 3.81
CA GLY C 36 23.03 16.54 4.78
C GLY C 36 24.42 16.62 4.17
N SER C 37 24.66 15.88 3.07
CA SER C 37 26.00 15.88 2.46
C SER C 37 26.39 17.28 1.97
N ILE C 38 25.42 17.98 1.41
CA ILE C 38 25.63 19.35 0.88
C ILE C 38 26.03 20.34 1.99
N ALA C 39 25.30 20.34 3.10
CA ALA C 39 25.60 21.19 4.27
C ALA C 39 26.97 20.89 4.92
N ILE C 40 27.28 19.60 5.06
CA ILE C 40 28.56 19.14 5.61
C ILE C 40 29.76 19.55 4.73
N GLN C 41 29.68 19.29 3.43
CA GLN C 41 30.69 19.76 2.46
C GLN C 41 30.90 21.28 2.56
N GLY C 42 29.80 22.01 2.54
CA GLY C 42 29.83 23.46 2.67
C GLY C 42 30.54 23.92 3.93
N ALA C 43 30.20 23.29 5.06
CA ALA C 43 30.79 23.64 6.35
C ALA C 43 32.29 23.40 6.41
N ILE C 44 32.74 22.31 5.78
CA ILE C 44 34.18 22.01 5.76
C ILE C 44 34.92 23.00 4.84
N GLU C 45 34.32 23.31 3.69
CA GLU C 45 34.87 24.32 2.78
C GLU C 45 35.03 25.66 3.48
N LYS C 46 33.98 26.11 4.16
CA LYS C 46 33.96 27.38 4.89
C LYS C 46 34.92 27.44 6.07
N ALA C 47 35.17 26.28 6.70
CA ALA C 47 36.13 26.19 7.79
C ALA C 47 37.58 26.29 7.30
N GLY C 48 37.81 25.86 6.05
CA GLY C 48 39.14 25.84 5.46
C GLY C 48 40.07 24.85 6.12
N ILE C 49 39.60 23.62 6.30
CA ILE C 49 40.40 22.54 6.86
C ILE C 49 40.32 21.30 5.96
N PRO C 50 41.32 20.40 6.04
CA PRO C 50 41.18 19.14 5.30
C PRO C 50 40.00 18.30 5.82
N LYS C 51 39.31 17.64 4.89
CA LYS C 51 38.19 16.76 5.22
C LYS C 51 38.63 15.69 6.21
N GLU C 52 39.90 15.30 6.10
CA GLU C 52 40.50 14.24 6.90
C GLU C 52 40.64 14.62 8.37
N GLU C 53 40.54 15.90 8.68
CA GLU C 53 40.64 16.37 10.07
C GLU C 53 39.38 16.12 10.89
N VAL C 54 38.24 15.97 10.21
CA VAL C 54 36.96 15.70 10.91
C VAL C 54 37.00 14.27 11.46
N LYS C 55 36.88 14.13 12.77
CA LYS C 55 37.10 12.84 13.42
C LYS C 55 35.84 12.00 13.59
N GLU C 56 34.70 12.69 13.72
CA GLU C 56 33.41 12.04 14.03
C GLU C 56 32.25 12.99 13.70
N ALA C 57 31.07 12.42 13.44
CA ALA C 57 29.91 13.22 13.05
C ALA C 57 28.62 12.78 13.74
N TYR C 58 27.86 13.75 14.25
CA TYR C 58 26.50 13.53 14.78
C TYR C 58 25.50 14.38 13.99
N MET C 59 24.39 13.80 13.55
CA MET C 59 23.32 14.59 12.87
C MET C 59 21.94 14.28 13.44
N GLY C 60 21.21 15.33 13.80
CA GLY C 60 19.79 15.22 14.16
C GLY C 60 18.95 14.87 12.93
N ASN C 61 17.87 14.10 13.13
CA ASN C 61 17.03 13.57 12.04
C ASN C 61 15.89 12.84 12.74
N VAL C 62 14.68 13.40 12.64
CA VAL C 62 13.54 12.92 13.44
C VAL C 62 12.82 11.76 12.76
N LEU C 63 12.63 11.87 11.45
CA LEU C 63 11.79 10.92 10.70
C LEU C 63 12.66 10.10 9.77
N GLN C 64 13.23 9.03 10.34
CA GLN C 64 14.28 8.26 9.68
C GLN C 64 13.74 7.11 8.81
N GLY C 65 12.44 6.85 8.86
CA GLY C 65 11.83 5.74 8.12
C GLY C 65 12.03 5.85 6.63
N GLY C 66 12.62 4.81 6.05
CA GLY C 66 12.83 4.73 4.62
C GLY C 66 14.04 5.45 4.05
N GLU C 67 14.84 6.07 4.91
CA GLU C 67 16.04 6.77 4.47
C GLU C 67 17.21 5.81 4.19
N GLY C 68 17.05 4.54 4.56
CA GLY C 68 18.12 3.56 4.40
C GLY C 68 18.99 3.44 5.65
N GLN C 69 19.96 2.53 5.60
CA GLN C 69 20.77 2.23 6.78
C GLN C 69 21.66 3.42 7.17
N ALA C 70 21.71 3.72 8.48
CA ALA C 70 22.60 4.76 9.07
C ALA C 70 22.60 6.12 8.34
N PRO C 71 21.52 6.91 8.45
CA PRO C 71 21.42 8.20 7.76
C PRO C 71 22.66 9.11 7.86
N THR C 72 23.24 9.25 9.06
CA THR C 72 24.43 10.11 9.24
C THR C 72 25.64 9.61 8.45
N ARG C 73 25.86 8.29 8.46
CA ARG C 73 26.92 7.70 7.63
C ARG C 73 26.73 8.02 6.14
N GLN C 74 25.48 7.92 5.66
CA GLN C 74 25.12 8.27 4.28
C GLN C 74 25.47 9.72 3.95
N ALA C 75 25.15 10.63 4.88
CA ALA C 75 25.45 12.06 4.70
C ALA C 75 26.96 12.35 4.64
N VAL C 76 27.71 11.71 5.55
CA VAL C 76 29.14 11.94 5.69
C VAL C 76 29.94 11.37 4.50
N LEU C 77 29.64 10.12 4.13
CA LEU C 77 30.31 9.50 2.99
C LEU C 77 29.92 10.21 1.68
N GLY C 78 28.66 10.60 1.57
CA GLY C 78 28.17 11.37 0.42
C GLY C 78 28.82 12.74 0.27
N ALA C 79 29.41 13.23 1.37
CA ALA C 79 30.15 14.49 1.36
C ALA C 79 31.65 14.32 1.08
N GLY C 80 32.07 13.08 0.83
CA GLY C 80 33.48 12.76 0.58
C GLY C 80 34.40 12.68 1.81
N LEU C 81 33.83 12.49 2.99
CA LEU C 81 34.66 12.31 4.19
C LEU C 81 35.20 10.89 4.28
N PRO C 82 36.33 10.70 5.00
CA PRO C 82 37.03 9.42 5.04
C PRO C 82 36.17 8.27 5.55
N ILE C 83 36.40 7.06 5.06
CA ILE C 83 35.61 5.91 5.51
C ILE C 83 35.87 5.62 6.99
N SER C 84 36.91 6.24 7.55
CA SER C 84 37.28 6.06 8.97
C SER C 84 36.44 6.89 9.96
N THR C 85 35.46 7.62 9.44
CA THR C 85 34.69 8.57 10.25
C THR C 85 33.45 7.94 10.90
N PRO C 86 33.48 7.73 12.22
CA PRO C 86 32.27 7.23 12.91
C PRO C 86 31.10 8.21 12.89
N CYS C 87 29.89 7.66 12.85
CA CYS C 87 28.65 8.44 12.66
C CYS C 87 27.54 7.97 13.57
N THR C 88 26.80 8.93 14.15
CA THR C 88 25.61 8.64 14.96
C THR C 88 24.45 9.60 14.60
N THR C 89 23.25 9.03 14.45
CA THR C 89 22.05 9.79 14.12
C THR C 89 21.21 10.01 15.39
N ILE C 90 20.85 11.27 15.64
CA ILE C 90 20.29 11.73 16.93
C ILE C 90 18.80 12.10 16.84
N ASN C 91 17.98 11.64 17.78
CA ASN C 91 16.54 11.99 17.77
C ASN C 91 16.02 12.49 19.13
N LYS C 92 15.87 13.82 19.21
CA LYS C 92 15.18 14.49 20.31
C LYS C 92 14.02 15.37 19.77
N VAL C 93 13.29 14.84 18.78
CA VAL C 93 12.20 15.54 18.07
C VAL C 93 12.72 16.89 17.55
N CSO C 94 11.99 17.98 17.72
CA CSO C 94 12.42 19.30 17.21
CB CSO C 94 11.36 20.39 17.41
SG CSO C 94 9.78 19.82 16.73
C CSO C 94 13.74 19.82 17.76
O CSO C 94 14.38 20.67 17.14
OD CSO C 94 8.93 19.05 18.11
N ALA C 95 14.14 19.32 18.93
CA ALA C 95 15.43 19.72 19.52
C ALA C 95 16.67 19.00 18.95
N SER C 96 16.47 18.00 18.06
CA SER C 96 17.54 17.13 17.53
C SER C 96 18.80 17.84 17.03
N GLY C 97 18.61 18.89 16.23
CA GLY C 97 19.74 19.59 15.63
C GLY C 97 20.61 20.27 16.68
N MET C 98 19.99 20.76 17.74
CA MET C 98 20.72 21.37 18.85
C MET C 98 21.38 20.31 19.73
N LYS C 99 20.63 19.25 20.06
CA LYS C 99 21.16 18.17 20.91
C LYS C 99 22.41 17.50 20.28
N ALA C 100 22.43 17.38 18.97
CA ALA C 100 23.63 16.88 18.25
C ALA C 100 24.86 17.74 18.55
N ILE C 101 24.72 19.06 18.42
CA ILE C 101 25.81 20.00 18.77
C ILE C 101 26.25 19.88 20.24
N MET C 102 25.28 19.73 21.15
CA MET C 102 25.55 19.58 22.59
C MET C 102 26.35 18.31 22.92
N MET C 103 25.91 17.19 22.36
CA MET C 103 26.57 15.91 22.60
C MET C 103 27.97 15.86 21.95
N ALA C 104 28.11 16.46 20.77
CA ALA C 104 29.44 16.60 20.16
C ALA C 104 30.37 17.47 21.02
N SER C 105 29.85 18.61 21.50
CA SER C 105 30.59 19.47 22.43
C SER C 105 31.07 18.69 23.65
N GLN C 106 30.24 17.77 24.16
CA GLN C 106 30.61 16.96 25.31
C GLN C 106 31.76 16.00 25.01
N SER C 107 31.79 15.46 23.80
CA SER C 107 32.90 14.59 23.40
C SER C 107 34.20 15.39 23.31
N LEU C 108 34.11 16.61 22.78
CA LEU C 108 35.27 17.50 22.69
C LEU C 108 35.79 17.95 24.06
N MET C 109 34.87 18.23 24.99
CA MET C 109 35.24 18.62 26.35
C MET C 109 36.02 17.52 27.11
N CYS C 110 35.64 16.27 26.87
CA CYS C 110 36.30 15.09 27.45
C CYS C 110 37.67 14.78 26.83
N GLY C 111 37.99 15.47 25.74
CA GLY C 111 39.21 15.20 24.98
C GLY C 111 39.16 13.92 24.17
N HIS C 112 37.95 13.41 23.93
CA HIS C 112 37.76 12.14 23.21
C HIS C 112 37.87 12.30 21.69
N GLN C 113 37.61 13.51 21.20
CA GLN C 113 37.92 13.88 19.80
C GLN C 113 38.35 15.34 19.84
N ASP C 114 39.07 15.79 18.82
CA ASP C 114 39.47 17.20 18.75
C ASP C 114 38.70 18.02 17.71
N VAL C 115 38.13 17.36 16.69
CA VAL C 115 37.38 18.05 15.62
C VAL C 115 36.17 17.22 15.23
N MET C 116 34.97 17.82 15.29
CA MET C 116 33.74 17.13 14.88
C MET C 116 32.84 17.96 13.98
N VAL C 117 31.96 17.26 13.25
CA VAL C 117 30.85 17.91 12.57
C VAL C 117 29.56 17.52 13.28
N ALA C 118 28.69 18.51 13.52
CA ALA C 118 27.38 18.31 14.12
C ALA C 118 26.33 19.16 13.42
N GLY C 119 25.10 18.66 13.37
CA GLY C 119 24.01 19.44 12.77
C GLY C 119 22.71 18.67 12.74
N GLY C 120 21.92 18.93 11.71
CA GLY C 120 20.64 18.26 11.54
C GLY C 120 20.12 18.33 10.13
N MET C 121 19.24 17.39 9.79
CA MET C 121 18.72 17.22 8.43
C MET C 121 17.31 16.66 8.48
N GLU C 122 16.46 17.09 7.54
CA GLU C 122 15.10 16.56 7.40
C GLU C 122 14.57 16.85 6.01
N SER C 123 13.93 15.84 5.43
CA SER C 123 13.18 15.99 4.18
C SER C 123 11.77 15.55 4.43
N MET C 124 10.91 16.49 4.83
CA MET C 124 9.53 16.13 5.15
C MET C 124 8.75 15.71 3.89
N SER C 125 9.12 16.27 2.74
CA SER C 125 8.56 15.86 1.44
C SER C 125 8.68 14.35 1.19
N ASN C 126 9.77 13.75 1.67
CA ASN C 126 10.05 12.33 1.41
C ASN C 126 9.73 11.36 2.54
N VAL C 127 9.08 11.85 3.60
CA VAL C 127 8.63 10.98 4.70
C VAL C 127 7.47 10.09 4.22
N PRO C 128 7.58 8.75 4.42
CA PRO C 128 6.58 7.80 3.89
C PRO C 128 5.35 7.55 4.77
N TYR C 129 4.45 6.70 4.26
CA TYR C 129 3.32 6.17 5.01
C TYR C 129 3.70 4.76 5.47
N VAL C 130 3.08 4.29 6.56
CA VAL C 130 3.35 2.92 7.03
C VAL C 130 2.14 2.01 7.04
N MET C 131 2.41 0.72 6.86
CA MET C 131 1.42 -0.33 7.06
C MET C 131 1.96 -1.32 8.09
N ASN C 132 1.13 -1.65 9.07
CA ASN C 132 1.47 -2.66 10.07
C ASN C 132 1.87 -4.01 9.47
N ARG C 133 2.83 -4.65 10.13
CA ARG C 133 3.19 -6.02 9.84
C ARG C 133 2.03 -6.88 10.30
N GLY C 134 1.71 -7.92 9.53
CA GLY C 134 0.65 -8.85 9.93
C GLY C 134 -0.43 -9.00 8.88
N SER C 135 -1.66 -9.21 9.33
CA SER C 135 -2.78 -9.52 8.43
C SER C 135 -3.74 -8.35 8.28
N THR C 136 -4.15 -8.07 7.05
CA THR C 136 -5.04 -6.95 6.77
C THR C 136 -6.46 -7.25 7.29
N PRO C 137 -7.04 -6.31 8.06
CA PRO C 137 -8.38 -6.58 8.60
C PRO C 137 -9.43 -6.60 7.48
N TYR C 138 -10.46 -7.43 7.63
CA TYR C 138 -11.61 -7.35 6.72
C TYR C 138 -12.14 -5.93 6.69
N GLY C 139 -12.41 -5.41 5.50
CA GLY C 139 -13.02 -4.09 5.39
C GLY C 139 -12.04 -2.97 5.11
N GLY C 140 -10.74 -3.29 5.18
CA GLY C 140 -9.70 -2.39 4.71
C GLY C 140 -8.86 -1.80 5.83
N VAL C 141 -7.95 -0.91 5.48
CA VAL C 141 -7.13 -0.20 6.47
C VAL C 141 -6.66 1.16 5.94
N LYS C 142 -6.43 2.11 6.85
CA LYS C 142 -5.80 3.38 6.52
C LYS C 142 -4.31 3.33 6.91
N LEU C 143 -3.43 3.50 5.92
CA LEU C 143 -1.99 3.60 6.16
C LEU C 143 -1.69 4.98 6.74
N GLU C 144 -1.00 5.00 7.88
CA GLU C 144 -0.77 6.25 8.61
C GLU C 144 0.39 7.04 8.02
N ASP C 145 0.26 8.37 8.06
CA ASP C 145 1.29 9.29 7.58
C ASP C 145 2.30 9.46 8.72
N LEU C 146 3.58 9.18 8.46
CA LEU C 146 4.58 9.22 9.54
C LEU C 146 4.87 10.62 10.07
N ILE C 147 4.64 11.64 9.24
CA ILE C 147 4.79 13.04 9.70
C ILE C 147 3.82 13.25 10.86
N VAL C 148 2.59 12.81 10.66
CA VAL C 148 1.54 12.94 11.64
C VAL C 148 1.79 12.00 12.83
N LYS C 149 2.09 10.73 12.56
CA LYS C 149 2.14 9.73 13.64
C LYS C 149 3.40 9.87 14.52
N ASP C 150 4.57 10.03 13.90
CA ASP C 150 5.84 10.11 14.62
C ASP C 150 6.30 11.55 14.91
N GLY C 151 6.01 12.48 14.00
CA GLY C 151 6.47 13.86 14.14
C GLY C 151 5.60 14.80 14.96
N LEU C 152 4.27 14.70 14.80
CA LEU C 152 3.38 15.79 15.20
C LEU C 152 2.26 15.44 16.21
N THR C 153 2.17 14.19 16.61
CA THR C 153 1.10 13.78 17.54
C THR C 153 1.67 13.50 18.93
N ASP C 154 1.16 14.18 19.94
CA ASP C 154 1.54 13.85 21.31
C ASP C 154 1.03 12.46 21.69
N VAL C 155 1.91 11.62 22.22
CA VAL C 155 1.55 10.25 22.56
C VAL C 155 0.49 10.19 23.66
N TYR C 156 0.64 11.04 24.67
CA TYR C 156 -0.06 10.89 25.93
C TYR C 156 -1.44 11.51 25.86
N ASN C 157 -1.55 12.63 25.14
CA ASN C 157 -2.82 13.35 25.00
C ASN C 157 -3.58 12.94 23.74
N LYS C 158 -2.88 12.30 22.80
CA LYS C 158 -3.45 11.87 21.52
C LYS C 158 -4.03 13.07 20.76
N ILE C 159 -3.25 14.17 20.71
CA ILE C 159 -3.64 15.37 19.96
C ILE C 159 -2.41 15.95 19.26
N HIS C 160 -2.65 16.80 18.26
CA HIS C 160 -1.59 17.43 17.45
C HIS C 160 -0.80 18.39 18.33
N MET C 161 0.47 18.65 17.95
CA MET C 161 1.29 19.69 18.61
C MET C 161 0.57 21.05 18.65
N GLY C 162 -0.16 21.35 17.57
CA GLY C 162 -0.94 22.59 17.46
C GLY C 162 -2.01 22.75 18.53
N SER C 163 -2.62 21.63 18.94
CA SER C 163 -3.63 21.65 20.00
C SER C 163 -3.00 21.80 21.39
N CYS C 164 -1.79 21.28 21.55
CA CYS C 164 -1.02 21.52 22.76
C CYS C 164 -0.76 23.03 22.91
N ALA C 165 -0.45 23.68 21.79
CA ALA C 165 -0.22 25.13 21.76
C ALA C 165 -1.46 25.93 22.19
N GLU C 166 -2.64 25.51 21.72
CA GLU C 166 -3.93 26.12 22.10
C GLU C 166 -4.11 26.12 23.63
N ASN C 167 -3.72 25.02 24.27
CA ASN C 167 -3.71 24.92 25.74
C ASN C 167 -2.91 26.03 26.43
N THR C 168 -1.71 26.31 25.92
CA THR C 168 -0.86 27.39 26.44
C THR C 168 -1.46 28.77 26.13
N ALA C 169 -2.12 28.88 24.97
CA ALA C 169 -2.76 30.14 24.58
C ALA C 169 -3.81 30.54 25.60
N LYS C 170 -4.67 29.59 25.94
CA LYS C 170 -5.66 29.72 27.03
C LYS C 170 -5.02 30.17 28.33
N LYS C 171 -4.11 29.35 28.87
CA LYS C 171 -3.53 29.60 30.20
C LYS C 171 -2.86 30.94 30.35
N LEU C 172 -2.15 31.39 29.32
CA LEU C 172 -1.37 32.63 29.41
C LEU C 172 -2.00 33.81 28.69
N ASN C 173 -3.24 33.61 28.24
CA ASN C 173 -4.02 34.68 27.62
C ASN C 173 -3.32 35.30 26.40
N ILE C 174 -2.90 34.45 25.47
CA ILE C 174 -2.25 34.89 24.22
C ILE C 174 -3.23 34.71 23.07
N ALA C 175 -3.79 35.82 22.61
CA ALA C 175 -4.92 35.83 21.70
C ALA C 175 -4.54 35.73 20.21
N ARG C 176 -5.54 35.47 19.38
CA ARG C 176 -5.38 35.37 17.93
C ARG C 176 -4.68 36.58 17.32
N ASN C 177 -5.11 37.78 17.69
CA ASN C 177 -4.58 39.02 17.14
C ASN C 177 -3.09 39.23 17.42
N GLU C 178 -2.66 38.90 18.64
CA GLU C 178 -1.26 39.00 19.04
C GLU C 178 -0.40 37.98 18.29
N GLN C 179 -0.92 36.75 18.19
CA GLN C 179 -0.27 35.68 17.43
C GLN C 179 -0.12 36.03 15.95
N ASP C 180 -1.16 36.64 15.37
CA ASP C 180 -1.12 37.06 13.96
C ASP C 180 -0.13 38.18 13.72
N ALA C 181 -0.06 39.11 14.66
CA ALA C 181 0.91 40.22 14.63
C ALA C 181 2.35 39.70 14.69
N TYR C 182 2.60 38.71 15.55
CA TYR C 182 3.93 38.10 15.61
C TYR C 182 4.30 37.45 14.28
N ALA C 183 3.38 36.67 13.73
CA ALA C 183 3.59 35.99 12.45
C ALA C 183 3.94 36.97 11.33
N ILE C 184 3.14 38.02 11.18
CA ILE C 184 3.42 39.04 10.15
C ILE C 184 4.83 39.60 10.34
N ASN C 185 5.17 39.89 11.60
CA ASN C 185 6.49 40.39 11.98
C ASN C 185 7.65 39.46 11.55
N SER C 186 7.43 38.15 11.69
CA SER C 186 8.41 37.14 11.25
C SER C 186 8.61 37.17 9.73
N TYR C 187 7.51 37.13 8.97
CA TYR C 187 7.62 37.23 7.50
C TYR C 187 8.32 38.53 7.10
N THR C 188 7.96 39.62 7.76
CA THR C 188 8.57 40.91 7.49
C THR C 188 10.09 40.87 7.73
N ARG C 189 10.49 40.43 8.91
CA ARG C 189 11.91 40.30 9.29
C ARG C 189 12.72 39.36 8.39
N SER C 190 12.12 38.24 7.98
CA SER C 190 12.77 37.31 7.02
C SER C 190 13.05 37.97 5.67
N LYS C 191 12.04 38.64 5.12
CA LYS C 191 12.19 39.34 3.83
C LYS C 191 13.30 40.36 3.92
N ALA C 192 13.27 41.14 5.00
CA ALA C 192 14.24 42.21 5.24
C ALA C 192 15.67 41.67 5.29
N ALA C 193 15.84 40.56 5.99
CA ALA C 193 17.15 39.93 6.14
C ALA C 193 17.70 39.40 4.83
N TRP C 194 16.85 38.74 4.02
CA TRP C 194 17.28 38.26 2.71
C TRP C 194 17.63 39.42 1.77
N GLU C 195 16.79 40.44 1.77
CA GLU C 195 17.05 41.64 0.97
C GLU C 195 18.37 42.31 1.33
N ALA C 196 18.70 42.35 2.62
CA ALA C 196 19.92 42.96 3.11
C ALA C 196 21.17 42.08 3.00
N GLY C 197 20.99 40.85 2.50
CA GLY C 197 22.11 39.92 2.30
C GLY C 197 22.68 39.32 3.58
N LYS C 198 21.84 39.25 4.62
CA LYS C 198 22.23 38.75 5.94
C LYS C 198 22.59 37.25 5.99
N PHE C 199 22.28 36.51 4.94
CA PHE C 199 22.53 35.05 4.92
C PHE C 199 23.65 34.65 3.96
N GLY C 200 24.39 35.65 3.49
CA GLY C 200 25.45 35.46 2.50
C GLY C 200 26.48 34.37 2.79
N ASN C 201 26.99 34.34 4.03
CA ASN C 201 27.98 33.35 4.46
C ASN C 201 27.40 32.07 5.03
N GLU C 202 26.10 32.09 5.32
CA GLU C 202 25.41 31.03 6.03
C GLU C 202 24.81 29.98 5.09
N VAL C 203 24.20 30.45 4.00
CA VAL C 203 23.46 29.62 3.07
C VAL C 203 24.30 29.30 1.84
N ILE C 204 24.37 28.01 1.47
CA ILE C 204 24.96 27.63 0.19
C ILE C 204 23.89 27.18 -0.79
N PRO C 205 24.02 27.59 -2.07
CA PRO C 205 22.98 27.22 -3.03
C PRO C 205 23.01 25.73 -3.38
N VAL C 206 21.87 25.21 -3.83
CA VAL C 206 21.85 23.84 -4.35
C VAL C 206 21.26 23.78 -5.77
N THR C 207 21.90 22.97 -6.61
CA THR C 207 21.46 22.76 -7.99
C THR C 207 20.68 21.47 -8.07
N VAL C 208 19.43 21.58 -8.52
CA VAL C 208 18.56 20.44 -8.75
C VAL C 208 18.64 20.11 -10.24
N THR C 209 19.14 18.91 -10.53
CA THR C 209 19.31 18.43 -11.90
C THR C 209 18.31 17.33 -12.22
N VAL C 210 17.46 17.60 -13.20
CA VAL C 210 16.49 16.63 -13.69
C VAL C 210 16.77 16.34 -15.16
N LYS C 211 17.15 15.10 -15.45
CA LYS C 211 17.51 14.68 -16.80
C LYS C 211 16.42 14.98 -17.83
N GLY C 212 16.78 15.76 -18.86
CA GLY C 212 15.84 16.18 -19.90
C GLY C 212 15.05 17.42 -19.54
N GLN C 213 15.67 18.31 -18.76
CA GLN C 213 15.13 19.63 -18.42
C GLN C 213 16.24 20.56 -17.89
N PRO C 214 16.01 21.89 -17.95
CA PRO C 214 17.05 22.82 -17.49
C PRO C 214 17.30 22.71 -15.98
N ASP C 215 18.52 23.01 -15.56
CA ASP C 215 18.84 22.99 -14.14
C ASP C 215 18.15 24.12 -13.40
N VAL C 216 17.87 23.86 -12.13
CA VAL C 216 17.28 24.87 -11.25
C VAL C 216 18.25 25.11 -10.10
N VAL C 217 18.67 26.37 -9.95
CA VAL C 217 19.53 26.78 -8.84
C VAL C 217 18.68 27.39 -7.71
N VAL C 218 18.63 26.70 -6.56
CA VAL C 218 17.94 27.19 -5.37
C VAL C 218 18.94 27.92 -4.48
N LYS C 219 18.80 29.24 -4.37
CA LYS C 219 19.78 30.05 -3.64
C LYS C 219 19.20 30.82 -2.44
N GLU C 220 17.89 30.73 -2.24
CA GLU C 220 17.29 31.32 -1.05
C GLU C 220 16.11 30.52 -0.51
N ASP C 221 15.76 30.76 0.75
CA ASP C 221 14.66 30.10 1.42
C ASP C 221 13.39 30.35 0.64
N GLU C 222 12.58 29.32 0.49
CA GLU C 222 11.40 29.35 -0.38
C GLU C 222 10.13 29.85 0.36
N GLU C 223 10.03 29.51 1.63
CA GLU C 223 8.79 29.67 2.40
C GLU C 223 8.32 31.12 2.66
N TYR C 224 9.25 32.05 2.89
CA TYR C 224 8.87 33.39 3.34
C TYR C 224 8.12 34.22 2.27
N LYS C 225 8.20 33.80 1.01
CA LYS C 225 7.48 34.48 -0.06
C LYS C 225 6.05 33.94 -0.25
N ARG C 226 5.71 32.85 0.43
CA ARG C 226 4.39 32.25 0.35
C ARG C 226 3.49 32.80 1.45
N VAL C 227 3.02 34.03 1.25
CA VAL C 227 2.26 34.74 2.27
C VAL C 227 1.28 35.72 1.61
N ASP C 228 0.21 36.06 2.32
CA ASP C 228 -0.71 37.12 1.92
C ASP C 228 -1.16 37.81 3.20
N PHE C 229 -0.57 38.97 3.48
CA PHE C 229 -0.83 39.67 4.73
C PHE C 229 -2.32 39.98 4.95
N SER C 230 -3.03 40.30 3.86
CA SER C 230 -4.47 40.60 3.94
C SER C 230 -5.31 39.38 4.34
N LYS C 231 -4.84 38.19 3.98
CA LYS C 231 -5.55 36.93 4.27
C LYS C 231 -5.35 36.42 5.71
N VAL C 232 -4.23 36.80 6.33
CA VAL C 232 -3.88 36.35 7.68
C VAL C 232 -5.02 36.42 8.72
N PRO C 233 -5.63 37.61 8.93
CA PRO C 233 -6.67 37.67 9.96
C PRO C 233 -8.00 37.02 9.52
N LYS C 234 -8.04 36.50 8.29
CA LYS C 234 -9.27 35.90 7.76
C LYS C 234 -9.30 34.38 7.89
N LEU C 235 -8.11 33.79 8.06
CA LEU C 235 -7.98 32.32 8.16
C LEU C 235 -8.74 31.74 9.33
N LYS C 236 -9.14 30.48 9.16
CA LYS C 236 -9.81 29.72 10.20
C LYS C 236 -8.78 28.94 11.00
N THR C 237 -9.09 28.69 12.25
CA THR C 237 -8.15 28.04 13.17
C THR C 237 -8.13 26.53 12.92
N VAL C 238 -6.94 26.02 12.55
CA VAL C 238 -6.84 24.68 11.99
C VAL C 238 -6.83 23.51 12.98
N PHE C 239 -6.46 23.76 14.23
CA PHE C 239 -6.36 22.69 15.23
C PHE C 239 -7.50 22.70 16.24
N GLN C 240 -8.18 23.84 16.36
CA GLN C 240 -9.31 23.99 17.27
C GLN C 240 -10.32 25.00 16.71
N LYS C 241 -11.47 24.49 16.28
CA LYS C 241 -12.56 25.32 15.74
C LYS C 241 -13.25 26.18 16.82
N GLU C 242 -13.39 25.62 18.02
CA GLU C 242 -14.02 26.27 19.17
C GLU C 242 -13.08 27.25 19.89
N ASN C 243 -13.19 28.55 19.58
CA ASN C 243 -12.36 29.59 20.20
C ASN C 243 -10.84 29.39 20.02
N GLY C 244 -10.42 29.11 18.79
CA GLY C 244 -9.03 28.84 18.48
C GLY C 244 -8.21 30.10 18.24
N THR C 245 -6.90 29.94 18.16
CA THR C 245 -5.98 31.06 17.90
C THR C 245 -4.93 30.72 16.82
N VAL C 246 -4.65 29.43 16.64
CA VAL C 246 -3.55 28.97 15.75
C VAL C 246 -4.04 28.64 14.34
N THR C 247 -3.36 29.22 13.36
CA THR C 247 -3.71 29.05 11.95
C THR C 247 -2.51 28.57 11.13
N ALA C 248 -2.74 28.25 9.87
CA ALA C 248 -1.65 27.90 8.96
C ALA C 248 -0.61 29.03 8.83
N ALA C 249 -1.08 30.29 8.87
CA ALA C 249 -0.19 31.46 8.77
C ALA C 249 0.71 31.66 9.99
N ASN C 250 0.15 31.52 11.20
CA ASN C 250 0.90 31.82 12.42
C ASN C 250 1.59 30.61 13.07
N ALA C 251 1.41 29.43 12.46
CA ALA C 251 2.18 28.23 12.82
C ALA C 251 3.38 28.03 11.87
N SER C 252 4.38 27.28 12.30
CA SER C 252 5.43 26.83 11.39
C SER C 252 4.87 25.91 10.30
N THR C 253 5.63 25.72 9.24
CA THR C 253 5.22 24.89 8.13
C THR C 253 6.03 23.60 8.10
N LEU C 254 5.71 22.73 7.14
CA LEU C 254 6.47 21.50 6.85
C LEU C 254 7.49 21.77 5.74
N ASN C 255 8.75 21.35 5.94
CA ASN C 255 9.84 21.78 5.08
C ASN C 255 11.02 20.79 4.97
N ASP C 256 11.91 21.07 4.02
CA ASP C 256 13.13 20.31 3.74
C ASP C 256 14.36 21.20 3.95
N GLY C 257 15.40 20.66 4.59
CA GLY C 257 16.66 21.40 4.74
C GLY C 257 17.68 20.68 5.61
N ALA C 258 18.93 21.15 5.57
CA ALA C 258 19.98 20.63 6.44
C ALA C 258 20.98 21.70 6.81
N ALA C 259 21.56 21.57 8.00
CA ALA C 259 22.58 22.51 8.51
C ALA C 259 23.72 21.74 9.15
N ALA C 260 24.95 22.27 9.06
CA ALA C 260 26.12 21.63 9.68
C ALA C 260 27.08 22.66 10.28
N LEU C 261 27.69 22.29 11.40
CA LEU C 261 28.70 23.13 12.04
C LEU C 261 29.98 22.35 12.19
N VAL C 262 31.11 22.99 11.88
CA VAL C 262 32.41 22.42 12.25
C VAL C 262 32.77 22.89 13.65
N LEU C 263 32.96 21.93 14.56
CA LEU C 263 33.35 22.21 15.96
C LEU C 263 34.73 21.65 16.24
N MET C 264 35.52 22.39 17.01
CA MET C 264 36.81 21.87 17.48
C MET C 264 37.22 22.44 18.83
N THR C 265 38.23 21.85 19.46
CA THR C 265 38.76 22.44 20.69
C THR C 265 39.54 23.69 20.30
N ALA C 266 39.71 24.60 21.27
CA ALA C 266 40.51 25.80 21.02
C ALA C 266 41.94 25.44 20.60
N ASP C 267 42.50 24.37 21.17
CA ASP C 267 43.84 23.86 20.78
C ASP C 267 43.92 23.41 19.32
N ALA C 268 42.92 22.64 18.86
CA ALA C 268 42.84 22.22 17.47
C ALA C 268 42.77 23.40 16.49
N ALA C 269 42.04 24.44 16.86
CA ALA C 269 41.89 25.61 16.00
C ALA C 269 43.25 26.28 15.76
N LYS C 270 44.03 26.40 16.84
CA LYS C 270 45.41 26.93 16.79
C LYS C 270 46.34 26.06 15.96
N ARG C 271 46.29 24.75 16.18
CA ARG C 271 47.08 23.81 15.38
C ARG C 271 46.78 23.98 13.88
N LEU C 272 45.50 24.09 13.54
CA LEU C 272 45.08 24.14 12.13
C LEU C 272 45.10 25.55 11.51
N ASN C 273 45.53 26.52 12.31
CA ASN C 273 45.59 27.92 11.90
C ASN C 273 44.28 28.46 11.33
N VAL C 274 43.19 28.16 12.03
CA VAL C 274 41.87 28.68 11.68
C VAL C 274 41.41 29.65 12.76
N THR C 275 40.66 30.67 12.38
CA THR C 275 40.11 31.61 13.36
C THR C 275 38.66 31.24 13.68
N PRO C 276 38.39 30.90 14.96
CA PRO C 276 37.07 30.49 15.41
C PRO C 276 36.07 31.64 15.37
N LEU C 277 34.80 31.31 15.21
CA LEU C 277 33.73 32.29 15.13
C LEU C 277 33.15 32.58 16.50
N ALA C 278 32.95 31.53 17.30
CA ALA C 278 32.31 31.67 18.59
C ALA C 278 32.71 30.55 19.51
N ARG C 279 32.52 30.79 20.81
CA ARG C 279 32.80 29.80 21.84
C ARG C 279 31.49 29.23 22.36
N ILE C 280 31.39 27.91 22.45
CA ILE C 280 30.22 27.32 23.09
C ILE C 280 30.46 27.34 24.60
N VAL C 281 29.61 28.10 25.30
CA VAL C 281 29.80 28.40 26.72
C VAL C 281 29.08 27.41 27.63
N ALA C 282 27.79 27.17 27.36
CA ALA C 282 26.95 26.33 28.21
C ALA C 282 25.69 25.89 27.46
N PHE C 283 25.07 24.82 27.96
CA PHE C 283 23.85 24.30 27.39
C PHE C 283 23.12 23.45 28.42
N ALA C 284 21.83 23.22 28.20
CA ALA C 284 21.00 22.51 29.16
C ALA C 284 19.74 21.94 28.50
N ASP C 285 19.19 20.90 29.11
CA ASP C 285 17.90 20.33 28.73
C ASP C 285 16.92 20.48 29.88
N ALA C 286 15.65 20.72 29.56
CA ALA C 286 14.60 20.79 30.57
C ALA C 286 13.36 20.04 30.08
N ALA C 287 12.52 19.59 31.00
CA ALA C 287 11.25 18.96 30.59
C ALA C 287 10.09 19.29 31.52
N VAL C 288 8.88 19.35 30.95
CA VAL C 288 7.64 19.61 31.68
C VAL C 288 6.59 18.60 31.22
N GLU C 289 5.35 18.76 31.68
CA GLU C 289 4.26 17.92 31.18
C GLU C 289 4.21 17.99 29.65
N PRO C 290 4.04 16.83 28.98
CA PRO C 290 4.00 16.76 27.52
C PRO C 290 3.19 17.87 26.86
N ILE C 291 1.99 18.13 27.37
CA ILE C 291 1.09 19.15 26.79
C ILE C 291 1.67 20.57 26.86
N ASP C 292 2.58 20.80 27.82
CA ASP C 292 3.14 22.11 28.10
C ASP C 292 4.48 22.41 27.43
N PHE C 293 4.86 21.62 26.41
CA PHE C 293 6.12 21.88 25.68
C PHE C 293 6.39 23.35 25.32
N PRO C 294 5.37 24.16 24.93
CA PRO C 294 5.69 25.57 24.58
C PRO C 294 6.44 26.38 25.66
N ILE C 295 6.30 26.02 26.94
CA ILE C 295 6.99 26.75 28.01
C ILE C 295 8.31 26.12 28.50
N ALA C 296 8.58 24.89 28.09
CA ALA C 296 9.83 24.21 28.44
C ALA C 296 11.10 25.03 28.09
N PRO C 297 11.15 25.68 26.91
CA PRO C 297 12.33 26.51 26.60
C PRO C 297 12.64 27.60 27.64
N VAL C 298 11.62 28.07 28.36
CA VAL C 298 11.83 29.07 29.41
C VAL C 298 12.77 28.52 30.49
N TYR C 299 12.44 27.33 30.97
CA TYR C 299 13.22 26.66 32.02
C TYR C 299 14.62 26.26 31.58
N ALA C 300 14.75 25.81 30.33
CA ALA C 300 16.08 25.47 29.79
C ALA C 300 16.97 26.70 29.68
N ALA C 301 16.41 27.82 29.22
CA ALA C 301 17.15 29.09 29.11
C ALA C 301 17.61 29.60 30.49
N SER C 302 16.71 29.52 31.47
CA SER C 302 17.01 29.95 32.84
C SER C 302 18.15 29.12 33.42
N MET C 303 18.08 27.81 33.23
CA MET C 303 19.12 26.90 33.66
C MET C 303 20.48 27.36 33.16
N VAL C 304 20.56 27.68 31.88
CA VAL C 304 21.81 28.10 31.27
C VAL C 304 22.36 29.38 31.91
N LEU C 305 21.50 30.40 32.02
CA LEU C 305 21.89 31.69 32.61
C LEU C 305 22.38 31.56 34.05
N LYS C 306 21.63 30.80 34.85
CA LYS C 306 22.01 30.53 36.25
C LYS C 306 23.37 29.83 36.33
N ASP C 307 23.56 28.81 35.48
CA ASP C 307 24.80 28.03 35.44
C ASP C 307 26.06 28.88 35.23
N VAL C 308 25.97 29.83 34.31
CA VAL C 308 27.08 30.70 33.94
C VAL C 308 27.09 31.97 34.84
N GLY C 309 25.97 32.23 35.50
CA GLY C 309 25.81 33.41 36.33
C GLY C 309 25.65 34.70 35.55
N LEU C 310 24.88 34.64 34.46
CA LEU C 310 24.50 35.83 33.72
C LEU C 310 23.04 36.20 33.98
N LYS C 311 22.68 37.42 33.59
CA LYS C 311 21.29 37.90 33.67
C LYS C 311 20.73 37.95 32.26
N LYS C 312 19.41 37.92 32.15
CA LYS C 312 18.74 37.99 30.84
C LYS C 312 19.17 39.22 30.04
N GLU C 313 19.43 40.32 30.74
CA GLU C 313 19.87 41.59 30.13
C GLU C 313 21.23 41.48 29.44
N ASP C 314 22.02 40.48 29.84
CA ASP C 314 23.36 40.29 29.27
C ASP C 314 23.36 39.69 27.86
N ILE C 315 22.21 39.15 27.44
CA ILE C 315 22.08 38.51 26.13
C ILE C 315 21.78 39.53 25.05
N ALA C 316 22.62 39.58 24.02
CA ALA C 316 22.46 40.51 22.92
C ALA C 316 21.41 40.04 21.90
N MET C 317 21.34 38.74 21.69
CA MET C 317 20.45 38.18 20.69
C MET C 317 19.85 36.87 21.18
N TRP C 318 18.53 36.72 21.00
CA TRP C 318 17.82 35.49 21.36
C TRP C 318 17.31 34.83 20.08
N GLU C 319 17.46 33.50 20.01
CA GLU C 319 16.79 32.69 18.98
C GLU C 319 15.90 31.68 19.68
N VAL C 320 14.60 31.97 19.73
CA VAL C 320 13.61 31.05 20.32
C VAL C 320 12.82 30.42 19.17
N ASN C 321 13.04 29.13 18.92
CA ASN C 321 12.48 28.54 17.71
C ASN C 321 10.97 28.75 17.60
N GLU C 322 10.56 29.21 16.42
CA GLU C 322 9.17 29.58 16.14
C GLU C 322 8.32 28.38 15.71
N ALA C 323 8.22 27.37 16.56
CA ALA C 323 7.37 26.20 16.27
C ALA C 323 5.94 26.68 15.98
N PHE C 324 5.47 27.61 16.81
CA PHE C 324 4.25 28.39 16.61
C PHE C 324 4.50 29.82 17.10
N SER C 325 3.80 30.80 16.53
CA SER C 325 3.91 32.19 17.03
C SER C 325 3.66 32.23 18.54
N LEU C 326 2.66 31.47 18.97
CA LEU C 326 2.33 31.26 20.40
C LEU C 326 3.54 30.91 21.28
N VAL C 327 4.41 30.01 20.81
CA VAL C 327 5.59 29.60 21.54
C VAL C 327 6.51 30.79 21.86
N VAL C 328 6.84 31.58 20.83
CA VAL C 328 7.68 32.77 21.04
C VAL C 328 7.04 33.77 22.02
N LEU C 329 5.75 34.10 21.82
CA LEU C 329 5.09 35.06 22.71
C LEU C 329 5.05 34.54 24.15
N ALA C 330 4.82 33.24 24.33
CA ALA C 330 4.83 32.62 25.66
C ALA C 330 6.19 32.79 26.35
N ASN C 331 7.27 32.67 25.57
CA ASN C 331 8.62 32.81 26.11
C ASN C 331 8.97 34.25 26.47
N ILE C 332 8.66 35.19 25.57
CA ILE C 332 8.81 36.62 25.84
C ILE C 332 8.05 37.02 27.11
N LYS C 333 6.80 36.59 27.21
CA LYS C 333 5.96 36.89 28.37
C LYS C 333 6.59 36.46 29.70
N MET C 334 6.95 35.17 29.81
CA MET C 334 7.48 34.60 31.06
C MET C 334 8.89 35.06 31.42
N LEU C 335 9.75 35.24 30.42
CA LEU C 335 11.12 35.68 30.67
C LEU C 335 11.19 37.17 30.90
N GLU C 336 10.21 37.89 30.36
CA GLU C 336 10.12 39.35 30.42
C GLU C 336 11.31 40.01 29.73
N ILE C 337 11.59 39.57 28.50
CA ILE C 337 12.70 40.09 27.71
C ILE C 337 12.22 41.01 26.59
N ASP C 338 13.14 41.77 26.01
CA ASP C 338 12.85 42.74 24.95
C ASP C 338 12.59 42.06 23.61
N PRO C 339 11.34 42.14 23.12
CA PRO C 339 10.96 41.49 21.85
C PRO C 339 11.76 41.96 20.63
N GLN C 340 12.39 43.12 20.73
CA GLN C 340 13.26 43.62 19.66
C GLN C 340 14.56 42.83 19.54
N LYS C 341 14.86 42.03 20.57
CA LYS C 341 16.08 41.22 20.62
C LYS C 341 15.83 39.74 20.27
N VAL C 342 14.60 39.42 19.86
CA VAL C 342 14.17 38.05 19.67
C VAL C 342 13.92 37.77 18.20
N ASN C 343 14.54 36.70 17.69
CA ASN C 343 14.34 36.21 16.31
C ASN C 343 14.41 37.34 15.28
N ILE C 344 15.48 38.14 15.36
CA ILE C 344 15.54 39.43 14.66
C ILE C 344 15.55 39.34 13.14
N ASN C 345 15.96 38.19 12.60
CA ASN C 345 16.06 38.01 11.16
C ASN C 345 15.10 36.94 10.63
N GLY C 346 13.99 36.79 11.35
CA GLY C 346 12.96 35.82 10.98
C GLY C 346 13.13 34.51 11.72
N GLY C 347 12.28 33.55 11.37
CA GLY C 347 12.31 32.25 12.02
C GLY C 347 11.35 31.25 11.41
N ALA C 348 11.13 30.14 12.12
CA ALA C 348 10.42 28.97 11.55
C ALA C 348 8.98 29.23 11.05
N VAL C 349 8.33 30.27 11.57
CA VAL C 349 6.97 30.61 11.13
C VAL C 349 6.97 31.06 9.66
N SER C 350 8.02 31.76 9.25
CA SER C 350 8.14 32.28 7.88
C SER C 350 9.18 31.57 7.02
N LEU C 351 10.26 31.09 7.65
CA LEU C 351 11.34 30.40 6.94
C LEU C 351 11.11 28.90 6.81
N GLY C 352 10.28 28.34 7.67
CA GLY C 352 9.97 26.92 7.62
C GLY C 352 10.67 26.12 8.72
N HIS C 353 10.27 24.85 8.88
CA HIS C 353 10.69 24.03 10.04
C HIS C 353 10.94 22.57 9.63
N PRO C 354 12.09 22.28 8.97
CA PRO C 354 12.47 20.88 8.79
C PRO C 354 12.95 20.40 10.15
N ILE C 355 12.11 19.62 10.82
CA ILE C 355 12.20 19.50 12.27
C ILE C 355 13.56 19.12 12.85
N GLY C 356 14.24 18.17 12.22
CA GLY C 356 15.57 17.72 12.69
C GLY C 356 16.71 18.69 12.44
N MET C 357 16.47 19.72 11.60
CA MET C 357 17.53 20.69 11.28
C MET C 357 17.47 22.04 12.02
N SER C 358 16.27 22.48 12.40
CA SER C 358 16.07 23.83 12.97
C SER C 358 16.95 24.16 14.18
N GLY C 359 17.10 23.21 15.11
CA GLY C 359 17.95 23.38 16.28
C GLY C 359 19.40 23.71 15.97
N ALA C 360 19.91 23.14 14.88
CA ALA C 360 21.25 23.49 14.37
C ALA C 360 21.25 24.83 13.63
N ARG C 361 20.19 25.09 12.82
CA ARG C 361 20.12 26.32 12.03
C ARG C 361 20.23 27.54 12.94
N ILE C 362 19.46 27.55 14.02
CA ILE C 362 19.39 28.74 14.89
C ILE C 362 20.71 29.02 15.64
N VAL C 363 21.44 27.97 16.03
CA VAL C 363 22.77 28.15 16.61
C VAL C 363 23.73 28.71 15.55
N GLY C 364 23.63 28.17 14.34
CA GLY C 364 24.42 28.65 13.20
C GLY C 364 24.17 30.12 12.89
N HIS C 365 22.92 30.57 13.00
CA HIS C 365 22.58 31.96 12.71
C HIS C 365 23.17 32.94 13.75
N LEU C 366 23.06 32.59 15.03
CA LEU C 366 23.68 33.38 16.10
C LEU C 366 25.18 33.53 15.85
N THR C 367 25.80 32.41 15.48
CA THR C 367 27.23 32.38 15.12
C THR C 367 27.60 33.52 14.16
N HIS C 368 26.82 33.71 13.10
CA HIS C 368 27.10 34.76 12.11
C HIS C 368 26.61 36.15 12.52
N ALA C 369 25.41 36.22 13.09
CA ALA C 369 24.76 37.51 13.36
C ALA C 369 25.37 38.33 14.51
N LEU C 370 25.86 37.66 15.56
CA LEU C 370 26.42 38.35 16.74
C LEU C 370 27.65 39.20 16.40
N LYS C 371 27.85 40.29 17.14
CA LYS C 371 29.07 41.11 17.06
C LYS C 371 30.08 40.65 18.10
N GLN C 372 31.37 40.85 17.82
CA GLN C 372 32.46 40.38 18.69
C GLN C 372 32.18 40.68 20.15
N GLY C 373 32.30 39.67 21.01
CA GLY C 373 32.11 39.83 22.45
C GLY C 373 30.71 39.61 22.97
N GLU C 374 29.73 39.61 22.08
CA GLU C 374 28.31 39.49 22.48
C GLU C 374 27.91 38.05 22.81
N TYR C 375 26.93 37.93 23.71
CA TYR C 375 26.32 36.65 24.07
C TYR C 375 25.02 36.39 23.31
N GLY C 376 24.86 35.18 22.79
CA GLY C 376 23.63 34.78 22.11
C GLY C 376 23.06 33.55 22.78
N LEU C 377 21.75 33.51 22.92
CA LEU C 377 21.10 32.36 23.55
C LEU C 377 20.05 31.79 22.61
N ALA C 378 20.14 30.49 22.32
CA ALA C 378 19.20 29.79 21.44
C ALA C 378 18.44 28.73 22.22
N SER C 379 17.12 28.62 21.99
CA SER C 379 16.31 27.63 22.68
C SER C 379 15.26 27.03 21.74
N ILE C 380 14.88 25.79 21.99
CA ILE C 380 14.01 25.06 21.06
C ILE C 380 13.18 24.02 21.81
N CYS C 381 11.86 24.07 21.64
CA CYS C 381 10.98 23.11 22.32
C CYS C 381 10.93 21.80 21.54
N ASN C 382 10.52 20.71 22.21
CA ASN C 382 10.33 19.44 21.51
C ASN C 382 9.18 18.59 22.02
N GLY C 383 8.61 17.81 21.11
CA GLY C 383 7.50 16.91 21.43
C GLY C 383 7.80 16.02 22.62
N GLY C 384 6.79 15.81 23.45
CA GLY C 384 6.93 15.03 24.67
C GLY C 384 7.12 15.88 25.92
N GLY C 385 7.31 17.19 25.74
CA GLY C 385 7.41 18.14 26.85
C GLY C 385 8.80 18.69 27.14
N GLY C 386 9.73 18.54 26.21
CA GLY C 386 11.10 18.99 26.45
C GLY C 386 11.55 20.25 25.76
N ALA C 387 12.74 20.73 26.15
CA ALA C 387 13.44 21.77 25.39
C ALA C 387 14.95 21.72 25.62
N SER C 388 15.71 22.23 24.64
CA SER C 388 17.15 22.41 24.78
C SER C 388 17.48 23.91 24.65
N ALA C 389 18.58 24.32 25.28
CA ALA C 389 19.05 25.71 25.17
C ALA C 389 20.57 25.73 25.15
N MET C 390 21.14 26.70 24.43
CA MET C 390 22.59 26.85 24.29
C MET C 390 23.02 28.32 24.36
N LEU C 391 24.12 28.58 25.07
CA LEU C 391 24.69 29.94 25.13
C LEU C 391 26.04 29.97 24.42
N ILE C 392 26.21 30.91 23.48
CA ILE C 392 27.50 31.10 22.81
C ILE C 392 28.00 32.56 22.98
N GLN C 393 29.31 32.75 22.82
CA GLN C 393 29.88 34.09 22.82
C GLN C 393 30.71 34.29 21.57
N LYS C 394 30.44 35.38 20.86
CA LYS C 394 31.21 35.74 19.67
C LYS C 394 32.67 36.07 19.98
N LEU C 395 33.55 35.59 19.11
CA LEU C 395 34.97 35.84 19.21
C LEU C 395 35.39 36.88 18.16
N SER D 3 47.14 19.52 26.91
CA SER D 3 46.82 18.90 28.23
C SER D 3 45.51 18.11 28.19
N LYS D 4 45.44 17.02 28.93
CA LYS D 4 44.23 16.21 29.00
C LYS D 4 43.30 16.79 30.05
N PRO D 5 41.97 16.80 29.77
CA PRO D 5 41.00 17.21 30.79
C PRO D 5 40.96 16.31 32.03
N THR D 6 40.52 16.87 33.15
CA THR D 6 40.34 16.11 34.38
C THR D 6 38.85 15.84 34.51
N LEU D 7 38.48 14.56 34.49
CA LEU D 7 37.09 14.11 34.36
C LEU D 7 36.60 13.40 35.62
N LYS D 8 35.28 13.32 35.79
CA LYS D 8 34.70 12.51 36.86
C LYS D 8 34.76 11.01 36.53
N GLU D 9 34.90 10.17 37.55
CA GLU D 9 34.91 8.72 37.39
C GLU D 9 33.46 8.22 37.25
N VAL D 10 33.22 7.33 36.28
CA VAL D 10 31.87 6.83 36.00
C VAL D 10 31.74 5.36 36.39
N VAL D 11 30.67 5.01 37.11
CA VAL D 11 30.43 3.62 37.53
C VAL D 11 29.06 3.09 37.07
N ILE D 12 29.00 1.78 36.80
CA ILE D 12 27.75 1.06 36.59
C ILE D 12 27.26 0.54 37.93
N VAL D 13 26.02 0.90 38.29
CA VAL D 13 25.43 0.50 39.57
C VAL D 13 24.43 -0.64 39.42
N SER D 14 23.82 -0.76 38.25
CA SER D 14 22.90 -1.86 37.94
C SER D 14 22.80 -2.06 36.43
N ALA D 15 22.40 -3.26 36.03
CA ALA D 15 22.20 -3.62 34.63
C ALA D 15 21.16 -4.73 34.50
N THR D 16 20.04 -4.39 33.89
CA THR D 16 18.87 -5.26 33.83
C THR D 16 18.36 -5.34 32.39
N ARG D 17 17.78 -6.49 32.03
CA ARG D 17 17.16 -6.67 30.72
C ARG D 17 15.90 -7.50 30.78
N THR D 18 15.07 -7.36 29.75
CA THR D 18 14.00 -8.32 29.49
C THR D 18 14.63 -9.60 28.91
N PRO D 19 13.86 -10.71 28.93
CA PRO D 19 14.27 -11.84 28.12
C PRO D 19 14.20 -11.44 26.64
N ILE D 20 14.90 -12.14 25.77
CA ILE D 20 14.82 -11.86 24.35
C ILE D 20 13.76 -12.79 23.71
N GLY D 21 12.81 -12.17 23.02
CA GLY D 21 11.74 -12.88 22.32
C GLY D 21 12.10 -13.17 20.88
N SER D 22 11.57 -14.27 20.33
CA SER D 22 11.80 -14.62 18.94
C SER D 22 10.87 -13.75 18.09
N PHE D 23 11.20 -13.63 16.80
CA PHE D 23 10.42 -12.87 15.82
C PHE D 23 8.97 -13.38 15.74
N LEU D 24 8.01 -12.50 16.01
CA LEU D 24 6.57 -12.85 16.03
C LEU D 24 6.26 -13.87 17.13
N GLY D 25 7.08 -13.84 18.19
CA GLY D 25 7.05 -14.85 19.24
C GLY D 25 6.51 -14.33 20.54
N SER D 26 7.13 -14.76 21.64
CA SER D 26 6.58 -14.55 22.99
C SER D 26 6.35 -13.11 23.43
N LEU D 27 7.15 -12.19 22.91
CA LEU D 27 7.03 -10.77 23.29
C LEU D 27 6.53 -9.87 22.16
N SER D 28 6.04 -10.48 21.09
CA SER D 28 5.65 -9.77 19.86
C SER D 28 4.47 -8.80 20.01
N LEU D 29 3.66 -8.99 21.06
CA LEU D 29 2.53 -8.10 21.31
C LEU D 29 2.92 -6.77 21.98
N LEU D 30 4.17 -6.67 22.44
CA LEU D 30 4.59 -5.49 23.21
C LEU D 30 5.48 -4.61 22.33
N PRO D 31 5.16 -3.31 22.22
CA PRO D 31 6.02 -2.41 21.45
C PRO D 31 7.40 -2.24 22.09
N ALA D 32 8.39 -1.84 21.30
CA ALA D 32 9.72 -1.57 21.83
C ALA D 32 9.76 -0.63 23.03
N THR D 33 8.95 0.43 23.02
CA THR D 33 8.94 1.42 24.12
C THR D 33 8.47 0.81 25.47
N LYS D 34 7.62 -0.21 25.40
CA LYS D 34 7.10 -0.90 26.60
C LYS D 34 8.15 -1.86 27.19
N LEU D 35 8.86 -2.57 26.34
CA LEU D 35 10.00 -3.35 26.80
C LEU D 35 11.04 -2.42 27.44
N GLY D 36 11.26 -1.25 26.82
CA GLY D 36 12.09 -0.17 27.40
C GLY D 36 11.68 0.23 28.80
N SER D 37 10.38 0.50 29.01
CA SER D 37 9.86 0.78 30.36
C SER D 37 10.17 -0.32 31.36
N ILE D 38 9.98 -1.57 30.95
CA ILE D 38 10.20 -2.74 31.83
C ILE D 38 11.68 -2.80 32.30
N ALA D 39 12.60 -2.68 31.34
CA ALA D 39 14.04 -2.72 31.62
C ALA D 39 14.52 -1.55 32.49
N ILE D 40 14.04 -0.36 32.20
CA ILE D 40 14.37 0.86 32.93
C ILE D 40 13.88 0.79 34.39
N GLN D 41 12.64 0.35 34.60
CA GLN D 41 12.11 0.21 35.95
C GLN D 41 12.88 -0.87 36.73
N GLY D 42 13.16 -1.97 36.05
CA GLY D 42 13.97 -3.06 36.60
C GLY D 42 15.33 -2.58 37.09
N ALA D 43 16.05 -1.84 36.23
CA ALA D 43 17.35 -1.29 36.58
C ALA D 43 17.26 -0.34 37.78
N ILE D 44 16.27 0.54 37.81
CA ILE D 44 16.10 1.48 38.92
C ILE D 44 15.89 0.71 40.22
N GLU D 45 14.96 -0.25 40.19
CA GLU D 45 14.69 -1.10 41.35
C GLU D 45 15.96 -1.79 41.87
N LYS D 46 16.69 -2.44 40.97
CA LYS D 46 17.90 -3.18 41.33
C LYS D 46 19.01 -2.29 41.87
N ALA D 47 19.10 -1.05 41.40
CA ALA D 47 20.10 -0.09 41.88
C ALA D 47 19.82 0.38 43.31
N GLY D 48 18.55 0.34 43.71
CA GLY D 48 18.12 0.76 45.04
C GLY D 48 18.10 2.26 45.25
N ILE D 49 17.83 3.03 44.19
CA ILE D 49 17.72 4.49 44.30
C ILE D 49 16.30 4.94 43.98
N PRO D 50 15.89 6.14 44.48
CA PRO D 50 14.60 6.70 44.05
C PRO D 50 14.61 7.03 42.57
N LYS D 51 13.48 6.79 41.89
CA LYS D 51 13.33 7.16 40.48
C LYS D 51 13.70 8.62 40.20
N GLU D 52 13.36 9.49 41.15
CA GLU D 52 13.63 10.93 41.03
C GLU D 52 15.12 11.30 40.95
N GLU D 53 16.00 10.38 41.34
CA GLU D 53 17.43 10.61 41.24
C GLU D 53 17.98 10.54 39.80
N VAL D 54 17.32 9.78 38.93
CA VAL D 54 17.73 9.71 37.51
C VAL D 54 17.49 11.05 36.82
N LYS D 55 18.57 11.67 36.35
CA LYS D 55 18.53 13.01 35.79
C LYS D 55 18.16 13.10 34.29
N GLU D 56 18.57 12.10 33.52
CA GLU D 56 18.42 12.15 32.06
C GLU D 56 18.53 10.71 31.53
N ALA D 57 17.97 10.45 30.34
CA ALA D 57 17.96 9.11 29.74
C ALA D 57 18.29 9.10 28.24
N TYR D 58 19.09 8.12 27.83
CA TYR D 58 19.44 7.88 26.42
C TYR D 58 19.14 6.41 26.11
N MET D 59 18.36 6.16 25.05
CA MET D 59 18.13 4.77 24.61
C MET D 59 18.47 4.55 23.14
N GLY D 60 19.20 3.49 22.85
CA GLY D 60 19.39 3.05 21.46
C GLY D 60 18.12 2.42 20.91
N ASN D 61 17.87 2.61 19.60
CA ASN D 61 16.63 2.16 18.93
C ASN D 61 16.82 2.43 17.44
N VAL D 62 17.00 1.37 16.64
CA VAL D 62 17.42 1.52 15.23
C VAL D 62 16.21 1.76 14.32
N LEU D 63 15.10 1.06 14.59
CA LEU D 63 13.95 1.08 13.67
C LEU D 63 12.77 1.76 14.35
N GLN D 64 12.74 3.09 14.26
CA GLN D 64 11.84 3.92 15.07
C GLN D 64 10.49 4.21 14.36
N GLY D 65 10.39 3.83 13.09
CA GLY D 65 9.19 4.10 12.28
C GLY D 65 7.94 3.47 12.83
N GLY D 66 6.92 4.29 13.07
CA GLY D 66 5.63 3.80 13.56
C GLY D 66 5.55 3.67 15.07
N GLU D 67 6.64 3.98 15.77
CA GLU D 67 6.64 3.87 17.24
C GLU D 67 5.98 5.05 17.95
N GLY D 68 5.69 6.12 17.21
CA GLY D 68 5.19 7.32 17.85
C GLY D 68 6.30 8.27 18.26
N GLN D 69 5.89 9.45 18.68
CA GLN D 69 6.79 10.55 18.98
C GLN D 69 7.73 10.22 20.12
N ALA D 70 8.99 10.62 19.98
CA ALA D 70 10.01 10.50 21.04
C ALA D 70 10.04 9.14 21.76
N PRO D 71 10.51 8.08 21.08
CA PRO D 71 10.51 6.73 21.69
C PRO D 71 11.09 6.65 23.11
N THR D 72 12.26 7.24 23.34
CA THR D 72 12.89 7.22 24.68
C THR D 72 12.02 7.88 25.75
N ARG D 73 11.37 8.99 25.41
CA ARG D 73 10.45 9.65 26.36
C ARG D 73 9.29 8.71 26.75
N GLN D 74 8.73 8.03 25.77
CA GLN D 74 7.68 7.02 26.03
C GLN D 74 8.14 5.94 27.02
N ALA D 75 9.34 5.40 26.82
CA ALA D 75 9.90 4.36 27.69
C ALA D 75 10.13 4.89 29.12
N VAL D 76 10.63 6.11 29.21
CA VAL D 76 10.95 6.77 30.49
C VAL D 76 9.69 7.14 31.27
N LEU D 77 8.74 7.81 30.62
CA LEU D 77 7.47 8.14 31.28
C LEU D 77 6.67 6.88 31.59
N GLY D 78 6.81 5.85 30.75
CA GLY D 78 6.14 4.58 30.97
C GLY D 78 6.69 3.77 32.14
N ALA D 79 7.94 4.05 32.52
CA ALA D 79 8.58 3.46 33.70
C ALA D 79 8.29 4.26 34.98
N GLY D 80 7.53 5.34 34.85
CA GLY D 80 7.12 6.10 36.02
C GLY D 80 8.16 7.09 36.52
N LEU D 81 9.11 7.46 35.67
CA LEU D 81 10.10 8.49 35.99
C LEU D 81 9.50 9.89 35.85
N PRO D 82 10.11 10.89 36.52
CA PRO D 82 9.56 12.25 36.54
C PRO D 82 9.40 12.87 35.14
N ILE D 83 8.39 13.73 34.99
CA ILE D 83 8.19 14.47 33.74
C ILE D 83 9.33 15.46 33.46
N SER D 84 10.16 15.69 34.48
CA SER D 84 11.31 16.59 34.36
C SER D 84 12.53 15.94 33.69
N THR D 85 12.43 14.65 33.37
CA THR D 85 13.55 13.87 32.78
C THR D 85 13.72 14.05 31.25
N PRO D 86 14.79 14.75 30.80
CA PRO D 86 15.09 14.83 29.36
C PRO D 86 15.51 13.49 28.77
N CYS D 87 15.13 13.27 27.50
CA CYS D 87 15.30 11.99 26.80
C CYS D 87 15.79 12.17 25.37
N THR D 88 16.69 11.28 24.93
CA THR D 88 17.21 11.29 23.55
C THR D 88 17.30 9.87 23.05
N THR D 89 16.85 9.66 21.81
CA THR D 89 16.90 8.36 21.16
C THR D 89 18.08 8.30 20.15
N ILE D 90 18.88 7.25 20.27
CA ILE D 90 20.18 7.09 19.62
C ILE D 90 20.17 6.02 18.54
N ASN D 91 20.73 6.32 17.37
CA ASN D 91 20.81 5.34 16.29
C ASN D 91 22.22 5.24 15.68
N LYS D 92 22.97 4.22 16.08
CA LYS D 92 24.25 3.86 15.44
C LYS D 92 24.12 2.41 14.92
N VAL D 93 22.97 2.13 14.29
CA VAL D 93 22.58 0.75 13.91
C VAL D 93 22.82 -0.25 15.07
N CSO D 94 23.43 -1.41 14.79
CA CSO D 94 23.64 -2.44 15.83
CB CSO D 94 24.30 -3.72 15.29
SG CSO D 94 23.56 -4.27 13.73
C CSO D 94 24.46 -1.96 17.03
O CSO D 94 24.41 -2.58 18.08
OD CSO D 94 24.33 -3.43 12.36
N ALA D 95 25.23 -0.88 16.84
CA ALA D 95 26.02 -0.33 17.95
C ALA D 95 25.24 0.60 18.88
N SER D 96 23.96 0.86 18.58
CA SER D 96 23.17 1.89 19.31
C SER D 96 23.11 1.74 20.83
N GLY D 97 22.96 0.51 21.32
CA GLY D 97 22.84 0.25 22.75
C GLY D 97 24.14 0.56 23.49
N MET D 98 25.29 0.25 22.86
CA MET D 98 26.59 0.62 23.43
C MET D 98 26.86 2.12 23.31
N LYS D 99 26.56 2.70 22.15
CA LYS D 99 26.79 4.15 21.94
C LYS D 99 26.00 5.01 22.94
N ALA D 100 24.77 4.59 23.27
CA ALA D 100 23.98 5.27 24.31
C ALA D 100 24.71 5.33 25.66
N ILE D 101 25.31 4.21 26.06
CA ILE D 101 26.10 4.13 27.32
C ILE D 101 27.32 5.04 27.25
N MET D 102 28.04 4.96 26.15
CA MET D 102 29.21 5.83 25.89
C MET D 102 28.89 7.33 25.99
N MET D 103 27.82 7.76 25.30
CA MET D 103 27.43 9.18 25.30
C MET D 103 26.94 9.65 26.67
N ALA D 104 26.21 8.78 27.37
CA ALA D 104 25.81 9.07 28.74
C ALA D 104 27.06 9.21 29.65
N SER D 105 28.02 8.30 29.49
CA SER D 105 29.29 8.35 30.24
C SER D 105 29.99 9.70 30.06
N GLN D 106 29.94 10.22 28.84
CA GLN D 106 30.60 11.49 28.50
C GLN D 106 29.97 12.67 29.19
N SER D 107 28.63 12.66 29.31
CA SER D 107 27.91 13.68 30.07
C SER D 107 28.27 13.61 31.56
N LEU D 108 28.37 12.40 32.11
CA LEU D 108 28.78 12.22 33.51
C LEU D 108 30.22 12.70 33.76
N MET D 109 31.13 12.34 32.84
CA MET D 109 32.54 12.76 32.89
C MET D 109 32.73 14.27 32.94
N CYS D 110 31.92 14.99 32.15
CA CYS D 110 31.87 16.46 32.13
C CYS D 110 31.28 17.08 33.39
N GLY D 111 30.63 16.27 34.22
CA GLY D 111 29.92 16.78 35.39
C GLY D 111 28.63 17.48 35.04
N HIS D 112 28.06 17.17 33.86
CA HIS D 112 26.80 17.78 33.41
C HIS D 112 25.56 17.13 34.01
N GLN D 113 25.69 15.89 34.45
CA GLN D 113 24.67 15.19 35.21
C GLN D 113 25.41 14.32 36.20
N ASP D 114 24.75 13.83 37.24
CA ASP D 114 25.42 12.92 38.16
C ASP D 114 24.88 11.49 38.15
N VAL D 115 23.65 11.32 37.65
CA VAL D 115 23.00 10.00 37.54
C VAL D 115 22.19 9.93 36.22
N MET D 116 22.40 8.88 35.44
CA MET D 116 21.66 8.69 34.18
C MET D 116 21.27 7.24 33.98
N VAL D 117 20.28 7.02 33.12
CA VAL D 117 19.96 5.68 32.61
C VAL D 117 20.31 5.65 31.11
N ALA D 118 20.91 4.54 30.68
CA ALA D 118 21.27 4.34 29.27
C ALA D 118 21.08 2.88 28.91
N GLY D 119 20.65 2.63 27.67
CA GLY D 119 20.48 1.27 27.18
C GLY D 119 20.03 1.23 25.75
N GLY D 120 19.23 0.22 25.42
CA GLY D 120 18.69 0.06 24.08
C GLY D 120 17.44 -0.80 24.05
N MET D 121 16.67 -0.66 22.98
CA MET D 121 15.38 -1.36 22.85
C MET D 121 15.06 -1.57 21.40
N GLU D 122 14.40 -2.69 21.09
CA GLU D 122 13.97 -2.98 19.73
C GLU D 122 12.81 -4.00 19.72
N SER D 123 11.79 -3.74 18.90
CA SER D 123 10.76 -4.76 18.67
C SER D 123 10.69 -5.00 17.17
N MET D 124 11.47 -5.98 16.72
CA MET D 124 11.55 -6.24 15.28
C MET D 124 10.21 -6.81 14.78
N SER D 125 9.52 -7.58 15.63
CA SER D 125 8.17 -8.07 15.36
C SER D 125 7.19 -6.98 14.89
N ASN D 126 7.35 -5.78 15.45
CA ASN D 126 6.44 -4.66 15.17
C ASN D 126 6.97 -3.59 14.18
N VAL D 127 8.10 -3.86 13.54
CA VAL D 127 8.60 -2.94 12.50
C VAL D 127 7.69 -2.98 11.27
N PRO D 128 7.21 -1.80 10.80
CA PRO D 128 6.22 -1.80 9.71
C PRO D 128 6.82 -1.81 8.29
N TYR D 129 5.92 -1.83 7.30
CA TYR D 129 6.26 -1.65 5.89
C TYR D 129 6.02 -0.19 5.52
N VAL D 130 6.66 0.29 4.45
CA VAL D 130 6.50 1.69 3.98
C VAL D 130 6.05 1.81 2.51
N MET D 131 5.22 2.82 2.25
CA MET D 131 4.88 3.25 0.90
C MET D 131 5.32 4.71 0.74
N ASN D 132 5.96 5.01 -0.38
CA ASN D 132 6.43 6.37 -0.63
C ASN D 132 5.32 7.42 -0.79
N ARG D 133 5.64 8.66 -0.42
CA ARG D 133 4.78 9.80 -0.66
C ARG D 133 4.98 10.22 -2.12
N GLY D 134 3.89 10.58 -2.78
CA GLY D 134 3.98 11.07 -4.16
C GLY D 134 2.98 10.42 -5.08
N SER D 135 3.19 10.59 -6.38
CA SER D 135 2.31 9.97 -7.37
C SER D 135 2.64 8.50 -7.56
N THR D 136 1.61 7.68 -7.60
CA THR D 136 1.73 6.26 -7.82
C THR D 136 2.26 6.03 -9.24
N PRO D 137 3.45 5.40 -9.38
CA PRO D 137 4.00 5.16 -10.72
C PRO D 137 3.24 4.07 -11.49
N TYR D 138 3.15 4.25 -12.81
CA TYR D 138 2.49 3.27 -13.66
C TYR D 138 3.20 1.92 -13.53
N GLY D 139 2.44 0.84 -13.40
CA GLY D 139 3.02 -0.50 -13.39
C GLY D 139 3.20 -1.15 -12.03
N GLY D 140 3.03 -0.38 -10.96
CA GLY D 140 3.14 -0.95 -9.62
C GLY D 140 3.66 0.00 -8.57
N VAL D 141 3.27 -0.26 -7.32
CA VAL D 141 3.70 0.51 -6.17
C VAL D 141 4.38 -0.47 -5.21
N LYS D 142 5.62 -0.18 -4.80
CA LYS D 142 6.30 -1.08 -3.85
C LYS D 142 5.98 -0.77 -2.39
N LEU D 143 5.78 -1.83 -1.61
CA LEU D 143 5.70 -1.74 -0.16
C LEU D 143 6.94 -2.40 0.38
N GLU D 144 7.87 -1.59 0.88
CA GLU D 144 9.15 -2.09 1.37
C GLU D 144 9.11 -2.42 2.87
N ASP D 145 9.86 -3.44 3.26
CA ASP D 145 9.94 -3.91 4.63
C ASP D 145 11.07 -3.13 5.32
N LEU D 146 10.74 -2.37 6.36
CA LEU D 146 11.74 -1.49 7.01
C LEU D 146 12.85 -2.26 7.71
N ILE D 147 12.60 -3.49 8.13
CA ILE D 147 13.69 -4.34 8.65
C ILE D 147 14.78 -4.51 7.59
N VAL D 148 14.39 -4.88 6.37
CA VAL D 148 15.33 -5.05 5.25
C VAL D 148 15.94 -3.72 4.77
N LYS D 149 15.08 -2.72 4.57
CA LYS D 149 15.49 -1.44 3.97
C LYS D 149 16.40 -0.59 4.87
N ASP D 150 15.98 -0.40 6.13
CA ASP D 150 16.73 0.45 7.05
C ASP D 150 17.67 -0.36 7.96
N GLY D 151 17.30 -1.61 8.25
CA GLY D 151 18.07 -2.43 9.18
C GLY D 151 19.23 -3.22 8.60
N LEU D 152 18.99 -3.92 7.48
CA LEU D 152 19.90 -5.01 7.05
C LEU D 152 20.58 -4.86 5.68
N THR D 153 20.25 -3.80 4.95
CA THR D 153 20.81 -3.62 3.61
C THR D 153 21.89 -2.54 3.59
N ASP D 154 23.07 -2.89 3.11
CA ASP D 154 24.13 -1.90 2.95
C ASP D 154 23.74 -0.95 1.83
N VAL D 155 23.75 0.35 2.12
CA VAL D 155 23.35 1.37 1.15
C VAL D 155 24.22 1.30 -0.10
N TYR D 156 25.53 1.15 0.12
CA TYR D 156 26.56 1.41 -0.89
C TYR D 156 26.76 0.24 -1.85
N ASN D 157 26.71 -0.97 -1.30
CA ASN D 157 26.87 -2.19 -2.06
C ASN D 157 25.54 -2.78 -2.52
N LYS D 158 24.46 -2.32 -1.91
CA LYS D 158 23.09 -2.79 -2.24
C LYS D 158 22.91 -4.28 -1.99
N ILE D 159 23.53 -4.78 -0.92
CA ILE D 159 23.44 -6.19 -0.53
C ILE D 159 23.18 -6.33 0.97
N HIS D 160 22.71 -7.50 1.38
CA HIS D 160 22.40 -7.78 2.79
C HIS D 160 23.69 -7.81 3.61
N MET D 161 23.58 -7.48 4.90
CA MET D 161 24.70 -7.63 5.84
C MET D 161 25.33 -9.02 5.70
N GLY D 162 24.49 -10.04 5.57
CA GLY D 162 24.96 -11.44 5.39
C GLY D 162 25.87 -11.64 4.18
N SER D 163 25.61 -10.91 3.09
CA SER D 163 26.48 -10.96 1.91
C SER D 163 27.81 -10.26 2.15
N CYS D 164 27.80 -9.23 2.98
CA CYS D 164 29.03 -8.53 3.38
C CYS D 164 29.89 -9.46 4.22
N ALA D 165 29.24 -10.26 5.07
CA ALA D 165 29.94 -11.25 5.88
C ALA D 165 30.63 -12.30 4.98
N GLU D 166 29.94 -12.75 3.93
CA GLU D 166 30.53 -13.71 2.97
C GLU D 166 31.87 -13.21 2.42
N ASN D 167 31.92 -11.91 2.11
CA ASN D 167 33.15 -11.24 1.69
C ASN D 167 34.35 -11.45 2.63
N THR D 168 34.12 -11.32 3.93
CA THR D 168 35.16 -11.52 4.96
C THR D 168 35.53 -13.00 5.12
N ALA D 169 34.53 -13.87 5.00
CA ALA D 169 34.78 -15.32 5.01
C ALA D 169 35.75 -15.70 3.88
N LYS D 170 35.51 -15.16 2.69
CA LYS D 170 36.42 -15.31 1.54
C LYS D 170 37.83 -14.80 1.86
N LYS D 171 37.92 -13.52 2.23
CA LYS D 171 39.20 -12.86 2.51
C LYS D 171 40.07 -13.54 3.57
N LEU D 172 39.44 -14.02 4.64
CA LEU D 172 40.17 -14.56 5.79
C LEU D 172 40.11 -16.09 5.86
N ASN D 173 39.56 -16.71 4.80
CA ASN D 173 39.42 -18.18 4.70
C ASN D 173 38.79 -18.80 5.95
N ILE D 174 37.55 -18.39 6.22
CA ILE D 174 36.76 -18.95 7.33
C ILE D 174 35.62 -19.78 6.72
N ALA D 175 35.73 -21.10 6.84
CA ALA D 175 34.85 -22.02 6.10
C ALA D 175 33.52 -22.29 6.81
N ARG D 176 32.59 -22.89 6.07
CA ARG D 176 31.27 -23.30 6.58
C ARG D 176 31.37 -24.13 7.85
N ASN D 177 32.31 -25.08 7.88
CA ASN D 177 32.39 -26.01 9.01
C ASN D 177 32.82 -25.32 10.29
N GLU D 178 33.75 -24.37 10.17
CA GLU D 178 34.22 -23.60 11.31
C GLU D 178 33.10 -22.71 11.88
N GLN D 179 32.35 -22.07 10.98
CA GLN D 179 31.20 -21.24 11.34
C GLN D 179 30.10 -22.04 12.03
N ASP D 180 29.81 -23.24 11.51
CA ASP D 180 28.81 -24.12 12.11
C ASP D 180 29.24 -24.58 13.51
N ALA D 181 30.51 -24.95 13.66
CA ALA D 181 31.06 -25.32 14.98
C ALA D 181 30.89 -24.18 15.97
N TYR D 182 31.21 -22.96 15.55
CA TYR D 182 31.01 -21.80 16.43
C TYR D 182 29.55 -21.67 16.87
N ALA D 183 28.64 -21.80 15.91
CA ALA D 183 27.21 -21.64 16.22
C ALA D 183 26.69 -22.67 17.23
N ILE D 184 27.03 -23.95 17.00
CA ILE D 184 26.72 -25.04 17.93
C ILE D 184 27.25 -24.71 19.33
N ASN D 185 28.51 -24.24 19.38
CA ASN D 185 29.17 -23.76 20.60
C ASN D 185 28.36 -22.66 21.31
N SER D 186 27.84 -21.71 20.54
CA SER D 186 27.02 -20.63 21.11
C SER D 186 25.74 -21.17 21.74
N TYR D 187 24.99 -21.97 20.99
CA TYR D 187 23.78 -22.62 21.55
C TYR D 187 24.07 -23.44 22.80
N THR D 188 25.19 -24.17 22.78
CA THR D 188 25.61 -24.98 23.92
C THR D 188 25.86 -24.13 25.15
N ARG D 189 26.60 -23.03 24.98
CA ARG D 189 26.93 -22.12 26.10
C ARG D 189 25.68 -21.42 26.66
N SER D 190 24.76 -21.01 25.78
CA SER D 190 23.49 -20.39 26.20
C SER D 190 22.63 -21.32 27.07
N LYS D 191 22.44 -22.56 26.61
CA LYS D 191 21.68 -23.58 27.36
C LYS D 191 22.32 -23.84 28.72
N ALA D 192 23.64 -24.00 28.74
CA ALA D 192 24.39 -24.22 29.98
C ALA D 192 24.19 -23.09 31.00
N ALA D 193 24.40 -21.85 30.55
CA ALA D 193 24.24 -20.67 31.40
C ALA D 193 22.85 -20.55 31.99
N TRP D 194 21.84 -20.70 31.13
CA TRP D 194 20.44 -20.62 31.51
C TRP D 194 20.10 -21.68 32.56
N GLU D 195 20.49 -22.91 32.29
CA GLU D 195 20.19 -24.03 33.20
C GLU D 195 20.97 -23.94 34.52
N ALA D 196 22.11 -23.26 34.50
CA ALA D 196 22.92 -23.05 35.70
C ALA D 196 22.44 -21.87 36.56
N GLY D 197 21.48 -21.10 36.04
CA GLY D 197 20.90 -19.98 36.79
C GLY D 197 21.76 -18.72 36.73
N LYS D 198 22.57 -18.59 35.68
CA LYS D 198 23.50 -17.46 35.55
C LYS D 198 22.90 -16.11 35.16
N PHE D 199 21.61 -16.06 34.80
CA PHE D 199 21.00 -14.78 34.42
C PHE D 199 20.00 -14.35 35.49
N GLY D 200 20.12 -14.97 36.66
CA GLY D 200 19.22 -14.75 37.80
C GLY D 200 19.11 -13.31 38.26
N ASN D 201 20.21 -12.57 38.18
CA ASN D 201 20.17 -11.15 38.51
C ASN D 201 20.12 -10.24 37.29
N GLU D 202 20.52 -10.75 36.13
CA GLU D 202 20.56 -9.96 34.89
C GLU D 202 19.16 -9.77 34.25
N VAL D 203 18.41 -10.86 34.14
CA VAL D 203 17.12 -10.84 33.44
C VAL D 203 15.95 -10.75 34.41
N ILE D 204 14.96 -9.92 34.07
CA ILE D 204 13.70 -9.88 34.81
C ILE D 204 12.56 -10.40 33.93
N PRO D 205 11.62 -11.16 34.53
CA PRO D 205 10.53 -11.77 33.77
C PRO D 205 9.48 -10.77 33.28
N VAL D 206 8.73 -11.16 32.27
CA VAL D 206 7.71 -10.32 31.66
C VAL D 206 6.37 -11.09 31.58
N THR D 207 5.32 -10.49 32.13
CA THR D 207 3.97 -11.05 32.03
C THR D 207 3.24 -10.48 30.82
N VAL D 208 2.77 -11.37 29.94
CA VAL D 208 2.00 -10.96 28.77
C VAL D 208 0.52 -11.26 29.01
N THR D 209 -0.29 -10.19 29.03
CA THR D 209 -1.71 -10.28 29.30
C THR D 209 -2.53 -10.05 28.03
N VAL D 210 -3.43 -11.00 27.75
CA VAL D 210 -4.41 -10.84 26.67
C VAL D 210 -5.80 -11.11 27.25
N LYS D 211 -6.67 -10.10 27.18
CA LYS D 211 -8.06 -10.21 27.62
C LYS D 211 -8.71 -11.45 27.01
N GLY D 212 -9.28 -12.31 27.87
CA GLY D 212 -9.91 -13.56 27.42
C GLY D 212 -8.97 -14.76 27.47
N GLN D 213 -7.66 -14.48 27.47
CA GLN D 213 -6.63 -15.50 27.54
C GLN D 213 -5.98 -15.54 28.93
N PRO D 214 -5.43 -16.70 29.32
CA PRO D 214 -4.63 -16.75 30.55
C PRO D 214 -3.28 -16.05 30.36
N ASP D 215 -2.79 -15.39 31.43
CA ASP D 215 -1.48 -14.73 31.42
C ASP D 215 -0.38 -15.67 30.93
N VAL D 216 0.65 -15.09 30.33
CA VAL D 216 1.87 -15.84 29.99
C VAL D 216 3.03 -15.11 30.64
N VAL D 217 3.80 -15.85 31.44
CA VAL D 217 5.00 -15.29 32.08
C VAL D 217 6.24 -15.74 31.29
N VAL D 218 6.90 -14.79 30.65
CA VAL D 218 8.10 -15.10 29.89
C VAL D 218 9.31 -14.85 30.80
N LYS D 219 10.01 -15.92 31.15
CA LYS D 219 11.07 -15.80 32.15
C LYS D 219 12.48 -16.09 31.63
N GLU D 220 12.59 -16.63 30.42
CA GLU D 220 13.92 -16.87 29.83
C GLU D 220 13.98 -16.56 28.33
N ASP D 221 15.20 -16.45 27.80
CA ASP D 221 15.41 -16.19 26.37
C ASP D 221 14.80 -17.30 25.55
N GLU D 222 14.08 -16.92 24.49
CA GLU D 222 13.30 -17.86 23.67
C GLU D 222 14.13 -18.56 22.58
N GLU D 223 15.05 -17.84 21.96
CA GLU D 223 15.73 -18.31 20.75
C GLU D 223 16.60 -19.58 20.89
N TYR D 224 17.23 -19.75 22.05
CA TYR D 224 18.27 -20.78 22.19
C TYR D 224 17.72 -22.23 22.13
N LYS D 225 16.43 -22.38 22.35
CA LYS D 225 15.75 -23.69 22.29
C LYS D 225 15.33 -24.05 20.86
N ARG D 226 15.31 -23.07 19.97
CA ARG D 226 14.94 -23.27 18.55
C ARG D 226 16.14 -23.69 17.71
N VAL D 227 16.58 -24.93 17.91
CA VAL D 227 17.78 -25.42 17.23
C VAL D 227 17.67 -26.93 17.04
N ASP D 228 18.32 -27.44 15.98
CA ASP D 228 18.48 -28.86 15.73
C ASP D 228 19.89 -29.08 15.20
N PHE D 229 20.77 -29.63 16.05
CA PHE D 229 22.19 -29.79 15.68
C PHE D 229 22.41 -30.69 14.46
N SER D 230 21.56 -31.71 14.29
CA SER D 230 21.65 -32.57 13.11
C SER D 230 21.30 -31.81 11.82
N LYS D 231 20.40 -30.85 11.91
CA LYS D 231 20.01 -30.03 10.74
C LYS D 231 21.09 -29.04 10.29
N VAL D 232 21.85 -28.54 11.27
CA VAL D 232 22.81 -27.45 11.05
C VAL D 232 23.72 -27.59 9.83
N PRO D 233 24.41 -28.74 9.66
CA PRO D 233 25.26 -28.87 8.48
C PRO D 233 24.51 -29.10 7.15
N LYS D 234 23.20 -29.34 7.23
CA LYS D 234 22.38 -29.57 6.05
C LYS D 234 21.87 -28.30 5.39
N LEU D 235 21.66 -27.25 6.20
CA LEU D 235 21.01 -25.99 5.76
C LEU D 235 21.61 -25.33 4.52
N LYS D 236 20.76 -24.64 3.76
CA LYS D 236 21.20 -23.89 2.58
C LYS D 236 21.85 -22.55 2.94
N THR D 237 22.82 -22.14 2.14
CA THR D 237 23.52 -20.85 2.34
C THR D 237 22.72 -19.68 1.77
N VAL D 238 21.94 -19.03 2.62
CA VAL D 238 20.89 -18.08 2.18
C VAL D 238 21.33 -16.74 1.57
N PHE D 239 22.59 -16.34 1.78
CA PHE D 239 23.03 -15.03 1.32
C PHE D 239 23.89 -15.07 0.07
N GLN D 240 24.24 -16.28 -0.35
CA GLN D 240 25.07 -16.51 -1.52
C GLN D 240 24.87 -17.94 -1.99
N LYS D 241 24.39 -18.09 -3.23
CA LYS D 241 24.11 -19.43 -3.78
C LYS D 241 25.40 -20.17 -4.14
N GLU D 242 26.32 -19.47 -4.79
CA GLU D 242 27.61 -20.04 -5.19
C GLU D 242 28.62 -19.95 -4.04
N ASN D 243 29.10 -21.11 -3.58
CA ASN D 243 30.19 -21.21 -2.59
C ASN D 243 30.01 -20.38 -1.31
N GLY D 244 28.83 -20.47 -0.71
CA GLY D 244 28.49 -19.69 0.48
C GLY D 244 28.86 -20.38 1.78
N THR D 245 28.76 -19.65 2.89
CA THR D 245 29.12 -20.18 4.21
C THR D 245 28.08 -19.84 5.28
N VAL D 246 27.39 -18.71 5.11
CA VAL D 246 26.44 -18.22 6.12
C VAL D 246 25.03 -18.81 5.97
N THR D 247 24.46 -19.24 7.09
CA THR D 247 23.13 -19.87 7.12
C THR D 247 22.26 -19.25 8.23
N ALA D 248 20.97 -19.58 8.22
CA ALA D 248 20.06 -19.21 9.29
C ALA D 248 20.59 -19.64 10.66
N ALA D 249 21.17 -20.85 10.74
CA ALA D 249 21.68 -21.41 11.99
C ALA D 249 22.95 -20.70 12.51
N ASN D 250 23.86 -20.34 11.62
CA ASN D 250 25.12 -19.72 12.07
C ASN D 250 25.13 -18.19 12.05
N ALA D 251 24.02 -17.59 11.64
CA ALA D 251 23.79 -16.13 11.74
C ALA D 251 22.88 -15.77 12.91
N SER D 252 22.91 -14.50 13.34
CA SER D 252 21.96 -14.05 14.34
C SER D 252 20.56 -14.04 13.73
N THR D 253 19.57 -13.91 14.58
CA THR D 253 18.17 -13.98 14.18
C THR D 253 17.54 -12.60 14.37
N LEU D 254 16.24 -12.47 14.06
CA LEU D 254 15.48 -11.23 14.30
C LEU D 254 14.71 -11.39 15.61
N ASN D 255 14.75 -10.36 16.46
CA ASN D 255 14.24 -10.49 17.83
C ASN D 255 13.69 -9.21 18.50
N ASP D 256 13.11 -9.38 19.69
CA ASP D 256 12.53 -8.31 20.51
C ASP D 256 13.19 -8.30 21.90
N GLY D 257 13.50 -7.12 22.42
CA GLY D 257 14.09 -7.03 23.77
C GLY D 257 14.52 -5.62 24.16
N ALA D 258 14.76 -5.40 25.46
CA ALA D 258 15.32 -4.13 25.94
C ALA D 258 16.29 -4.35 27.10
N ALA D 259 17.29 -3.47 27.23
CA ALA D 259 18.26 -3.50 28.33
C ALA D 259 18.47 -2.08 28.84
N ALA D 260 18.72 -1.94 30.14
CA ALA D 260 18.97 -0.62 30.73
C ALA D 260 19.99 -0.75 31.86
N LEU D 261 20.87 0.26 31.94
CA LEU D 261 21.88 0.36 32.98
C LEU D 261 21.71 1.67 33.74
N VAL D 262 21.94 1.62 35.05
CA VAL D 262 22.03 2.85 35.85
C VAL D 262 23.50 3.22 36.01
N LEU D 263 23.84 4.42 35.53
CA LEU D 263 25.20 4.92 35.56
C LEU D 263 25.26 6.13 36.48
N MET D 264 26.34 6.25 37.24
CA MET D 264 26.56 7.46 38.03
C MET D 264 28.01 7.80 38.22
N THR D 265 28.30 9.03 38.65
CA THR D 265 29.65 9.39 39.05
C THR D 265 30.01 8.66 40.35
N ALA D 266 31.30 8.48 40.62
CA ALA D 266 31.74 7.85 41.88
C ALA D 266 31.21 8.62 43.09
N ASP D 267 31.22 9.95 42.99
CA ASP D 267 30.70 10.85 44.02
C ASP D 267 29.23 10.62 44.34
N ALA D 268 28.39 10.49 43.31
CA ALA D 268 26.94 10.27 43.51
C ALA D 268 26.63 8.91 44.16
N ALA D 269 27.39 7.89 43.77
CA ALA D 269 27.27 6.56 44.34
C ALA D 269 27.60 6.56 45.84
N LYS D 270 28.58 7.38 46.22
CA LYS D 270 28.90 7.59 47.62
C LYS D 270 27.76 8.31 48.32
N ARG D 271 27.32 9.44 47.75
CA ARG D 271 26.24 10.23 48.33
C ARG D 271 24.97 9.42 48.58
N LEU D 272 24.62 8.55 47.62
CA LEU D 272 23.42 7.71 47.71
C LEU D 272 23.66 6.38 48.40
N ASN D 273 24.88 6.19 48.91
CA ASN D 273 25.29 4.95 49.58
C ASN D 273 24.91 3.67 48.83
N VAL D 274 25.20 3.63 47.54
CA VAL D 274 25.00 2.42 46.75
C VAL D 274 26.34 1.80 46.40
N THR D 275 26.38 0.47 46.33
CA THR D 275 27.59 -0.25 45.97
C THR D 275 27.72 -0.31 44.45
N PRO D 276 28.75 0.34 43.89
CA PRO D 276 28.97 0.28 42.46
C PRO D 276 29.39 -1.13 42.02
N LEU D 277 28.93 -1.55 40.84
CA LEU D 277 29.24 -2.87 40.30
C LEU D 277 30.55 -2.89 39.51
N ALA D 278 30.75 -1.88 38.65
CA ALA D 278 31.91 -1.82 37.79
C ALA D 278 32.26 -0.37 37.49
N ARG D 279 33.49 -0.15 37.08
CA ARG D 279 33.93 1.17 36.64
C ARG D 279 34.02 1.18 35.12
N ILE D 280 33.61 2.27 34.48
CA ILE D 280 33.77 2.38 33.03
C ILE D 280 35.10 3.07 32.76
N VAL D 281 36.03 2.34 32.16
CA VAL D 281 37.42 2.79 32.01
C VAL D 281 37.64 3.60 30.73
N ALA D 282 37.25 3.04 29.59
CA ALA D 282 37.49 3.65 28.29
C ALA D 282 36.54 3.09 27.24
N PHE D 283 36.38 3.81 26.15
CA PHE D 283 35.60 3.35 24.99
C PHE D 283 36.07 4.02 23.71
N ALA D 284 35.71 3.45 22.57
CA ALA D 284 36.11 4.02 21.26
C ALA D 284 35.16 3.60 20.14
N ASP D 285 35.15 4.39 19.07
CA ASP D 285 34.51 4.01 17.81
C ASP D 285 35.54 3.92 16.69
N ALA D 286 35.33 2.98 15.77
CA ALA D 286 36.20 2.80 14.60
C ALA D 286 35.32 2.58 13.38
N ALA D 287 35.82 2.95 12.20
CA ALA D 287 35.10 2.67 10.95
C ALA D 287 36.03 2.29 9.81
N VAL D 288 35.52 1.42 8.94
CA VAL D 288 36.26 0.89 7.78
C VAL D 288 35.33 0.91 6.55
N GLU D 289 35.82 0.42 5.42
CA GLU D 289 34.98 0.24 4.24
C GLU D 289 33.67 -0.49 4.62
N PRO D 290 32.49 0.04 4.20
CA PRO D 290 31.19 -0.52 4.58
C PRO D 290 31.03 -2.05 4.47
N ILE D 291 31.54 -2.66 3.41
CA ILE D 291 31.45 -4.11 3.24
C ILE D 291 32.26 -4.85 4.32
N ASP D 292 33.27 -4.17 4.87
CA ASP D 292 34.18 -4.80 5.84
C ASP D 292 33.81 -4.59 7.31
N PHE D 293 32.55 -4.29 7.61
CA PHE D 293 32.09 -4.12 9.00
C PHE D 293 32.48 -5.26 9.97
N PRO D 294 32.56 -6.53 9.50
CA PRO D 294 32.94 -7.58 10.48
C PRO D 294 34.30 -7.40 11.17
N ILE D 295 35.25 -6.71 10.54
CA ILE D 295 36.57 -6.51 11.16
C ILE D 295 36.72 -5.16 11.89
N ALA D 296 35.73 -4.28 11.76
CA ALA D 296 35.73 -3.01 12.49
C ALA D 296 35.87 -3.14 14.04
N PRO D 297 35.22 -4.15 14.67
CA PRO D 297 35.45 -4.34 16.12
C PRO D 297 36.91 -4.61 16.51
N VAL D 298 37.71 -5.15 15.60
CA VAL D 298 39.13 -5.40 15.86
C VAL D 298 39.86 -4.08 16.17
N TYR D 299 39.66 -3.09 15.29
CA TYR D 299 40.28 -1.78 15.43
C TYR D 299 39.75 -0.98 16.61
N ALA D 300 38.44 -1.09 16.89
CA ALA D 300 37.84 -0.42 18.05
C ALA D 300 38.41 -0.95 19.37
N ALA D 301 38.46 -2.29 19.52
CA ALA D 301 39.08 -2.91 20.69
C ALA D 301 40.56 -2.53 20.83
N SER D 302 41.30 -2.55 19.72
CA SER D 302 42.72 -2.17 19.75
C SER D 302 42.95 -0.73 20.19
N MET D 303 42.07 0.17 19.77
CA MET D 303 42.13 1.57 20.16
C MET D 303 41.97 1.71 21.66
N VAL D 304 41.03 0.93 22.22
CA VAL D 304 40.75 0.97 23.66
C VAL D 304 41.95 0.47 24.49
N LEU D 305 42.50 -0.69 24.09
CA LEU D 305 43.67 -1.25 24.77
C LEU D 305 44.89 -0.32 24.72
N LYS D 306 45.17 0.22 23.54
CA LYS D 306 46.26 1.19 23.36
C LYS D 306 46.07 2.44 24.23
N ASP D 307 44.84 2.93 24.28
CA ASP D 307 44.49 4.13 25.06
C ASP D 307 44.78 3.97 26.54
N VAL D 308 44.45 2.81 27.09
CA VAL D 308 44.57 2.56 28.53
C VAL D 308 45.94 1.96 28.91
N GLY D 309 46.69 1.51 27.91
CA GLY D 309 48.00 0.90 28.13
C GLY D 309 47.94 -0.55 28.57
N LEU D 310 46.86 -1.25 28.20
CA LEU D 310 46.73 -2.66 28.55
C LEU D 310 47.07 -3.54 27.34
N LYS D 311 47.31 -4.82 27.61
CA LYS D 311 47.58 -5.81 26.56
C LYS D 311 46.37 -6.76 26.47
N LYS D 312 46.20 -7.40 25.31
CA LYS D 312 45.05 -8.31 25.11
C LYS D 312 44.96 -9.42 26.17
N GLU D 313 46.13 -9.86 26.66
CA GLU D 313 46.22 -10.92 27.67
C GLU D 313 45.72 -10.45 29.05
N ASP D 314 45.61 -9.14 29.23
CA ASP D 314 45.10 -8.58 30.51
C ASP D 314 43.57 -8.66 30.64
N ILE D 315 42.89 -9.03 29.56
CA ILE D 315 41.41 -9.07 29.53
C ILE D 315 40.91 -10.43 29.99
N ALA D 316 40.09 -10.44 31.04
CA ALA D 316 39.56 -11.70 31.58
C ALA D 316 38.40 -12.27 30.74
N MET D 317 37.60 -11.39 30.13
CA MET D 317 36.37 -11.80 29.45
C MET D 317 36.08 -10.87 28.27
N TRP D 318 35.90 -11.46 27.08
CA TRP D 318 35.50 -10.72 25.87
C TRP D 318 34.03 -10.96 25.53
N GLU D 319 33.30 -9.89 25.18
CA GLU D 319 31.98 -9.99 24.55
C GLU D 319 32.06 -9.34 23.18
N VAL D 320 32.20 -10.17 22.16
CA VAL D 320 32.24 -9.71 20.76
C VAL D 320 30.89 -10.07 20.13
N ASN D 321 30.05 -9.07 19.81
CA ASN D 321 28.66 -9.37 19.40
C ASN D 321 28.55 -10.35 18.24
N GLU D 322 27.72 -11.36 18.43
CA GLU D 322 27.60 -12.47 17.47
C GLU D 322 26.61 -12.12 16.33
N ALA D 323 26.87 -11.01 15.64
CA ALA D 323 26.08 -10.64 14.45
C ALA D 323 26.00 -11.81 13.47
N PHE D 324 27.15 -12.44 13.24
CA PHE D 324 27.28 -13.70 12.52
C PHE D 324 28.42 -14.48 13.20
N SER D 325 28.37 -15.82 13.18
CA SER D 325 29.47 -16.63 13.71
C SER D 325 30.78 -16.18 13.09
N LEU D 326 30.72 -15.93 11.78
CA LEU D 326 31.82 -15.39 11.00
C LEU D 326 32.53 -14.21 11.69
N VAL D 327 31.75 -13.24 12.17
CA VAL D 327 32.32 -12.04 12.79
C VAL D 327 33.18 -12.40 14.01
N VAL D 328 32.69 -13.28 14.88
CA VAL D 328 33.45 -13.63 16.09
C VAL D 328 34.77 -14.33 15.72
N LEU D 329 34.68 -15.28 14.80
CA LEU D 329 35.86 -16.02 14.32
C LEU D 329 36.90 -15.10 13.67
N ALA D 330 36.44 -14.13 12.89
CA ALA D 330 37.32 -13.11 12.28
C ALA D 330 38.07 -12.32 13.34
N ASN D 331 37.36 -11.94 14.42
CA ASN D 331 37.94 -11.21 15.53
C ASN D 331 38.94 -12.05 16.33
N ILE D 332 38.56 -13.29 16.64
CA ILE D 332 39.47 -14.21 17.34
C ILE D 332 40.77 -14.36 16.53
N LYS D 333 40.63 -14.58 15.23
CA LYS D 333 41.77 -14.76 14.33
C LYS D 333 42.70 -13.54 14.28
N MET D 334 42.13 -12.34 14.13
CA MET D 334 42.94 -11.13 13.95
C MET D 334 43.58 -10.66 15.25
N LEU D 335 42.85 -10.79 16.36
CA LEU D 335 43.35 -10.37 17.66
C LEU D 335 44.22 -11.42 18.35
N GLU D 336 44.13 -12.68 17.90
CA GLU D 336 44.88 -13.80 18.48
C GLU D 336 44.57 -13.94 19.96
N ILE D 337 43.29 -14.08 20.26
CA ILE D 337 42.86 -14.21 21.65
C ILE D 337 42.35 -15.60 21.94
N ASP D 338 42.31 -15.92 23.23
CA ASP D 338 41.88 -17.24 23.69
C ASP D 338 40.36 -17.45 23.48
N PRO D 339 39.99 -18.41 22.62
CA PRO D 339 38.56 -18.67 22.36
C PRO D 339 37.75 -19.02 23.61
N GLN D 340 38.40 -19.61 24.61
CA GLN D 340 37.73 -19.92 25.88
C GLN D 340 37.30 -18.68 26.66
N LYS D 341 37.77 -17.49 26.28
CA LYS D 341 37.42 -16.25 27.00
C LYS D 341 36.37 -15.38 26.29
N VAL D 342 35.87 -15.88 25.16
CA VAL D 342 35.01 -15.12 24.26
C VAL D 342 33.57 -15.64 24.28
N ASN D 343 32.62 -14.72 24.51
CA ASN D 343 31.19 -15.03 24.51
C ASN D 343 30.86 -16.28 25.34
N ILE D 344 31.30 -16.23 26.60
CA ILE D 344 31.36 -17.41 27.47
C ILE D 344 30.00 -18.03 27.77
N ASN D 345 28.98 -17.18 27.88
CA ASN D 345 27.64 -17.65 28.19
C ASN D 345 26.68 -17.47 27.02
N GLY D 346 27.20 -17.63 25.82
CA GLY D 346 26.40 -17.53 24.60
C GLY D 346 26.42 -16.12 24.07
N GLY D 347 25.65 -15.88 23.02
CA GLY D 347 25.58 -14.57 22.36
C GLY D 347 24.47 -14.53 21.32
N ALA D 348 24.53 -13.53 20.43
CA ALA D 348 23.43 -13.19 19.51
C ALA D 348 23.03 -14.29 18.53
N VAL D 349 23.95 -15.21 18.21
CA VAL D 349 23.65 -16.30 17.27
C VAL D 349 22.58 -17.24 17.84
N SER D 350 22.60 -17.44 19.16
CA SER D 350 21.65 -18.34 19.82
C SER D 350 20.65 -17.64 20.71
N LEU D 351 21.00 -16.46 21.22
CA LEU D 351 20.08 -15.73 22.08
C LEU D 351 19.22 -14.76 21.29
N GLY D 352 19.68 -14.39 20.09
CA GLY D 352 18.95 -13.44 19.26
C GLY D 352 19.49 -12.02 19.32
N HIS D 353 19.02 -11.17 18.41
CA HIS D 353 19.65 -9.87 18.14
C HIS D 353 18.61 -8.76 17.85
N PRO D 354 17.94 -8.25 18.92
CA PRO D 354 17.13 -7.05 18.78
C PRO D 354 18.13 -5.89 18.63
N ILE D 355 18.27 -5.39 17.41
CA ILE D 355 19.50 -4.68 17.04
C ILE D 355 19.90 -3.51 17.95
N GLY D 356 18.94 -2.64 18.28
CA GLY D 356 19.21 -1.48 19.14
C GLY D 356 19.51 -1.81 20.61
N MET D 357 19.27 -3.08 20.98
CA MET D 357 19.42 -3.52 22.37
C MET D 357 20.77 -4.21 22.64
N SER D 358 21.29 -4.92 21.65
CA SER D 358 22.40 -5.89 21.89
C SER D 358 23.66 -5.27 22.48
N GLY D 359 24.01 -4.07 22.04
CA GLY D 359 25.20 -3.36 22.53
C GLY D 359 25.14 -3.05 24.01
N ALA D 360 23.93 -2.81 24.50
CA ALA D 360 23.69 -2.60 25.93
C ALA D 360 23.67 -3.94 26.69
N ARG D 361 23.06 -4.97 26.10
CA ARG D 361 23.02 -6.29 26.75
C ARG D 361 24.41 -6.83 27.09
N ILE D 362 25.32 -6.78 26.12
CA ILE D 362 26.63 -7.39 26.31
C ILE D 362 27.47 -6.66 27.37
N VAL D 363 27.30 -5.35 27.50
CA VAL D 363 28.01 -4.59 28.54
C VAL D 363 27.42 -4.99 29.91
N GLY D 364 26.09 -5.07 29.96
CA GLY D 364 25.38 -5.50 31.18
C GLY D 364 25.75 -6.91 31.60
N HIS D 365 26.02 -7.77 30.62
CA HIS D 365 26.43 -9.14 30.94
C HIS D 365 27.83 -9.21 31.59
N LEU D 366 28.79 -8.47 31.04
CA LEU D 366 30.13 -8.36 31.65
C LEU D 366 30.05 -7.86 33.09
N THR D 367 29.20 -6.86 33.32
CA THR D 367 29.03 -6.29 34.65
C THR D 367 28.71 -7.37 35.68
N HIS D 368 27.85 -8.32 35.31
CA HIS D 368 27.44 -9.37 36.23
C HIS D 368 28.43 -10.53 36.31
N ALA D 369 29.07 -10.85 35.18
CA ALA D 369 29.85 -12.07 35.09
C ALA D 369 31.32 -11.95 35.54
N LEU D 370 31.89 -10.75 35.40
CA LEU D 370 33.31 -10.55 35.78
C LEU D 370 33.52 -10.79 37.28
N LYS D 371 34.69 -11.32 37.64
CA LYS D 371 35.09 -11.43 39.06
C LYS D 371 35.75 -10.12 39.51
N GLN D 372 35.78 -9.89 40.82
CA GLN D 372 36.36 -8.65 41.38
C GLN D 372 37.77 -8.37 40.85
N GLY D 373 37.97 -7.15 40.34
CA GLY D 373 39.25 -6.71 39.81
C GLY D 373 39.52 -7.04 38.34
N GLU D 374 38.70 -7.89 37.74
CA GLU D 374 38.92 -8.34 36.36
C GLU D 374 38.52 -7.28 35.34
N TYR D 375 39.22 -7.27 34.20
CA TYR D 375 38.83 -6.43 33.07
C TYR D 375 38.00 -7.21 32.05
N GLY D 376 36.94 -6.56 31.53
CA GLY D 376 36.13 -7.10 30.42
C GLY D 376 36.09 -6.13 29.24
N LEU D 377 36.12 -6.66 28.02
CA LEU D 377 36.07 -5.81 26.84
C LEU D 377 34.91 -6.25 25.96
N ALA D 378 33.99 -5.33 25.70
CA ALA D 378 32.85 -5.60 24.81
C ALA D 378 33.00 -4.84 23.50
N SER D 379 32.76 -5.52 22.38
CA SER D 379 32.81 -4.87 21.06
C SER D 379 31.62 -5.26 20.19
N ILE D 380 31.23 -4.36 19.28
CA ILE D 380 30.03 -4.57 18.45
C ILE D 380 30.14 -3.87 17.08
N CYS D 381 29.95 -4.63 16.00
CA CYS D 381 29.95 -4.05 14.65
C CYS D 381 28.60 -3.36 14.35
N ASN D 382 28.57 -2.47 13.38
CA ASN D 382 27.33 -1.85 12.93
C ASN D 382 27.29 -1.60 11.42
N GLY D 383 26.10 -1.70 10.82
CA GLY D 383 25.93 -1.39 9.40
C GLY D 383 26.59 -0.08 8.99
N GLY D 384 27.20 -0.07 7.80
CA GLY D 384 27.89 1.10 7.32
C GLY D 384 29.40 1.03 7.48
N GLY D 385 29.90 0.00 8.17
CA GLY D 385 31.36 -0.19 8.36
C GLY D 385 31.93 0.20 9.72
N GLY D 386 31.05 0.38 10.71
CA GLY D 386 31.49 0.85 12.02
C GLY D 386 31.59 -0.21 13.11
N ALA D 387 32.12 0.20 14.26
CA ALA D 387 32.06 -0.59 15.50
C ALA D 387 32.27 0.32 16.68
N SER D 388 31.71 -0.10 17.82
CA SER D 388 31.95 0.52 19.12
C SER D 388 32.63 -0.52 20.02
N ALA D 389 33.42 -0.04 20.99
CA ALA D 389 34.03 -0.94 21.98
C ALA D 389 34.18 -0.24 23.31
N MET D 390 34.08 -1.00 24.40
CA MET D 390 34.08 -0.47 25.76
C MET D 390 34.87 -1.38 26.70
N LEU D 391 35.70 -0.79 27.56
CA LEU D 391 36.41 -1.53 28.62
C LEU D 391 35.86 -1.21 30.01
N ILE D 392 35.55 -2.23 30.80
CA ILE D 392 35.11 -2.04 32.18
C ILE D 392 35.96 -2.87 33.14
N GLN D 393 36.04 -2.43 34.41
CA GLN D 393 36.71 -3.21 35.44
C GLN D 393 35.73 -3.48 36.59
N LYS D 394 35.60 -4.74 36.98
CA LYS D 394 34.68 -5.14 38.03
C LYS D 394 35.15 -4.63 39.40
N LEU D 395 34.22 -4.05 40.16
CA LEU D 395 34.52 -3.51 41.48
C LEU D 395 34.23 -4.49 42.61
CL CL E . -12.45 -15.15 -26.48
K K F . -25.41 -17.65 8.16
N1A COA G . -24.82 -19.79 14.44
C2A COA G . -24.42 -19.33 15.65
N3A COA G . -23.52 -18.35 15.82
C4A COA G . -22.97 -17.75 14.74
C5A COA G . -23.36 -18.19 13.40
C6A COA G . -24.34 -19.29 13.28
N6A COA G . -24.73 -19.73 12.05
N7A COA G . -22.72 -17.49 12.48
C8A COA G . -21.94 -16.63 13.16
N9A COA G . -22.08 -16.78 14.50
C1B COA G . -21.41 -16.00 15.56
C2B COA G . -19.92 -16.24 15.72
O2B COA G . -19.66 -17.38 16.55
C3B COA G . -19.50 -14.94 16.38
O3B COA G . -19.73 -15.03 17.79
P3B COA G . -18.75 -14.27 18.80
O7A COA G . -19.31 -14.54 20.39
O8A COA G . -18.70 -12.60 18.46
O9A COA G . -17.37 -14.87 18.63
C4B COA G . -20.46 -13.89 15.84
O4B COA G . -21.57 -14.60 15.29
C5B COA G . -19.82 -13.05 14.75
O5B COA G . -19.58 -13.85 13.58
P1A COA G . -18.44 -13.41 12.54
O1A COA G . -17.87 -14.63 11.86
O2A COA G . -17.23 -12.49 13.31
O3A COA G . -19.29 -12.56 11.46
P2A COA G . -19.25 -10.94 11.41
O4A COA G . -19.69 -10.32 12.72
O5A COA G . -17.69 -10.41 11.03
O6A COA G . -20.34 -10.61 10.26
CBP COA G . -21.13 -10.57 7.93
CCP COA G . -20.31 -11.29 9.00
CDP COA G . -22.62 -10.69 8.28
CEP COA G . -20.66 -9.10 7.91
CAP COA G . -20.86 -11.19 6.54
OAP COA G . -21.07 -12.62 6.55
C9P COA G . -21.71 -10.58 5.44
O9P COA G . -21.46 -9.47 5.02
N8P COA G . -22.71 -11.33 4.99
C7P COA G . -23.62 -10.86 3.95
C6P COA G . -23.15 -11.30 2.58
C5P COA G . -23.99 -10.56 1.57
O5P COA G . -24.49 -9.48 1.87
N4P COA G . -24.13 -11.13 0.38
C3P COA G . -24.91 -10.51 -0.69
C2P COA G . -26.41 -10.63 -0.45
S1P COA G . -27.36 -9.26 -1.18
O1 MES H . -17.19 -11.30 6.94
C2 MES H . -17.26 -12.60 7.53
C3 MES H . -15.85 -13.03 7.85
N4 MES H . -15.16 -11.93 8.54
C5 MES H . -15.68 -10.56 8.72
C6 MES H . -16.98 -10.31 7.94
C7 MES H . -13.87 -12.22 9.11
C8 MES H . -12.86 -11.60 8.15
S MES H . -11.44 -12.43 8.21
O1S MES H . -11.73 -13.88 8.08
O2S MES H . -10.56 -11.97 7.11
O3S MES H . -10.76 -12.19 9.51
C1 GOL I . -40.74 -6.05 12.51
O1 GOL I . -42.12 -5.79 12.54
C2 GOL I . -39.99 -4.85 11.96
O2 GOL I . -40.17 -3.75 12.83
C3 GOL I . -38.51 -5.18 11.84
O3 GOL I . -37.72 -4.01 11.90
CL CL J . -30.43 -4.88 -12.50
K K K . 0.02 5.89 -30.45
N1A COA L . 4.61 10.62 -31.87
C2A COA L . 5.87 10.98 -31.53
N3A COA L . 6.46 10.66 -30.37
C4A COA L . 5.80 9.93 -29.44
C5A COA L . 4.43 9.50 -29.74
C6A COA L . 3.83 9.89 -31.04
N6A COA L . 2.55 9.50 -31.35
N7A COA L . 3.94 8.81 -28.72
C8A COA L . 4.93 8.76 -27.80
N9A COA L . 6.02 9.44 -28.22
C1B COA L . 7.28 9.58 -27.47
C2B COA L . 7.20 10.43 -26.23
O2B COA L . 7.42 11.81 -26.53
C3B COA L . 8.32 9.86 -25.41
O3B COA L . 9.53 10.47 -25.84
P3B COA L . 10.74 10.69 -24.81
O7A COA L . 11.93 11.68 -25.55
O8A COA L . 11.37 9.18 -24.39
O9A COA L . 10.18 11.39 -23.59
C4B COA L . 8.40 8.40 -25.80
O4B COA L . 7.66 8.29 -27.02
C5B COA L . 7.75 7.49 -24.74
O5B COA L . 6.39 7.88 -24.59
P1A COA L . 5.57 7.58 -23.24
O1A COA L . 4.41 8.55 -23.16
O2A COA L . 6.57 7.63 -21.86
O3A COA L . 5.02 6.08 -23.51
P2A COA L . 5.56 4.78 -22.72
O4A COA L . 7.04 4.56 -22.90
O5A COA L . 5.10 4.86 -21.09
O6A COA L . 4.75 3.57 -23.43
CBP COA L . 2.79 2.11 -23.59
CCP COA L . 3.32 3.52 -23.30
CDP COA L . 3.13 1.75 -25.03
CEP COA L . 3.44 1.12 -22.63
CAP COA L . 1.27 2.12 -23.37
OAP COA L . 0.67 3.24 -24.03
C9P COA L . 0.62 0.83 -23.82
O9P COA L . 0.77 -0.17 -23.15
N8P COA L . -0.09 0.83 -24.96
C7P COA L . -0.74 -0.37 -25.49
C6P COA L . -2.20 -0.50 -25.03
C5P COA L . -2.70 -1.90 -25.27
O5P COA L . -1.94 -2.87 -25.21
N4P COA L . -4.00 -2.01 -25.54
C3P COA L . -4.65 -3.30 -25.77
C2P COA L . -4.34 -3.82 -27.16
S1P COA L . -4.52 -5.61 -27.31
CL CL M . 29.92 4.32 11.90
K K N . 3.35 29.95 8.43
N1A COA O . -0.41 33.92 4.60
C2A COA O . -1.70 33.98 4.17
N3A COA O . -2.47 32.89 3.96
C4A COA O . -1.98 31.66 4.18
C5A COA O . -0.61 31.53 4.65
C6A COA O . 0.21 32.75 4.87
N6A COA O . 1.49 32.69 5.30
N7A COA O . -0.31 30.24 4.81
C8A COA O . -1.42 29.56 4.48
N9A COA O . -2.41 30.40 4.09
C1B COA O . -3.79 30.00 3.68
C2B COA O . -3.88 29.21 2.40
O2B COA O . -3.92 30.06 1.25
C3B COA O . -5.16 28.44 2.61
O3B COA O . -6.28 29.24 2.24
P3B COA O . -7.60 28.60 1.57
O7A COA O . -8.81 29.80 1.52
O8A COA O . -8.13 27.27 2.49
O9A COA O . -7.22 28.15 0.18
C4B COA O . -5.23 28.21 4.11
O4B COA O . -4.36 29.17 4.70
C5B COA O . -4.78 26.81 4.51
O5B COA O . -3.43 26.64 4.06
P1A COA O . -2.85 25.18 3.73
O1A COA O . -1.63 25.30 2.85
O2A COA O . -4.04 24.17 3.05
O3A COA O . -2.42 24.67 5.20
P2A COA O . -3.22 23.50 6.00
O4A COA O . -4.68 23.83 6.19
O5A COA O . -3.01 22.01 5.21
O6A COA O . -2.46 23.52 7.42
CBP COA O . -0.67 22.74 8.84
CCP COA O . -1.04 23.31 7.48
CDP COA O . -0.96 23.79 9.91
CEP COA O . -1.51 21.48 9.08
CAP COA O . 0.83 22.36 8.86
OAP COA O . 1.62 23.42 8.28
C9P COA O . 1.32 22.02 10.25
O9P COA O . 0.94 21.01 10.81
N8P COA O . 2.16 22.89 10.82
C7P COA O . 2.70 22.72 12.15
C6P COA O . 4.09 22.11 12.13
C5P COA O . 4.46 21.61 13.51
O5P COA O . 3.58 21.36 14.34
N4P COA O . 5.77 21.47 13.75
C3P COA O . 6.29 20.99 15.02
C2P COA O . 6.46 22.14 16.02
S1P COA O . 6.32 21.66 17.75
CL CL P . 12.72 15.45 26.38
K K Q . 20.92 -18.67 14.61
N1A COA R . 19.12 -25.08 14.02
C2A COA R . 18.62 -25.96 13.10
N3A COA R . 17.90 -25.58 12.02
C4A COA R . 17.65 -24.28 11.80
C5A COA R . 18.17 -23.30 12.74
C6A COA R . 18.95 -23.76 13.91
N6A COA R . 19.44 -22.88 14.81
N7A COA R . 17.82 -22.08 12.35
C8A COA R . 17.12 -22.24 11.22
N9A COA R . 17.02 -23.55 10.88
C1B COA R . 16.32 -24.10 9.70
C2B COA R . 14.81 -24.08 9.84
O2B COA R . 14.35 -25.23 10.54
C3B COA R . 14.38 -24.08 8.39
O3B COA R . 14.21 -25.42 7.95
P3B COA R . 13.41 -25.78 6.60
O7A COA R . 13.19 -27.46 6.51
O8A COA R . 14.31 -25.21 5.27
O9A COA R . 12.06 -25.09 6.64
C4B COA R . 15.52 -23.43 7.61
O4B COA R . 16.62 -23.33 8.53
C5B COA R . 15.14 -22.05 7.10
O5B COA R . 15.19 -21.13 8.17
P1A COA R . 14.12 -19.94 8.40
O1A COA R . 13.60 -20.01 9.81
O2A COA R . 12.87 -19.95 7.24
O3A COA R . 15.06 -18.65 8.24
P2A COA R . 15.16 -17.86 6.85
O4A COA R . 15.43 -18.82 5.71
O5A COA R . 13.75 -16.95 6.59
O6A COA R . 16.45 -16.92 7.07
CBP COA R . 17.48 -14.90 7.95
CCP COA R . 16.49 -16.04 8.20
CDP COA R . 18.89 -15.47 7.94
CEP COA R . 17.15 -14.24 6.61
CAP COA R . 17.30 -13.84 9.06
OAP COA R . 17.23 -14.46 10.36
C9P COA R . 18.40 -12.82 9.02
O9P COA R . 18.38 -11.94 8.18
N8P COA R . 19.38 -12.94 9.94
C7P COA R . 20.51 -12.02 10.02
C6P COA R . 20.18 -10.85 10.95
C5P COA R . 21.17 -9.72 10.78
O5P COA R . 21.68 -9.48 9.69
N4P COA R . 21.43 -9.01 11.89
C3P COA R . 22.34 -7.88 11.92
C2P COA R . 23.81 -8.30 11.90
S1P COA R . 24.93 -6.96 11.40
#